data_9N6K
#
_entry.id   9N6K
#
loop_
_entity.id
_entity.type
_entity.pdbx_description
1 polymer 'Histone H4'
2 polymer 'Histone H2A'
3 polymer 'Histone H2B'
4 polymer 'Histone H3.2'
5 polymer 'Chromo domain-containing protein 1'
6 polymer 'DNA Tracking Strand'
7 polymer 'DNA Lagging Strand'
#
loop_
_entity_poly.entity_id
_entity_poly.type
_entity_poly.pdbx_seq_one_letter_code
_entity_poly.pdbx_strand_id
1 'polypeptide(L)'
;AKRHRKVLRDNIQGITKPAIRRLARRGGVKRISGLIYEETRGVLKVFLENVIRDAVTYTEHAKRKTVTAMDVVYALKRQG
RTLYGFGG
;
B,F
2 'polypeptide(L)'
;TRAKAKTRSSRAGLQFPVGRVHRLLRKGNYAERVGAGAPVYLAAVLEYLTAEILELAGNAARDNKKTRIIPRHLQLAVRN
DEELNKLLGRVTIAQGGVLPNIQSVLLPKK
;
C,G
3 'polypeptide(L)'
;TRKESYAIYVYKVLKQVHPDTGISCKAMSIMNSFVNDVFERIAGEASRLAHYNKRSTITSREIQTAVRLLLPGELAKHAV
SEGTKAVTKYTSAK
;
D,H
4 'polypeptide(L)'
;HRYRPGTVALREIRRYQKSTELLIRKLPFQRLVREIAQDFKTDLRFQSSAVMALQEASEAYLVALFEDTNLCAIHAKRVT
IMPKDIQLARRIRGERA
;
E,A
5 'polypeptide(L)'
;KIPTRFSNRQNKTVNYNIDYSDDDLLESEDDYGSEEALSEENVHEASANPQPEDFHGIDIVINHRLKTSLEEGKVLEKTV
PDLNNCKENYEFLIKWTDESHLHNTWETYESIGQVRGLKRLDNYCKQFIIEDQQVRLDPYVTAEDIEIMDMERERRLDEF
EEFHVPERIIDSQRASLEDGTSQLQYLVKWRRLNYDEATWENATDIVKLAPEQVKHFQNRENSKILPQYSSNYTSQRPRF
EKLSVQPPFIKGGELRDFQLTGINWMAFLWSKGDNGILADEMGLGKTVQTVAFISWLIFARRQNGPHIIVVPLSTMPAWL
DTFEKWAPDLNCICYMGNQKSRDTIREYEFYTNPRAKGKKTMKFNVLLTTYEYILKDRAELGSIKWQFMAVDEAHRLKNA
ESSLYESLNSFKVANRMLITGTPLQNNIKELAALVNFLMPGRFTIDQEIDFENQDEEQEEYIHDLHRRIQPFILRRLKKD
VEKSLPSKTERILRVELSDVQTEYYKNILTKNYSALTAGAKGGHFSLLNIMNELKKASNHPYLFDNAEERVLQKFGDGKM
TRENVLRGLIMSSGKMVLLDQLLTRLKKDGHRVLIFSQMVRMLDILGDYLSIKGINFQRLDGTVPSAQRRISIDHFNSPD
SNDFVFLLSTRAGGLGINLMTADTVVIFDSDWNPQADLQAMARAHRIGQKNHVMVYRLVSKDTVEEEVLERARKKMILEY
AIISLGVTDGNKYTKKNEPNAGELSAILKFGAGNMFTATDNQKKGEDGNGDDVLNHAEDHVTTPDLGESHLGGEEFLKQF
EVTDYKADIDWDDIIPEEELKKLQDEEQKRKDEEYVKEQLEMMNRRDNALKKIKNSVNGDGTAANSDSDDDSTSRSSRRR
ARANDMDSIGESEVRALYKAILKFGNLKEILDELIADGTLPVKSFEKYGETYDEMMEAAKDCVHEEEKNRKEILEKLEKH
ATAYRAKLKSGEIKAENQPKDNPLTRLSLKKREKKAVLFNFKGVKSLNAESLLSRVEDLKYLKNLINSNYKDDPLKFSLG
NNTPKPVQNWSSNWTKEEDEKLLIGVFKYGYGSWTQIRDDPFLGITDKIFLNEVHNPVAKKSASSSDTTPTPSKKGKGIT
GSSKKVPGAIHLGRRVDYLLSFLR
;
L,K
6 'polydeoxyribonucleotide'
;(DC)(DC)(DC)(DT)(DA)(DT)(DA)(DC)(DG)(DC)(DG)(DG)(DC)(DC)(DG)(DC)(DC)(DC)(DT)(DG)
(DG)(DA)(DG)(DA)(DA)(DT)(DC)(DC)(DC)(DG)(DG)(DT)(DG)(DC)(DC)(DG)(DA)(DG)(DG)(DC)
(DC)(DG)(DC)(DT)(DC)(DA)(DA)(DT)(DT)(DG)(DG)(DT)(DC)(DG)(DT)(DA)(DG)(DA)(DC)(DA)
(DG)(DC)(DT)(DC)(DT)(DA)(DG)(DC)(DA)(DA)(DC)(DC)(DG)(DC)(DT)(DT)(DA)(DA)(DA)(DC)
(DG)(DC)(DA)(DC)(DG)(DT)(DA)(DC)(DG)(DC)(DG)(DC)(DT)(DG)(DT)(DC)(DC)(DC)(DC)(DC)
(DG)(DC)(DG)(DT)(DT)(DT)(DT)(DA)(DA)(DC)(DC)(DG)(DC)(DC)(DA)(DA)(DG)(DG)(DG)(DG)
(DA)(DT)(DT)(DA)(DC)(DT)(DC)(DC)(DC)(DT)(DA)(DG)(DT)(DC)(DT)(DC)(DC)(DA)(DG)(DG)
(DC)(DA)(DC)(DG)(DT)(DG)(DT)(DC)(DA)(DG)(DA)(DT)(DA)(DT)(DA)(DT)(DA)(DC)(DA)(DT)
(DC)(DC)
;
I
7 'polydeoxyribonucleotide'
;(DG)(DG)(DA)(DT)(DG)(DT)(DA)(DT)(DA)(DT)(DA)(DT)(DC)(DT)(DG)(DA)(DC)(DA)(DC)(DG)
(DT)(DG)(DC)(DC)(DT)(DG)(DG)(DA)(DG)(DA)(DC)(DT)(DA)(DG)(DG)(DG)(DA)(DG)(DT)(DA)
(DA)(DT)(DC)(DC)(DC)(DC)(DT)(DT)(DG)(DG)(DC)(DG)(DG)(DT)(DT)(DA)(DA)(DA)(DA)(DC)
(DG)(DC)(DG)(DG)(DG)(DG)(DG)(DA)(DC)(DA)(DG)(DC)(DG)(DC)(DG)(DT)(DA)(DC)(DG)(DT)
(DG)(DC)(DG)(DT)(DT)(DT)(DA)(DA)(DG)(DC)(DG)(DG)(DT)(DT)(DG)(DC)(DT)(DA)(DG)(DA)
(DG)(DC)(DT)(DG)(DT)(DC)(DT)(DA)(DC)(DG)(DA)(DC)(DC)(DA)(DA)(DT)(DT)(DG)(DA)(DG)
(DC)(DG)(DG)(DC)(DC)(DT)(DC)(DG)(DG)(DC)(DA)(DC)(DC)(DG)(DG)(DG)(DA)(DT)(DT)(DC)
(DT)(DC)(DC)(DA)(DG)(DG)(DG)(DC)(DG)(DG)(DC)(DC)(DG)(DC)(DG)(DA)(DA)(DA)(DA)(DG)
(DG)(DG)
;
J
#
loop_
_chem_comp.id
_chem_comp.type
_chem_comp.name
_chem_comp.formula
DA DNA linking 2'-DEOXYADENOSINE-5'-MONOPHOSPHATE 'C10 H14 N5 O6 P'
DC DNA linking 2'-DEOXYCYTIDINE-5'-MONOPHOSPHATE 'C9 H14 N3 O7 P'
DG DNA linking 2'-DEOXYGUANOSINE-5'-MONOPHOSPHATE 'C10 H14 N5 O7 P'
DT DNA linking THYMIDINE-5'-MONOPHOSPHATE 'C10 H15 N2 O8 P'
#
# COMPACT_ATOMS: atom_id res chain seq x y z
N ALA A 1 39.72 -16.78 -23.30
CA ALA A 1 39.67 -15.48 -22.65
C ALA A 1 38.97 -15.57 -21.30
N LYS A 2 39.74 -15.40 -20.23
CA LYS A 2 39.18 -15.45 -18.88
C LYS A 2 38.83 -14.07 -18.35
N ARG A 3 38.81 -13.06 -19.21
CA ARG A 3 38.58 -11.69 -18.77
C ARG A 3 37.10 -11.45 -18.46
N HIS A 4 36.85 -10.96 -17.26
CA HIS A 4 35.52 -10.52 -16.86
C HIS A 4 35.69 -9.43 -15.81
N ARG A 5 34.64 -8.65 -15.61
CA ARG A 5 34.68 -7.53 -14.68
C ARG A 5 34.30 -7.98 -13.27
N LYS A 6 34.77 -7.24 -12.28
CA LYS A 6 34.41 -7.53 -10.90
C LYS A 6 32.98 -7.10 -10.57
N VAL A 7 32.56 -5.94 -11.08
CA VAL A 7 31.22 -5.45 -10.79
C VAL A 7 30.21 -6.11 -11.71
N LEU A 8 29.16 -6.67 -11.12
CA LEU A 8 28.08 -7.33 -11.84
C LEU A 8 26.95 -6.33 -12.06
N ARG A 9 26.36 -6.36 -13.25
CA ARG A 9 25.31 -5.41 -13.61
C ARG A 9 23.96 -6.04 -13.87
N ASP A 10 23.86 -7.36 -13.95
CA ASP A 10 22.60 -8.03 -14.25
C ASP A 10 21.89 -8.54 -12.99
N ASN A 11 22.07 -7.84 -11.87
CA ASN A 11 21.44 -8.25 -10.63
C ASN A 11 19.94 -7.95 -10.60
N ILE A 12 19.44 -7.12 -11.52
CA ILE A 12 18.00 -6.98 -11.67
C ILE A 12 17.40 -8.27 -12.23
N GLN A 13 18.17 -9.04 -13.01
CA GLN A 13 17.78 -10.40 -13.36
C GLN A 13 17.99 -11.39 -12.22
N GLY A 14 18.61 -10.96 -11.12
CA GLY A 14 18.68 -11.78 -9.93
C GLY A 14 17.35 -11.97 -9.24
N ILE A 15 16.40 -11.06 -9.47
CA ILE A 15 15.01 -11.28 -9.10
C ILE A 15 14.42 -12.20 -10.16
N THR A 16 14.43 -13.50 -9.89
CA THR A 16 14.19 -14.50 -10.91
C THR A 16 12.71 -14.61 -11.25
N LYS A 17 12.44 -15.37 -12.31
CA LYS A 17 11.06 -15.67 -12.70
C LYS A 17 10.24 -16.39 -11.63
N PRO A 18 10.71 -17.46 -10.95
CA PRO A 18 9.86 -18.05 -9.89
C PRO A 18 9.68 -17.16 -8.68
N ALA A 19 10.59 -16.21 -8.42
CA ALA A 19 10.38 -15.25 -7.34
C ALA A 19 9.20 -14.33 -7.63
N ILE A 20 9.11 -13.84 -8.87
CA ILE A 20 7.98 -13.00 -9.28
C ILE A 20 6.70 -13.82 -9.32
N ARG A 21 6.80 -15.10 -9.71
CA ARG A 21 5.63 -15.97 -9.67
C ARG A 21 5.15 -16.22 -8.24
N ARG A 22 6.08 -16.38 -7.29
CA ARG A 22 5.70 -16.52 -5.89
C ARG A 22 5.08 -15.25 -5.35
N LEU A 23 5.59 -14.08 -5.79
CA LEU A 23 5.01 -12.80 -5.41
C LEU A 23 3.59 -12.67 -5.90
N ALA A 24 3.33 -13.10 -7.14
CA ALA A 24 1.98 -13.03 -7.68
C ALA A 24 1.07 -14.08 -7.04
N ARG A 25 1.63 -15.23 -6.63
CA ARG A 25 0.83 -16.22 -5.90
C ARG A 25 0.42 -15.69 -4.54
N ARG A 26 1.31 -14.96 -3.86
CA ARG A 26 0.90 -14.27 -2.64
C ARG A 26 -0.10 -13.17 -2.93
N GLY A 27 -0.01 -12.53 -4.10
CA GLY A 27 -0.99 -11.55 -4.50
C GLY A 27 -2.30 -12.11 -5.01
N GLY A 28 -2.40 -13.44 -5.16
CA GLY A 28 -3.63 -14.05 -5.60
C GLY A 28 -3.82 -14.07 -7.10
N VAL A 29 -2.74 -14.24 -7.86
CA VAL A 29 -2.78 -14.24 -9.32
C VAL A 29 -2.72 -15.68 -9.81
N LYS A 30 -3.67 -16.07 -10.65
CA LYS A 30 -3.75 -17.43 -11.14
C LYS A 30 -2.86 -17.64 -12.36
N ARG A 31 -2.94 -16.75 -13.34
CA ARG A 31 -2.22 -16.90 -14.60
C ARG A 31 -1.35 -15.68 -14.86
N ILE A 32 -0.14 -15.91 -15.37
CA ILE A 32 0.88 -14.88 -15.53
C ILE A 32 1.32 -14.88 -17.00
N SER A 33 1.29 -13.71 -17.63
CA SER A 33 1.82 -13.63 -18.99
C SER A 33 3.34 -13.54 -18.97
N GLY A 34 3.94 -13.80 -20.13
CA GLY A 34 5.40 -13.86 -20.22
C GLY A 34 6.08 -12.51 -20.17
N LEU A 35 5.36 -11.43 -20.40
CA LEU A 35 5.92 -10.09 -20.38
C LEU A 35 5.82 -9.41 -19.03
N ILE A 36 5.34 -10.14 -18.02
CA ILE A 36 5.12 -9.58 -16.69
C ILE A 36 6.44 -9.28 -16.00
N TYR A 37 7.44 -10.15 -16.18
CA TYR A 37 8.62 -10.16 -15.33
C TYR A 37 9.52 -8.95 -15.57
N GLU A 38 9.66 -8.52 -16.82
CA GLU A 38 10.48 -7.33 -17.11
C GLU A 38 9.83 -6.06 -16.55
N GLU A 39 8.50 -5.97 -16.66
CA GLU A 39 7.78 -4.84 -16.08
C GLU A 39 7.89 -4.83 -14.57
N THR A 40 7.81 -6.01 -13.94
CA THR A 40 7.96 -6.11 -12.49
C THR A 40 9.37 -5.74 -12.05
N ARG A 41 10.38 -6.13 -12.83
CA ARG A 41 11.76 -5.76 -12.54
C ARG A 41 11.97 -4.25 -12.65
N GLY A 42 11.37 -3.62 -13.66
CA GLY A 42 11.46 -2.17 -13.80
C GLY A 42 10.76 -1.43 -12.67
N VAL A 43 9.59 -1.91 -12.26
CA VAL A 43 8.85 -1.30 -11.16
C VAL A 43 9.61 -1.45 -9.85
N LEU A 44 10.20 -2.63 -9.61
CA LEU A 44 11.01 -2.84 -8.42
C LEU A 44 12.25 -1.96 -8.42
N LYS A 45 12.87 -1.78 -9.59
CA LYS A 45 14.03 -0.89 -9.69
C LYS A 45 13.67 0.56 -9.38
N VAL A 46 12.51 1.02 -9.87
CA VAL A 46 12.08 2.40 -9.64
C VAL A 46 11.78 2.63 -8.15
N PHE A 47 11.04 1.70 -7.54
CA PHE A 47 10.70 1.80 -6.12
C PHE A 47 11.96 1.73 -5.24
N LEU A 48 12.87 0.82 -5.57
CA LEU A 48 14.10 0.67 -4.80
C LEU A 48 14.99 1.89 -4.93
N GLU A 49 15.08 2.48 -6.12
CA GLU A 49 15.97 3.64 -6.27
C GLU A 49 15.38 4.87 -5.58
N ASN A 50 14.04 4.97 -5.53
CA ASN A 50 13.40 6.05 -4.77
C ASN A 50 13.69 5.92 -3.27
N VAL A 51 13.47 4.72 -2.72
CA VAL A 51 13.66 4.52 -1.27
C VAL A 51 15.14 4.64 -0.91
N ILE A 52 16.04 4.08 -1.73
CA ILE A 52 17.46 4.12 -1.44
C ILE A 52 18.03 5.53 -1.58
N ARG A 53 17.53 6.33 -2.53
CA ARG A 53 17.96 7.71 -2.64
C ARG A 53 17.59 8.52 -1.41
N ASP A 54 16.37 8.32 -0.89
CA ASP A 54 15.96 9.01 0.33
C ASP A 54 16.76 8.52 1.54
N ALA A 55 17.06 7.21 1.60
CA ALA A 55 17.86 6.68 2.70
C ALA A 55 19.29 7.20 2.67
N VAL A 56 19.86 7.37 1.47
CA VAL A 56 21.21 7.90 1.33
C VAL A 56 21.25 9.37 1.73
N THR A 57 20.19 10.12 1.39
CA THR A 57 20.09 11.51 1.85
C THR A 57 19.98 11.60 3.37
N TYR A 58 19.18 10.71 3.97
CA TYR A 58 19.09 10.65 5.43
C TYR A 58 20.41 10.25 6.07
N THR A 59 21.18 9.38 5.41
CA THR A 59 22.48 8.97 5.95
C THR A 59 23.49 10.11 5.89
N GLU A 60 23.58 10.81 4.75
CA GLU A 60 24.53 11.90 4.63
C GLU A 60 24.10 13.19 5.31
N HIS A 61 22.87 13.28 5.80
CA HIS A 61 22.63 14.32 6.79
C HIS A 61 23.38 14.04 8.09
N ALA A 62 23.52 12.77 8.44
CA ALA A 62 24.18 12.36 9.67
C ALA A 62 25.69 12.23 9.53
N LYS A 63 26.23 12.55 8.34
CA LYS A 63 27.66 12.46 8.02
C LYS A 63 28.19 11.04 8.22
N ARG A 64 27.48 10.08 7.66
CA ARG A 64 27.82 8.67 7.82
C ARG A 64 27.98 8.01 6.46
N LYS A 65 28.70 6.89 6.44
CA LYS A 65 28.84 6.06 5.26
C LYS A 65 28.00 4.79 5.34
N THR A 66 27.45 4.47 6.50
CA THR A 66 26.69 3.25 6.71
C THR A 66 25.20 3.57 6.72
N VAL A 67 24.45 2.88 5.86
CA VAL A 67 23.01 3.03 5.79
C VAL A 67 22.39 2.15 6.86
N THR A 68 21.89 2.76 7.93
CA THR A 68 21.27 2.01 9.00
C THR A 68 19.83 1.66 8.62
N ALA A 69 19.21 0.80 9.45
CA ALA A 69 17.83 0.42 9.21
C ALA A 69 16.87 1.56 9.55
N MET A 70 17.27 2.44 10.47
CA MET A 70 16.40 3.54 10.86
C MET A 70 16.28 4.56 9.74
N ASP A 71 17.33 4.74 8.95
CA ASP A 71 17.27 5.61 7.77
C ASP A 71 16.30 5.06 6.73
N VAL A 72 16.30 3.74 6.55
CA VAL A 72 15.34 3.10 5.64
C VAL A 72 13.93 3.25 6.17
N VAL A 73 13.75 3.15 7.48
CA VAL A 73 12.44 3.35 8.11
C VAL A 73 11.94 4.77 7.89
N TYR A 74 12.83 5.76 8.05
CA TYR A 74 12.44 7.16 7.83
C TYR A 74 12.14 7.44 6.36
N ALA A 75 12.94 6.84 5.46
CA ALA A 75 12.73 7.01 4.02
C ALA A 75 11.40 6.40 3.58
N LEU A 76 11.03 5.26 4.15
CA LEU A 76 9.71 4.70 3.87
C LEU A 76 8.61 5.50 4.53
N LYS A 77 8.90 6.12 5.68
CA LYS A 77 7.90 6.87 6.41
C LYS A 77 7.55 8.17 5.69
N ARG A 78 8.51 8.80 5.02
CA ARG A 78 8.24 10.08 4.38
C ARG A 78 7.32 9.93 3.17
N GLN A 79 7.46 8.84 2.42
CA GLN A 79 6.65 8.58 1.24
C GLN A 79 5.28 8.00 1.57
N GLY A 80 4.97 7.79 2.84
CA GLY A 80 3.72 7.15 3.21
C GLY A 80 3.70 5.66 3.02
N ARG A 81 4.78 4.98 3.38
CA ARG A 81 4.87 3.51 3.34
C ARG A 81 5.51 3.03 4.63
N THR A 82 4.97 3.51 5.76
CA THR A 82 5.55 3.28 7.08
C THR A 82 5.61 1.80 7.42
N LEU A 83 6.75 1.38 7.97
CA LEU A 83 7.05 -0.02 8.22
C LEU A 83 7.27 -0.23 9.71
N TYR A 84 6.65 -1.27 10.26
CA TYR A 84 6.80 -1.62 11.66
C TYR A 84 7.79 -2.78 11.80
N GLY A 85 8.35 -2.92 12.98
CA GLY A 85 9.28 -4.00 13.27
C GLY A 85 10.74 -3.64 13.23
N PHE A 86 11.08 -2.39 12.94
CA PHE A 86 12.48 -1.96 12.93
C PHE A 86 12.70 -0.65 13.68
N GLY A 87 11.62 0.06 14.03
CA GLY A 87 11.74 1.30 14.76
C GLY A 87 11.92 1.10 16.26
N GLY A 88 13.08 0.56 16.63
CA GLY A 88 13.39 0.31 18.03
C GLY A 88 13.82 -1.12 18.30
N THR B 1 26.80 54.69 16.28
CA THR B 1 27.27 54.32 14.96
C THR B 1 26.43 53.19 14.37
N ARG B 2 25.11 53.28 14.55
CA ARG B 2 24.20 52.29 14.03
C ARG B 2 23.93 52.51 12.55
N ALA B 3 24.75 51.90 11.69
CA ALA B 3 24.84 52.28 10.29
C ALA B 3 23.63 51.83 9.48
N LYS B 4 22.63 52.72 9.41
CA LYS B 4 21.56 52.75 8.42
C LYS B 4 20.67 51.50 8.38
N ALA B 5 20.79 50.62 9.39
CA ALA B 5 19.96 49.42 9.58
C ALA B 5 19.86 48.55 8.32
N LYS B 6 20.98 47.97 7.93
CA LYS B 6 21.06 47.19 6.70
C LYS B 6 20.31 45.87 6.88
N THR B 7 19.35 45.62 5.98
CA THR B 7 18.48 44.47 6.12
C THR B 7 19.18 43.18 5.70
N ARG B 8 18.67 42.06 6.22
CA ARG B 8 19.28 40.76 5.93
C ARG B 8 18.95 40.28 4.52
N SER B 9 17.78 40.67 3.98
CA SER B 9 17.43 40.26 2.62
C SER B 9 18.29 40.97 1.59
N SER B 10 18.61 42.24 1.83
CA SER B 10 19.51 42.96 0.94
C SER B 10 20.95 42.48 1.09
N ARG B 11 21.33 42.04 2.30
CA ARG B 11 22.65 41.44 2.48
C ARG B 11 22.75 40.11 1.75
N ALA B 12 21.68 39.32 1.77
CA ALA B 12 21.67 38.01 1.12
C ALA B 12 21.36 38.09 -0.36
N GLY B 13 21.05 39.28 -0.89
CA GLY B 13 20.70 39.44 -2.28
C GLY B 13 19.40 38.76 -2.64
N LEU B 14 18.44 38.76 -1.73
CA LEU B 14 17.16 38.13 -1.93
C LEU B 14 16.06 39.18 -1.88
N GLN B 15 14.89 38.82 -2.41
CA GLN B 15 13.71 39.66 -2.26
C GLN B 15 12.77 39.17 -1.16
N PHE B 16 12.77 37.88 -0.86
CA PHE B 16 11.92 37.35 0.21
C PHE B 16 12.48 37.76 1.57
N PRO B 17 11.61 38.03 2.56
CA PRO B 17 12.10 38.58 3.84
C PRO B 17 12.78 37.52 4.69
N VAL B 18 14.07 37.72 4.95
CA VAL B 18 14.83 36.78 5.77
C VAL B 18 14.41 36.85 7.23
N GLY B 19 14.24 38.06 7.77
CA GLY B 19 13.88 38.22 9.17
C GLY B 19 12.50 37.71 9.48
N ARG B 20 11.58 37.82 8.53
CA ARG B 20 10.23 37.31 8.72
C ARG B 20 10.21 35.79 8.69
N VAL B 21 11.04 35.17 7.84
CA VAL B 21 11.21 33.72 7.85
C VAL B 21 11.84 33.27 9.16
N HIS B 22 12.78 34.05 9.69
CA HIS B 22 13.38 33.76 10.99
C HIS B 22 12.36 33.85 12.12
N ARG B 23 11.47 34.85 12.07
CA ARG B 23 10.43 34.98 13.08
C ARG B 23 9.41 33.85 12.98
N LEU B 24 9.09 33.41 11.76
CA LEU B 24 8.15 32.31 11.61
C LEU B 24 8.77 30.98 11.98
N LEU B 25 10.09 30.84 11.83
CA LEU B 25 10.77 29.63 12.27
C LEU B 25 10.91 29.59 13.78
N ARG B 26 11.11 30.75 14.41
CA ARG B 26 11.26 30.80 15.86
C ARG B 26 9.92 30.58 16.55
N LYS B 27 8.83 31.09 15.97
CA LYS B 27 7.50 30.95 16.56
C LYS B 27 6.72 29.77 16.01
N GLY B 28 7.29 29.02 15.08
CA GLY B 28 6.59 27.92 14.46
C GLY B 28 6.67 26.59 15.18
N ASN B 29 7.35 26.55 16.33
CA ASN B 29 7.52 25.36 17.17
C ASN B 29 8.17 24.21 16.40
N TYR B 30 9.32 24.50 15.80
CA TYR B 30 10.12 23.51 15.10
C TYR B 30 11.34 23.08 15.89
N ALA B 31 12.13 24.05 16.36
CA ALA B 31 13.21 23.80 17.30
C ALA B 31 13.37 25.06 18.14
N GLU B 32 13.97 24.90 19.32
CA GLU B 32 14.11 26.05 20.20
C GLU B 32 15.33 26.90 19.83
N ARG B 33 16.16 26.40 18.93
CA ARG B 33 17.25 27.20 18.37
C ARG B 33 17.18 27.16 16.84
N VAL B 34 17.41 28.32 16.23
CA VAL B 34 17.41 28.47 14.78
C VAL B 34 18.72 29.15 14.39
N GLY B 35 19.46 28.54 13.46
CA GLY B 35 20.72 29.08 13.02
C GLY B 35 20.55 30.34 12.17
N ALA B 36 21.68 31.00 11.93
CA ALA B 36 21.67 32.26 11.20
C ALA B 36 21.44 32.06 9.71
N GLY B 37 22.08 31.06 9.11
CA GLY B 37 21.97 30.87 7.68
C GLY B 37 20.74 30.12 7.21
N ALA B 38 20.01 29.48 8.13
CA ALA B 38 18.80 28.76 7.76
C ALA B 38 17.68 29.65 7.21
N PRO B 39 17.33 30.82 7.79
CA PRO B 39 16.31 31.65 7.11
C PRO B 39 16.78 32.22 5.79
N VAL B 40 18.07 32.51 5.64
CA VAL B 40 18.61 32.97 4.36
C VAL B 40 18.44 31.90 3.30
N TYR B 41 18.79 30.65 3.66
CA TYR B 41 18.73 29.54 2.71
C TYR B 41 17.28 29.22 2.35
N LEU B 42 16.39 29.24 3.34
CA LEU B 42 14.98 28.94 3.10
C LEU B 42 14.30 30.04 2.29
N ALA B 43 14.66 31.30 2.54
CA ALA B 43 14.11 32.40 1.75
C ALA B 43 14.58 32.33 0.31
N ALA B 44 15.84 31.94 0.09
CA ALA B 44 16.34 31.78 -1.27
C ALA B 44 15.65 30.63 -2.00
N VAL B 45 15.39 29.53 -1.29
CA VAL B 45 14.69 28.39 -1.89
C VAL B 45 13.25 28.77 -2.26
N LEU B 46 12.55 29.46 -1.34
CA LEU B 46 11.18 29.91 -1.62
C LEU B 46 11.13 30.90 -2.76
N GLU B 47 12.12 31.82 -2.82
CA GLU B 47 12.22 32.76 -3.93
C GLU B 47 12.46 32.06 -5.25
N TYR B 48 13.31 31.03 -5.26
CA TYR B 48 13.57 30.31 -6.50
C TYR B 48 12.33 29.57 -6.99
N LEU B 49 11.60 28.91 -6.09
CA LEU B 49 10.40 28.19 -6.48
C LEU B 49 9.32 29.14 -6.98
N THR B 50 9.15 30.27 -6.30
CA THR B 50 8.20 31.30 -6.72
C THR B 50 8.58 31.87 -8.09
N ALA B 51 9.87 32.08 -8.32
CA ALA B 51 10.34 32.61 -9.60
C ALA B 51 10.12 31.63 -10.74
N GLU B 52 10.34 30.33 -10.48
CA GLU B 52 10.14 29.32 -11.51
C GLU B 52 8.66 29.22 -11.91
N ILE B 53 7.77 29.17 -10.92
CA ILE B 53 6.35 29.07 -11.25
C ILE B 53 5.83 30.37 -11.87
N LEU B 54 6.33 31.52 -11.43
CA LEU B 54 5.88 32.79 -12.00
C LEU B 54 6.39 32.97 -13.43
N GLU B 55 7.58 32.49 -13.74
CA GLU B 55 8.08 32.54 -15.11
C GLU B 55 7.26 31.66 -16.04
N LEU B 56 6.95 30.43 -15.61
CA LEU B 56 6.14 29.56 -16.44
C LEU B 56 4.69 30.06 -16.57
N ALA B 57 4.16 30.68 -15.51
CA ALA B 57 2.82 31.24 -15.58
C ALA B 57 2.78 32.47 -16.48
N GLY B 58 3.84 33.28 -16.48
CA GLY B 58 3.91 34.39 -17.41
C GLY B 58 4.02 33.93 -18.85
N ASN B 59 4.76 32.84 -19.09
CA ASN B 59 4.81 32.25 -20.42
C ASN B 59 3.44 31.72 -20.85
N ALA B 60 2.72 31.09 -19.92
CA ALA B 60 1.39 30.57 -20.21
C ALA B 60 0.39 31.69 -20.47
N ALA B 61 0.53 32.82 -19.77
CA ALA B 61 -0.32 33.98 -20.06
C ALA B 61 0.05 34.62 -21.39
N ARG B 62 1.33 34.58 -21.76
CA ARG B 62 1.77 35.14 -23.03
C ARG B 62 1.26 34.31 -24.21
N ASP B 63 1.23 32.98 -24.07
CA ASP B 63 0.71 32.15 -25.14
C ASP B 63 -0.81 32.21 -25.25
N ASN B 64 -1.50 32.71 -24.22
CA ASN B 64 -2.95 32.86 -24.26
C ASN B 64 -3.37 34.30 -24.50
N LYS B 65 -2.43 35.15 -24.93
CA LYS B 65 -2.66 36.56 -25.27
C LYS B 65 -3.22 37.35 -24.07
N LYS B 66 -2.64 37.11 -22.90
CA LYS B 66 -3.05 37.78 -21.68
C LYS B 66 -1.85 38.44 -21.03
N THR B 67 -2.09 39.60 -20.42
CA THR B 67 -1.07 40.33 -19.68
C THR B 67 -1.26 40.25 -18.17
N ARG B 68 -2.18 39.40 -17.71
CA ARG B 68 -2.51 39.28 -16.30
C ARG B 68 -2.65 37.81 -15.97
N ILE B 69 -1.92 37.36 -14.95
CA ILE B 69 -1.88 35.93 -14.62
C ILE B 69 -3.14 35.56 -13.85
N ILE B 70 -3.89 34.59 -14.37
CA ILE B 70 -5.11 34.09 -13.74
C ILE B 70 -4.78 32.71 -13.17
N PRO B 71 -5.64 32.12 -12.32
CA PRO B 71 -5.37 30.74 -11.84
C PRO B 71 -5.27 29.68 -12.92
N ARG B 72 -5.90 29.88 -14.08
CA ARG B 72 -5.77 28.92 -15.19
C ARG B 72 -4.34 28.87 -15.71
N HIS B 73 -3.67 30.02 -15.78
CA HIS B 73 -2.28 30.04 -16.21
C HIS B 73 -1.36 29.35 -15.20
N LEU B 74 -1.63 29.52 -13.91
CA LEU B 74 -0.88 28.82 -12.87
C LEU B 74 -1.10 27.31 -12.95
N GLN B 75 -2.34 26.90 -13.20
CA GLN B 75 -2.63 25.47 -13.34
C GLN B 75 -1.93 24.87 -14.56
N LEU B 76 -1.95 25.59 -15.69
CA LEU B 76 -1.26 25.11 -16.89
C LEU B 76 0.24 25.03 -16.67
N ALA B 77 0.81 26.04 -16.00
CA ALA B 77 2.24 26.06 -15.73
C ALA B 77 2.66 24.93 -14.79
N VAL B 78 1.84 24.64 -13.78
CA VAL B 78 2.16 23.57 -12.84
C VAL B 78 2.02 22.21 -13.50
N ARG B 79 0.92 21.98 -14.21
CA ARG B 79 0.64 20.65 -14.74
C ARG B 79 1.47 20.32 -15.97
N ASN B 80 1.86 21.32 -16.78
CA ASN B 80 2.66 21.02 -17.95
C ASN B 80 4.14 20.82 -17.64
N ASP B 81 4.59 21.20 -16.45
CA ASP B 81 5.96 20.94 -16.02
C ASP B 81 5.95 19.75 -15.08
N GLU B 82 6.64 18.67 -15.47
CA GLU B 82 6.51 17.39 -14.79
C GLU B 82 7.14 17.39 -13.40
N GLU B 83 8.17 18.18 -13.16
CA GLU B 83 8.75 18.27 -11.83
C GLU B 83 7.86 19.05 -10.89
N LEU B 84 7.26 20.13 -11.36
CA LEU B 84 6.22 20.81 -10.60
C LEU B 84 4.93 19.99 -10.52
N ASN B 85 4.68 19.13 -11.50
CA ASN B 85 3.52 18.26 -11.45
C ASN B 85 3.65 17.19 -10.39
N LYS B 86 4.86 16.68 -10.16
CA LYS B 86 5.05 15.74 -9.06
C LYS B 86 5.50 16.42 -7.78
N LEU B 87 5.64 17.75 -7.78
CA LEU B 87 5.76 18.48 -6.52
C LEU B 87 4.39 18.81 -5.96
N LEU B 88 3.44 19.16 -6.81
CA LEU B 88 2.10 19.55 -6.40
C LEU B 88 1.03 18.63 -6.99
N GLY B 89 1.32 17.33 -7.03
CA GLY B 89 0.33 16.38 -7.53
C GLY B 89 -0.80 16.11 -6.58
N ARG B 90 -0.59 16.39 -5.30
CA ARG B 90 -1.60 16.19 -4.25
C ARG B 90 -2.18 17.55 -3.83
N VAL B 91 -2.19 18.50 -4.75
CA VAL B 91 -2.54 19.89 -4.48
C VAL B 91 -3.64 20.32 -5.43
N THR B 92 -4.72 20.86 -4.89
CA THR B 92 -5.81 21.41 -5.69
C THR B 92 -5.64 22.91 -5.86
N ILE B 93 -5.75 23.38 -7.10
CA ILE B 93 -5.74 24.81 -7.41
C ILE B 93 -7.16 25.19 -7.80
N ALA B 94 -7.74 26.13 -7.06
CA ALA B 94 -9.11 26.55 -7.32
C ALA B 94 -9.18 27.41 -8.57
N GLN B 95 -10.26 27.23 -9.34
CA GLN B 95 -10.51 27.90 -10.62
C GLN B 95 -9.37 27.65 -11.61
N GLY B 96 -8.85 26.43 -11.61
CA GLY B 96 -7.73 26.08 -12.45
C GLY B 96 -8.10 25.17 -13.59
N GLY B 97 -9.13 24.35 -13.40
CA GLY B 97 -9.52 23.44 -14.45
C GLY B 97 -8.55 22.27 -14.57
N VAL B 98 -8.55 21.67 -15.77
CA VAL B 98 -7.70 20.52 -16.07
C VAL B 98 -6.96 20.78 -17.37
N LEU B 99 -5.96 19.96 -17.63
CA LEU B 99 -5.26 19.99 -18.91
C LEU B 99 -6.19 19.48 -20.01
N PRO B 100 -6.18 20.10 -21.19
CA PRO B 100 -6.96 19.55 -22.30
C PRO B 100 -6.33 18.28 -22.83
N ASN B 101 -6.94 17.14 -22.54
CA ASN B 101 -6.39 15.84 -22.90
C ASN B 101 -7.52 14.91 -23.28
N ILE B 102 -7.46 14.37 -24.49
CA ILE B 102 -8.44 13.42 -25.01
C ILE B 102 -7.72 12.12 -25.32
N GLN B 103 -8.25 11.01 -24.82
CA GLN B 103 -7.66 9.70 -25.09
C GLN B 103 -7.85 9.33 -26.56
N SER B 104 -6.83 8.68 -27.12
CA SER B 104 -6.78 8.42 -28.56
C SER B 104 -7.79 7.37 -29.02
N VAL B 105 -8.33 6.57 -28.09
CA VAL B 105 -9.38 5.62 -28.45
C VAL B 105 -10.66 6.37 -28.83
N LEU B 106 -10.94 7.47 -28.12
CA LEU B 106 -12.16 8.22 -28.32
C LEU B 106 -12.14 9.10 -29.58
N LEU B 107 -10.98 9.26 -30.22
CA LEU B 107 -10.90 10.02 -31.45
C LEU B 107 -11.64 9.29 -32.58
N PRO B 108 -12.20 10.02 -33.55
CA PRO B 108 -12.97 9.38 -34.62
C PRO B 108 -12.09 8.71 -35.66
N LYS B 109 -12.73 8.26 -36.74
CA LYS B 109 -12.06 7.52 -37.80
C LYS B 109 -11.71 8.46 -38.95
N LYS B 110 -10.79 8.01 -39.81
CA LYS B 110 -10.31 8.84 -40.92
C LYS B 110 -9.93 7.98 -42.12
N THR C 1 -6.90 46.11 10.65
CA THR C 1 -6.12 44.94 11.02
C THR C 1 -5.04 44.64 9.99
N ARG C 2 -3.79 44.63 10.43
CA ARG C 2 -2.65 44.33 9.57
C ARG C 2 -2.57 42.82 9.36
N LYS C 3 -3.08 42.36 8.22
CA LYS C 3 -3.09 40.94 7.90
C LYS C 3 -1.84 40.53 7.14
N GLU C 4 -1.02 39.66 7.72
CA GLU C 4 0.24 39.24 7.13
C GLU C 4 0.02 38.37 5.89
N SER C 5 0.81 38.66 4.86
CA SER C 5 0.86 37.88 3.63
C SER C 5 2.23 38.05 2.97
N TYR C 6 2.44 37.33 1.87
CA TYR C 6 3.63 37.45 1.05
C TYR C 6 3.38 38.21 -0.25
N ALA C 7 2.58 39.28 -0.19
CA ALA C 7 2.08 39.91 -1.39
C ALA C 7 3.16 40.62 -2.19
N ILE C 8 3.85 41.57 -1.56
CA ILE C 8 4.78 42.44 -2.30
C ILE C 8 6.02 41.69 -2.72
N TYR C 9 6.41 40.63 -2.00
CA TYR C 9 7.62 39.91 -2.34
C TYR C 9 7.42 39.04 -3.58
N VAL C 10 6.27 38.35 -3.65
CA VAL C 10 5.88 37.62 -4.84
C VAL C 10 5.66 38.58 -6.01
N TYR C 11 5.14 39.78 -5.73
CA TYR C 11 4.95 40.77 -6.78
C TYR C 11 6.27 41.26 -7.35
N LYS C 12 7.28 41.50 -6.51
CA LYS C 12 8.57 41.94 -7.02
C LYS C 12 9.33 40.81 -7.69
N VAL C 13 9.11 39.56 -7.26
CA VAL C 13 9.67 38.42 -7.97
C VAL C 13 9.05 38.31 -9.37
N LEU C 14 7.73 38.55 -9.47
CA LEU C 14 7.05 38.57 -10.76
C LEU C 14 7.58 39.68 -11.66
N LYS C 15 7.81 40.86 -11.09
CA LYS C 15 8.40 41.95 -11.86
C LYS C 15 9.84 41.66 -12.27
N GLN C 16 10.55 40.85 -11.50
CA GLN C 16 11.87 40.39 -11.93
C GLN C 16 11.78 39.45 -13.13
N VAL C 17 10.86 38.48 -13.08
CA VAL C 17 10.81 37.49 -14.16
C VAL C 17 9.94 37.95 -15.33
N HIS C 18 8.99 38.84 -15.10
CA HIS C 18 8.09 39.33 -16.16
C HIS C 18 7.74 40.77 -15.84
N PRO C 19 8.49 41.73 -16.36
CA PRO C 19 8.28 43.13 -15.97
C PRO C 19 6.99 43.75 -16.49
N ASP C 20 6.34 43.15 -17.49
CA ASP C 20 5.15 43.72 -18.09
C ASP C 20 3.91 42.84 -17.91
N THR C 21 3.94 41.91 -16.95
CA THR C 21 2.83 41.00 -16.72
C THR C 21 2.26 41.22 -15.32
N GLY C 22 0.95 41.41 -15.25
CA GLY C 22 0.27 41.59 -13.99
C GLY C 22 -0.18 40.27 -13.39
N ILE C 23 -0.97 40.38 -12.33
CA ILE C 23 -1.46 39.21 -11.59
C ILE C 23 -2.77 39.58 -10.91
N SER C 24 -3.62 38.59 -10.71
CA SER C 24 -4.93 38.77 -10.10
C SER C 24 -4.88 38.41 -8.61
N CYS C 25 -6.00 38.68 -7.92
CA CYS C 25 -6.06 38.47 -6.49
C CYS C 25 -6.14 36.99 -6.13
N LYS C 26 -6.89 36.22 -6.91
CA LYS C 26 -7.02 34.79 -6.65
C LYS C 26 -5.71 34.06 -6.92
N ALA C 27 -5.00 34.45 -7.98
CA ALA C 27 -3.68 33.90 -8.26
C ALA C 27 -2.68 34.29 -7.17
N MET C 28 -2.83 35.49 -6.61
CA MET C 28 -1.96 35.94 -5.53
C MET C 28 -2.22 35.13 -4.26
N SER C 29 -3.48 34.82 -3.98
CA SER C 29 -3.82 33.97 -2.84
C SER C 29 -3.29 32.55 -3.04
N ILE C 30 -3.35 32.05 -4.28
CA ILE C 30 -2.80 30.73 -4.59
C ILE C 30 -1.29 30.70 -4.39
N MET C 31 -0.60 31.76 -4.84
CA MET C 31 0.84 31.85 -4.63
C MET C 31 1.20 31.96 -3.16
N ASN C 32 0.41 32.72 -2.39
CA ASN C 32 0.62 32.83 -0.95
C ASN C 32 0.43 31.48 -0.25
N SER C 33 -0.61 30.74 -0.64
CA SER C 33 -0.83 29.41 -0.08
C SER C 33 0.29 28.45 -0.47
N PHE C 34 0.81 28.58 -1.69
CA PHE C 34 1.92 27.74 -2.13
C PHE C 34 3.18 28.00 -1.30
N VAL C 35 3.49 29.29 -1.08
CA VAL C 35 4.68 29.65 -0.32
C VAL C 35 4.55 29.19 1.13
N ASN C 36 3.36 29.36 1.72
CA ASN C 36 3.12 28.89 3.08
C ASN C 36 3.21 27.37 3.19
N ASP C 37 2.69 26.66 2.18
CA ASP C 37 2.70 25.20 2.19
C ASP C 37 4.13 24.67 2.06
N VAL C 38 4.92 25.26 1.15
CA VAL C 38 6.29 24.81 0.96
C VAL C 38 7.16 25.14 2.17
N PHE C 39 6.94 26.32 2.78
CA PHE C 39 7.64 26.68 4.00
C PHE C 39 7.30 25.73 5.14
N GLU C 40 6.02 25.36 5.27
CA GLU C 40 5.61 24.42 6.30
C GLU C 40 6.21 23.04 6.08
N ARG C 41 6.23 22.55 4.84
CA ARG C 41 6.80 21.24 4.54
C ARG C 41 8.29 21.19 4.81
N ILE C 42 9.03 22.21 4.35
CA ILE C 42 10.48 22.21 4.53
C ILE C 42 10.85 22.40 6.00
N ALA C 43 10.10 23.25 6.72
CA ALA C 43 10.38 23.46 8.14
C ALA C 43 10.04 22.22 8.97
N GLY C 44 8.95 21.53 8.63
CA GLY C 44 8.63 20.29 9.33
C GLY C 44 9.62 19.18 9.06
N GLU C 45 10.08 19.07 7.80
CA GLU C 45 11.10 18.08 7.48
C GLU C 45 12.41 18.39 8.17
N ALA C 46 12.79 19.67 8.27
CA ALA C 46 14.02 20.04 8.95
C ALA C 46 13.91 19.83 10.45
N SER C 47 12.72 20.05 11.02
CA SER C 47 12.50 19.76 12.44
C SER C 47 12.60 18.27 12.71
N ARG C 48 12.08 17.44 11.81
CA ARG C 48 12.22 15.99 11.95
C ARG C 48 13.68 15.56 11.81
N LEU C 49 14.42 16.17 10.88
CA LEU C 49 15.84 15.88 10.71
C LEU C 49 16.65 16.26 11.94
N ALA C 50 16.32 17.39 12.57
CA ALA C 50 16.97 17.75 13.81
C ALA C 50 16.60 16.81 14.94
N HIS C 51 15.36 16.32 14.94
CA HIS C 51 14.92 15.43 16.01
C HIS C 51 15.54 14.03 15.89
N TYR C 52 15.75 13.53 14.67
CA TYR C 52 16.29 12.19 14.53
C TYR C 52 17.78 12.14 14.84
N ASN C 53 18.49 13.25 14.65
CA ASN C 53 19.92 13.31 14.89
C ASN C 53 20.27 13.83 16.27
N LYS C 54 19.26 13.98 17.15
CA LYS C 54 19.39 14.49 18.51
C LYS C 54 20.03 15.89 18.53
N ARG C 55 19.66 16.71 17.56
CA ARG C 55 20.14 18.08 17.46
C ARG C 55 19.01 19.03 17.85
N SER C 56 19.33 19.97 18.74
CA SER C 56 18.34 20.93 19.20
C SER C 56 18.32 22.22 18.38
N THR C 57 19.14 22.30 17.34
CA THR C 57 19.21 23.50 16.52
C THR C 57 18.90 23.14 15.07
N ILE C 58 18.45 24.15 14.32
CA ILE C 58 18.19 24.02 12.89
C ILE C 58 19.15 24.97 12.18
N THR C 59 20.02 24.42 11.35
CA THR C 59 20.99 25.18 10.58
C THR C 59 20.68 25.03 9.10
N SER C 60 21.60 25.51 8.26
CA SER C 60 21.43 25.41 6.82
C SER C 60 21.53 23.99 6.30
N ARG C 61 22.20 23.09 7.05
CA ARG C 61 22.33 21.70 6.62
C ARG C 61 20.99 20.97 6.69
N GLU C 62 20.20 21.22 7.74
CA GLU C 62 18.88 20.62 7.85
C GLU C 62 17.94 21.10 6.76
N ILE C 63 17.99 22.41 6.44
CA ILE C 63 17.15 22.94 5.37
C ILE C 63 17.62 22.41 4.02
N GLN C 64 18.93 22.22 3.84
CA GLN C 64 19.46 21.67 2.60
C GLN C 64 19.05 20.23 2.39
N THR C 65 19.10 19.42 3.45
CA THR C 65 18.64 18.05 3.37
C THR C 65 17.13 17.97 3.18
N ALA C 66 16.40 18.92 3.76
CA ALA C 66 14.95 18.97 3.55
C ALA C 66 14.60 19.32 2.12
N VAL C 67 15.35 20.24 1.50
CA VAL C 67 15.15 20.55 0.08
C VAL C 67 15.50 19.35 -0.80
N ARG C 68 16.60 18.67 -0.48
CA ARG C 68 16.99 17.49 -1.24
C ARG C 68 16.01 16.33 -1.07
N LEU C 69 15.31 16.26 0.06
CA LEU C 69 14.33 15.19 0.25
C LEU C 69 12.99 15.52 -0.38
N LEU C 70 12.48 16.74 -0.16
CA LEU C 70 11.13 17.09 -0.59
C LEU C 70 11.06 17.49 -2.06
N LEU C 71 11.92 18.40 -2.50
CA LEU C 71 11.91 18.81 -3.90
C LEU C 71 12.49 17.69 -4.76
N PRO C 72 11.78 17.27 -5.81
CA PRO C 72 12.21 16.08 -6.54
C PRO C 72 13.16 16.37 -7.70
N GLY C 73 14.26 15.64 -7.75
CA GLY C 73 15.12 15.66 -8.92
C GLY C 73 15.89 16.95 -9.09
N GLU C 74 15.94 17.41 -10.35
CA GLU C 74 16.79 18.53 -10.75
C GLU C 74 16.37 19.85 -10.10
N LEU C 75 15.07 20.02 -9.84
CA LEU C 75 14.58 21.18 -9.09
C LEU C 75 15.28 21.31 -7.75
N ALA C 76 15.55 20.19 -7.09
CA ALA C 76 16.31 20.22 -5.84
C ALA C 76 17.72 20.76 -6.07
N LYS C 77 18.44 20.27 -7.09
CA LYS C 77 19.85 20.62 -7.18
C LYS C 77 20.09 22.07 -7.59
N HIS C 78 19.21 22.62 -8.45
CA HIS C 78 19.27 24.07 -8.68
C HIS C 78 18.83 24.86 -7.45
N ALA C 79 17.81 24.42 -6.71
CA ALA C 79 17.39 25.16 -5.52
C ALA C 79 18.48 25.15 -4.46
N VAL C 80 19.12 24.00 -4.28
CA VAL C 80 20.28 23.85 -3.40
C VAL C 80 21.39 24.79 -3.81
N SER C 81 21.61 24.93 -5.13
CA SER C 81 22.64 25.86 -5.61
C SER C 81 22.28 27.30 -5.26
N GLU C 82 21.02 27.69 -5.51
CA GLU C 82 20.59 29.08 -5.33
C GLU C 82 20.66 29.50 -3.87
N GLY C 83 20.19 28.63 -2.98
CA GLY C 83 20.34 28.87 -1.57
C GLY C 83 21.78 28.91 -1.11
N THR C 84 22.62 27.99 -1.63
CA THR C 84 23.98 27.87 -1.12
C THR C 84 24.80 29.11 -1.43
N LYS C 85 24.60 29.66 -2.62
CA LYS C 85 25.28 30.92 -3.01
C LYS C 85 24.84 32.08 -2.13
N ALA C 86 23.57 32.11 -1.77
CA ALA C 86 23.05 33.24 -0.97
C ALA C 86 23.70 33.21 0.40
N VAL C 87 23.82 32.04 1.00
CA VAL C 87 24.45 31.93 2.34
C VAL C 87 25.88 32.43 2.20
N THR C 88 26.56 32.12 1.10
CA THR C 88 27.95 32.60 0.86
C THR C 88 27.97 34.13 0.84
N LYS C 89 27.10 34.74 0.06
CA LYS C 89 27.04 36.22 0.06
C LYS C 89 26.75 36.77 1.47
N TYR C 90 25.83 36.17 2.20
CA TYR C 90 25.44 36.74 3.52
C TYR C 90 26.60 36.57 4.49
N THR C 91 27.40 35.53 4.34
CA THR C 91 28.58 35.37 5.21
C THR C 91 29.58 36.45 4.84
N SER C 92 29.85 36.61 3.55
CA SER C 92 30.74 37.71 3.12
C SER C 92 30.26 39.00 3.78
N ALA C 93 28.94 39.17 3.94
CA ALA C 93 28.43 40.44 4.51
C ALA C 93 28.15 40.33 6.01
N LYS C 94 27.37 39.32 6.50
CA LYS C 94 27.21 39.26 7.94
C LYS C 94 27.48 37.85 8.48
N ALA D 1 -54.76 18.55 -0.47
CA ALA D 1 -53.81 18.52 0.64
C ALA D 1 -52.57 19.35 0.31
N LYS D 2 -52.41 20.47 1.02
CA LYS D 2 -51.26 21.33 0.81
C LYS D 2 -50.14 21.04 1.79
N ARG D 3 -50.22 19.92 2.51
CA ARG D 3 -49.24 19.62 3.54
C ARG D 3 -47.93 19.15 2.94
N HIS D 4 -46.85 19.81 3.34
CA HIS D 4 -45.50 19.39 2.99
C HIS D 4 -44.56 19.86 4.10
N ARG D 5 -43.39 19.25 4.16
CA ARG D 5 -42.42 19.56 5.20
C ARG D 5 -41.52 20.72 4.77
N LYS D 6 -40.97 21.42 5.76
CA LYS D 6 -40.03 22.50 5.49
C LYS D 6 -38.66 21.98 5.06
N VAL D 7 -38.18 20.91 5.70
CA VAL D 7 -36.86 20.38 5.39
C VAL D 7 -36.96 19.48 4.16
N LEU D 8 -36.11 19.75 3.17
CA LEU D 8 -36.04 18.97 1.95
C LEU D 8 -34.96 17.91 2.09
N ARG D 9 -35.24 16.70 1.58
CA ARG D 9 -34.32 15.58 1.73
C ARG D 9 -33.77 15.05 0.42
N ASP D 10 -34.30 15.49 -0.72
CA ASP D 10 -33.85 14.99 -2.01
C ASP D 10 -32.83 15.91 -2.68
N ASN D 11 -32.02 16.60 -1.88
CA ASN D 11 -31.02 17.50 -2.43
C ASN D 11 -29.84 16.77 -3.03
N ILE D 12 -29.67 15.47 -2.76
CA ILE D 12 -28.69 14.68 -3.48
C ILE D 12 -29.12 14.50 -4.94
N GLN D 13 -30.42 14.52 -5.21
CA GLN D 13 -30.90 14.63 -6.58
C GLN D 13 -30.79 16.05 -7.14
N GLY D 14 -30.43 17.02 -6.30
CA GLY D 14 -30.12 18.35 -6.80
C GLY D 14 -28.86 18.41 -7.63
N ILE D 15 -27.96 17.45 -7.45
CA ILE D 15 -26.85 17.26 -8.38
C ILE D 15 -27.43 16.52 -9.58
N THR D 16 -27.81 17.28 -10.61
CA THR D 16 -28.64 16.77 -11.68
C THR D 16 -27.84 15.91 -12.65
N LYS D 17 -28.57 15.25 -13.54
CA LYS D 17 -27.95 14.47 -14.61
C LYS D 17 -27.04 15.29 -15.54
N PRO D 18 -27.42 16.48 -16.06
CA PRO D 18 -26.44 17.21 -16.90
C PRO D 18 -25.25 17.75 -16.14
N ALA D 19 -25.36 17.95 -14.83
CA ALA D 19 -24.19 18.34 -14.04
C ALA D 19 -23.15 17.22 -14.00
N ILE D 20 -23.60 15.98 -13.78
CA ILE D 20 -22.70 14.83 -13.79
C ILE D 20 -22.16 14.60 -15.19
N ARG D 21 -22.97 14.85 -16.23
CA ARG D 21 -22.48 14.74 -17.59
C ARG D 21 -21.42 15.79 -17.89
N ARG D 22 -21.59 17.02 -17.40
CA ARG D 22 -20.57 18.05 -17.56
C ARG D 22 -19.29 17.70 -16.81
N LEU D 23 -19.44 17.08 -15.63
CA LEU D 23 -18.28 16.62 -14.87
C LEU D 23 -17.51 15.55 -15.63
N ALA D 24 -18.22 14.63 -16.26
CA ALA D 24 -17.55 13.60 -17.04
C ALA D 24 -16.97 14.14 -18.35
N ARG D 25 -17.59 15.18 -18.91
CA ARG D 25 -17.02 15.84 -20.08
C ARG D 25 -15.72 16.55 -19.73
N ARG D 26 -15.65 17.17 -18.55
CA ARG D 26 -14.38 17.70 -18.07
C ARG D 26 -13.39 16.59 -17.78
N GLY D 27 -13.87 15.43 -17.35
CA GLY D 27 -13.01 14.28 -17.15
C GLY D 27 -12.61 13.55 -18.41
N GLY D 28 -13.17 13.93 -19.56
CA GLY D 28 -12.81 13.30 -20.81
C GLY D 28 -13.56 12.01 -21.11
N VAL D 29 -14.83 11.94 -20.72
CA VAL D 29 -15.63 10.74 -20.92
C VAL D 29 -16.56 10.97 -22.11
N LYS D 30 -16.53 10.03 -23.06
CA LYS D 30 -17.32 10.17 -24.28
C LYS D 30 -18.74 9.64 -24.10
N ARG D 31 -18.89 8.46 -23.52
CA ARG D 31 -20.18 7.80 -23.38
C ARG D 31 -20.45 7.47 -21.92
N ILE D 32 -21.69 7.66 -21.48
CA ILE D 32 -22.09 7.54 -20.09
C ILE D 32 -23.24 6.55 -20.01
N SER D 33 -23.12 5.54 -19.14
CA SER D 33 -24.23 4.63 -18.94
C SER D 33 -25.26 5.26 -17.98
N GLY D 34 -26.47 4.69 -18.00
CA GLY D 34 -27.56 5.26 -17.23
C GLY D 34 -27.48 5.04 -15.74
N LEU D 35 -26.64 4.10 -15.29
CA LEU D 35 -26.49 3.79 -13.87
C LEU D 35 -25.36 4.58 -13.23
N ILE D 36 -24.73 5.48 -13.98
CA ILE D 36 -23.57 6.23 -13.49
C ILE D 36 -23.98 7.23 -12.40
N TYR D 37 -25.15 7.85 -12.58
CA TYR D 37 -25.49 9.05 -11.81
C TYR D 37 -25.77 8.75 -10.34
N GLU D 38 -26.42 7.62 -10.05
CA GLU D 38 -26.67 7.24 -8.67
C GLU D 38 -25.38 6.90 -7.93
N GLU D 39 -24.46 6.21 -8.62
CA GLU D 39 -23.16 5.90 -8.04
C GLU D 39 -22.35 7.18 -7.80
N THR D 40 -22.42 8.13 -8.74
CA THR D 40 -21.73 9.40 -8.57
C THR D 40 -22.31 10.20 -7.41
N ARG D 41 -23.64 10.16 -7.24
CA ARG D 41 -24.28 10.82 -6.12
C ARG D 41 -23.87 10.21 -4.79
N GLY D 42 -23.79 8.87 -4.73
CA GLY D 42 -23.34 8.23 -3.52
C GLY D 42 -21.89 8.52 -3.17
N VAL D 43 -21.02 8.55 -4.19
CA VAL D 43 -19.61 8.88 -3.98
C VAL D 43 -19.45 10.32 -3.51
N LEU D 44 -20.21 11.25 -4.12
CA LEU D 44 -20.19 12.64 -3.70
C LEU D 44 -20.70 12.80 -2.27
N LYS D 45 -21.73 12.05 -1.90
CA LYS D 45 -22.25 12.10 -0.53
C LYS D 45 -21.22 11.59 0.47
N VAL D 46 -20.50 10.52 0.13
CA VAL D 46 -19.50 9.96 1.05
C VAL D 46 -18.33 10.93 1.23
N PHE D 47 -17.84 11.50 0.13
CA PHE D 47 -16.74 12.46 0.18
C PHE D 47 -17.14 13.73 0.94
N LEU D 48 -18.35 14.23 0.67
CA LEU D 48 -18.83 15.43 1.34
C LEU D 48 -19.04 15.20 2.82
N GLU D 49 -19.55 14.03 3.23
CA GLU D 49 -19.78 13.82 4.66
C GLU D 49 -18.46 13.62 5.39
N ASN D 50 -17.45 13.05 4.72
CA ASN D 50 -16.12 12.95 5.34
C ASN D 50 -15.51 14.34 5.57
N VAL D 51 -15.52 15.18 4.53
CA VAL D 51 -14.91 16.50 4.64
C VAL D 51 -15.68 17.38 5.62
N ILE D 52 -17.01 17.34 5.58
CA ILE D 52 -17.84 18.16 6.44
C ILE D 52 -17.75 17.71 7.90
N ARG D 53 -17.62 16.40 8.15
CA ARG D 53 -17.42 15.92 9.53
C ARG D 53 -16.11 16.43 10.12
N ASP D 54 -15.04 16.41 9.32
CA ASP D 54 -13.77 16.94 9.79
C ASP D 54 -13.82 18.45 9.99
N ALA D 55 -14.53 19.16 9.10
CA ALA D 55 -14.67 20.61 9.25
C ALA D 55 -15.49 20.98 10.48
N VAL D 56 -16.51 20.19 10.80
CA VAL D 56 -17.33 20.44 11.98
C VAL D 56 -16.52 20.17 13.25
N THR D 57 -15.67 19.13 13.22
CA THR D 57 -14.76 18.88 14.35
C THR D 57 -13.78 20.03 14.54
N TYR D 58 -13.23 20.54 13.44
CA TYR D 58 -12.34 21.71 13.49
C TYR D 58 -13.07 22.95 13.99
N THR D 59 -14.35 23.11 13.65
CA THR D 59 -15.12 24.26 14.11
C THR D 59 -15.40 24.17 15.61
N GLU D 60 -15.83 23.01 16.09
CA GLU D 60 -16.14 22.86 17.51
C GLU D 60 -14.92 22.70 18.40
N HIS D 61 -13.72 22.53 17.83
CA HIS D 61 -12.55 22.80 18.65
C HIS D 61 -12.45 24.28 19.00
N ALA D 62 -12.86 25.15 18.08
CA ALA D 62 -12.78 26.60 18.27
C ALA D 62 -13.98 27.17 19.00
N LYS D 63 -14.91 26.31 19.44
CA LYS D 63 -16.15 26.69 20.14
C LYS D 63 -16.98 27.66 19.31
N ARG D 64 -17.21 27.30 18.05
CA ARG D 64 -17.92 28.15 17.11
C ARG D 64 -19.09 27.39 16.51
N LYS D 65 -20.07 28.16 16.01
CA LYS D 65 -21.20 27.60 15.27
C LYS D 65 -21.08 27.83 13.76
N THR D 66 -20.14 28.66 13.33
CA THR D 66 -19.98 29.00 11.92
C THR D 66 -18.81 28.25 11.34
N VAL D 67 -19.06 27.52 10.25
CA VAL D 67 -18.02 26.78 9.55
C VAL D 67 -17.33 27.75 8.59
N THR D 68 -16.11 28.15 8.95
CA THR D 68 -15.35 29.06 8.10
C THR D 68 -14.69 28.29 6.95
N ALA D 69 -14.13 29.05 6.01
CA ALA D 69 -13.44 28.42 4.89
C ALA D 69 -12.11 27.82 5.30
N MET D 70 -11.50 28.37 6.36
CA MET D 70 -10.21 27.87 6.81
C MET D 70 -10.35 26.49 7.43
N ASP D 71 -11.49 26.23 8.09
CA ASP D 71 -11.76 24.90 8.62
C ASP D 71 -11.91 23.87 7.50
N VAL D 72 -12.55 24.26 6.40
CA VAL D 72 -12.67 23.40 5.23
C VAL D 72 -11.29 23.15 4.61
N VAL D 73 -10.45 24.18 4.59
CA VAL D 73 -9.08 24.04 4.08
C VAL D 73 -8.28 23.07 4.93
N TYR D 74 -8.41 23.17 6.26
CA TYR D 74 -7.69 22.25 7.16
C TYR D 74 -8.22 20.83 7.04
N ALA D 75 -9.55 20.68 6.90
CA ALA D 75 -10.16 19.36 6.75
C ALA D 75 -9.72 18.69 5.46
N LEU D 76 -9.61 19.47 4.38
CA LEU D 76 -9.07 18.91 3.13
C LEU D 76 -7.58 18.65 3.24
N LYS D 77 -6.87 19.44 4.05
CA LYS D 77 -5.43 19.29 4.18
C LYS D 77 -5.06 18.03 4.95
N ARG D 78 -5.89 17.64 5.93
CA ARG D 78 -5.53 16.48 6.75
C ARG D 78 -5.64 15.18 5.96
N GLN D 79 -6.63 15.09 5.07
CA GLN D 79 -6.84 13.89 4.25
C GLN D 79 -5.92 13.82 3.05
N GLY D 80 -5.05 14.80 2.84
CA GLY D 80 -4.22 14.82 1.66
C GLY D 80 -4.93 15.28 0.41
N ARG D 81 -5.76 16.31 0.51
CA ARG D 81 -6.45 16.91 -0.63
C ARG D 81 -6.34 18.42 -0.52
N THR D 82 -5.11 18.91 -0.31
CA THR D 82 -4.85 20.31 0.00
C THR D 82 -5.30 21.22 -1.14
N LEU D 83 -5.96 22.32 -0.77
CA LEU D 83 -6.60 23.22 -1.71
C LEU D 83 -5.98 24.60 -1.59
N TYR D 84 -5.65 25.21 -2.72
CA TYR D 84 -5.08 26.55 -2.75
C TYR D 84 -6.17 27.55 -3.13
N GLY D 85 -5.95 28.82 -2.78
CA GLY D 85 -6.87 29.88 -3.11
C GLY D 85 -7.79 30.33 -1.99
N PHE D 86 -7.68 29.73 -0.80
CA PHE D 86 -8.49 30.14 0.34
C PHE D 86 -7.68 30.29 1.61
N GLY D 87 -6.43 29.82 1.62
CA GLY D 87 -5.58 29.96 2.77
C GLY D 87 -4.92 31.32 2.89
N GLY D 88 -5.73 32.34 3.16
CA GLY D 88 -5.24 33.70 3.29
C GLY D 88 -5.99 34.69 2.40
N THR E 1 6.73 15.91 54.84
CA THR E 1 5.48 15.17 54.67
C THR E 1 5.27 14.81 53.20
N ARG E 2 6.35 14.38 52.54
CA ARG E 2 6.29 13.98 51.15
C ARG E 2 5.73 12.57 51.01
N ALA E 3 4.40 12.46 50.89
CA ALA E 3 3.71 11.19 51.10
C ALA E 3 3.92 10.21 49.95
N LYS E 4 4.96 9.38 50.08
CA LYS E 4 5.17 8.12 49.37
C LYS E 4 5.26 8.23 47.86
N ALA E 5 5.37 9.45 47.32
CA ALA E 5 5.56 9.75 45.89
C ALA E 5 4.56 9.03 44.99
N LYS E 6 3.29 9.41 45.11
CA LYS E 6 2.21 8.76 44.38
C LYS E 6 2.29 9.11 42.91
N THR E 7 2.35 8.09 42.05
CA THR E 7 2.57 8.32 40.63
C THR E 7 1.29 8.78 39.95
N ARG E 8 1.47 9.46 38.81
CA ARG E 8 0.33 9.98 38.06
C ARG E 8 -0.44 8.89 37.34
N SER E 9 0.25 7.82 36.91
CA SER E 9 -0.44 6.72 36.23
C SER E 9 -1.34 5.95 37.18
N SER E 10 -0.90 5.76 38.42
CA SER E 10 -1.73 5.12 39.43
C SER E 10 -2.87 6.03 39.87
N ARG E 11 -2.64 7.35 39.87
CA ARG E 11 -3.72 8.28 40.16
C ARG E 11 -4.77 8.27 39.05
N ALA E 12 -4.33 8.16 37.80
CA ALA E 12 -5.24 8.15 36.66
C ALA E 12 -5.83 6.78 36.38
N GLY E 13 -5.40 5.75 37.11
CA GLY E 13 -5.89 4.40 36.87
C GLY E 13 -5.45 3.83 35.54
N LEU E 14 -4.25 4.19 35.10
CA LEU E 14 -3.72 3.75 33.82
C LEU E 14 -2.47 2.91 34.06
N GLN E 15 -2.10 2.15 33.03
CA GLN E 15 -0.82 1.45 33.06
C GLN E 15 0.25 2.16 32.25
N PHE E 16 -0.11 2.93 31.23
CA PHE E 16 0.87 3.65 30.44
C PHE E 16 1.41 4.84 31.24
N PRO E 17 2.70 5.18 31.07
CA PRO E 17 3.32 6.21 31.94
C PRO E 17 2.86 7.61 31.57
N VAL E 18 2.20 8.28 32.50
CA VAL E 18 1.71 9.63 32.27
C VAL E 18 2.87 10.63 32.25
N GLY E 19 3.80 10.50 33.20
CA GLY E 19 4.90 11.43 33.28
C GLY E 19 5.86 11.33 32.11
N ARG E 20 6.02 10.12 31.56
CA ARG E 20 6.85 9.94 30.39
C ARG E 20 6.21 10.53 29.14
N VAL E 21 4.89 10.42 29.02
CA VAL E 21 4.17 11.08 27.93
C VAL E 21 4.26 12.59 28.08
N HIS E 22 4.23 13.09 29.32
CA HIS E 22 4.42 14.52 29.58
C HIS E 22 5.82 14.98 29.19
N ARG E 23 6.84 14.17 29.49
CA ARG E 23 8.20 14.53 29.11
C ARG E 23 8.39 14.48 27.59
N LEU E 24 7.75 13.53 26.92
CA LEU E 24 7.86 13.46 25.46
C LEU E 24 7.07 14.56 24.78
N LEU E 25 5.99 15.04 25.42
CA LEU E 25 5.25 16.16 24.87
C LEU E 25 5.99 17.47 25.08
N ARG E 26 6.69 17.59 26.22
CA ARG E 26 7.43 18.81 26.49
C ARG E 26 8.68 18.93 25.62
N LYS E 27 9.33 17.80 25.35
CA LYS E 27 10.55 17.78 24.56
C LYS E 27 10.30 17.49 23.08
N GLY E 28 9.05 17.27 22.69
CA GLY E 28 8.73 16.93 21.33
C GLY E 28 8.53 18.07 20.38
N ASN E 29 8.67 19.31 20.87
CA ASN E 29 8.53 20.55 20.09
C ASN E 29 7.14 20.66 19.44
N TYR E 30 6.11 20.52 20.27
CA TYR E 30 4.73 20.67 19.85
C TYR E 30 4.12 21.99 20.28
N ALA E 31 4.24 22.32 21.57
CA ALA E 31 3.91 23.63 22.10
C ALA E 31 4.79 23.87 23.30
N GLU E 32 4.97 25.15 23.66
CA GLU E 32 5.86 25.46 24.77
C GLU E 32 5.15 25.32 26.11
N ARG E 33 3.83 25.13 26.10
CA ARG E 33 3.09 24.78 27.29
C ARG E 33 2.25 23.53 27.04
N VAL E 34 2.23 22.65 28.05
CA VAL E 34 1.47 21.41 28.02
C VAL E 34 0.60 21.36 29.27
N GLY E 35 -0.69 21.14 29.09
CA GLY E 35 -1.61 21.08 30.21
C GLY E 35 -1.44 19.82 31.03
N ALA E 36 -2.10 19.82 32.19
CA ALA E 36 -1.98 18.71 33.13
C ALA E 36 -2.74 17.47 32.66
N GLY E 37 -3.96 17.65 32.15
CA GLY E 37 -4.77 16.51 31.77
C GLY E 37 -4.47 15.93 30.41
N ALA E 38 -3.71 16.64 29.58
CA ALA E 38 -3.36 16.13 28.26
C ALA E 38 -2.51 14.86 28.27
N PRO E 39 -1.43 14.71 29.08
CA PRO E 39 -0.74 13.41 29.10
C PRO E 39 -1.58 12.29 29.69
N VAL E 40 -2.46 12.59 30.65
CA VAL E 40 -3.38 11.58 31.18
C VAL E 40 -4.30 11.07 30.08
N TYR E 41 -4.87 12.01 29.32
CA TYR E 41 -5.83 11.67 28.27
C TYR E 41 -5.15 10.90 27.14
N LEU E 42 -3.95 11.34 26.76
CA LEU E 42 -3.21 10.68 25.69
C LEU E 42 -2.73 9.29 26.09
N ALA E 43 -2.30 9.13 27.35
CA ALA E 43 -1.89 7.82 27.84
C ALA E 43 -3.07 6.87 27.90
N ALA E 44 -4.25 7.37 28.28
CA ALA E 44 -5.44 6.52 28.29
C ALA E 44 -5.85 6.11 26.87
N VAL E 45 -5.73 7.03 25.91
CA VAL E 45 -6.06 6.70 24.51
C VAL E 45 -5.09 5.66 23.94
N LEU E 46 -3.79 5.84 24.22
CA LEU E 46 -2.78 4.88 23.76
C LEU E 46 -2.97 3.51 24.42
N GLU E 47 -3.32 3.50 25.71
CA GLU E 47 -3.61 2.26 26.41
C GLU E 47 -4.83 1.56 25.84
N TYR E 48 -5.87 2.32 25.48
CA TYR E 48 -7.07 1.70 24.90
C TYR E 48 -6.77 1.10 23.54
N LEU E 49 -6.03 1.80 22.69
CA LEU E 49 -5.69 1.27 21.37
C LEU E 49 -4.81 0.03 21.46
N THR E 50 -3.83 0.07 22.38
CA THR E 50 -2.97 -1.09 22.60
C THR E 50 -3.77 -2.27 23.13
N ALA E 51 -4.72 -2.02 24.02
CA ALA E 51 -5.55 -3.09 24.57
C ALA E 51 -6.46 -3.71 23.52
N GLU E 52 -7.01 -2.89 22.63
CA GLU E 52 -7.88 -3.41 21.58
C GLU E 52 -7.11 -4.30 20.61
N ILE E 53 -5.93 -3.84 20.16
CA ILE E 53 -5.14 -4.65 19.24
C ILE E 53 -4.60 -5.90 19.92
N LEU E 54 -4.20 -5.79 21.19
CA LEU E 54 -3.68 -6.96 21.90
C LEU E 54 -4.77 -8.00 22.17
N GLU E 55 -6.00 -7.56 22.43
CA GLU E 55 -7.10 -8.50 22.61
C GLU E 55 -7.42 -9.24 21.32
N LEU E 56 -7.47 -8.52 20.19
CA LEU E 56 -7.74 -9.18 18.92
C LEU E 56 -6.57 -10.07 18.49
N ALA E 57 -5.34 -9.68 18.81
CA ALA E 57 -4.19 -10.52 18.48
C ALA E 57 -4.14 -11.77 19.36
N GLY E 58 -4.55 -11.65 20.62
CA GLY E 58 -4.66 -12.84 21.46
C GLY E 58 -5.76 -13.78 20.99
N ASN E 59 -6.87 -13.23 20.50
CA ASN E 59 -7.91 -14.07 19.89
C ASN E 59 -7.40 -14.75 18.63
N ALA E 60 -6.63 -14.04 17.81
CA ALA E 60 -6.07 -14.62 16.59
C ALA E 60 -5.04 -15.70 16.90
N ALA E 61 -4.27 -15.53 17.98
CA ALA E 61 -3.35 -16.57 18.40
C ALA E 61 -4.08 -17.77 18.99
N ARG E 62 -5.22 -17.52 19.65
CA ARG E 62 -6.01 -18.61 20.20
C ARG E 62 -6.66 -19.45 19.11
N ASP E 63 -7.13 -18.81 18.03
CA ASP E 63 -7.71 -19.56 16.93
C ASP E 63 -6.67 -20.30 16.10
N ASN E 64 -5.40 -19.94 16.21
CA ASN E 64 -4.32 -20.64 15.51
C ASN E 64 -3.54 -21.58 16.42
N LYS E 65 -4.10 -21.89 17.60
CA LYS E 65 -3.53 -22.84 18.57
C LYS E 65 -2.14 -22.41 19.03
N LYS E 66 -1.97 -21.11 19.29
CA LYS E 66 -0.71 -20.56 19.74
C LYS E 66 -0.92 -19.79 21.05
N THR E 67 0.09 -19.87 21.91
CA THR E 67 0.08 -19.14 23.17
C THR E 67 1.04 -17.95 23.16
N ARG E 68 1.59 -17.62 22.00
CA ARG E 68 2.57 -16.55 21.87
C ARG E 68 2.24 -15.73 20.64
N ILE E 69 2.10 -14.43 20.79
CA ILE E 69 1.66 -13.56 19.70
C ILE E 69 2.84 -13.30 18.77
N ILE E 70 2.67 -13.64 17.50
CA ILE E 70 3.67 -13.43 16.46
C ILE E 70 3.19 -12.27 15.59
N PRO E 71 4.02 -11.69 14.72
CA PRO E 71 3.52 -10.63 13.81
C PRO E 71 2.39 -11.05 12.88
N ARG E 72 2.26 -12.33 12.55
CA ARG E 72 1.15 -12.79 11.72
C ARG E 72 -0.18 -12.60 12.44
N HIS E 73 -0.21 -12.85 13.75
CA HIS E 73 -1.44 -12.65 14.52
C HIS E 73 -1.80 -11.17 14.59
N LEU E 74 -0.81 -10.29 14.73
CA LEU E 74 -1.06 -8.85 14.70
C LEU E 74 -1.58 -8.40 13.35
N GLN E 75 -1.02 -8.94 12.27
CA GLN E 75 -1.49 -8.59 10.93
C GLN E 75 -2.92 -9.06 10.70
N LEU E 76 -3.25 -10.28 11.14
CA LEU E 76 -4.61 -10.79 11.01
C LEU E 76 -5.59 -9.97 11.84
N ALA E 77 -5.19 -9.59 13.06
CA ALA E 77 -6.05 -8.79 13.93
C ALA E 77 -6.28 -7.39 13.36
N VAL E 78 -5.25 -6.79 12.76
CA VAL E 78 -5.40 -5.45 12.19
C VAL E 78 -6.25 -5.50 10.93
N ARG E 79 -5.97 -6.44 10.03
CA ARG E 79 -6.63 -6.45 8.74
C ARG E 79 -8.05 -6.99 8.80
N ASN E 80 -8.36 -7.88 9.74
CA ASN E 80 -9.72 -8.40 9.82
C ASN E 80 -10.68 -7.46 10.55
N ASP E 81 -10.17 -6.45 11.25
CA ASP E 81 -11.00 -5.43 11.87
C ASP E 81 -10.96 -4.17 11.00
N GLU E 82 -12.13 -3.78 10.48
CA GLU E 82 -12.20 -2.76 9.45
C GLU E 82 -11.85 -1.36 9.95
N GLU E 83 -12.12 -1.06 11.22
CA GLU E 83 -11.74 0.23 11.78
C GLU E 83 -10.24 0.32 12.00
N LEU E 84 -9.63 -0.76 12.48
CA LEU E 84 -8.18 -0.84 12.52
C LEU E 84 -7.57 -0.97 11.13
N ASN E 85 -8.31 -1.53 10.17
CA ASN E 85 -7.82 -1.61 8.81
C ASN E 85 -7.76 -0.26 8.14
N LYS E 86 -8.71 0.63 8.43
CA LYS E 86 -8.61 1.99 7.91
C LYS E 86 -7.93 2.94 8.86
N LEU E 87 -7.46 2.46 10.02
CA LEU E 87 -6.53 3.25 10.83
C LEU E 87 -5.09 3.01 10.37
N LEU E 88 -4.76 1.77 10.01
CA LEU E 88 -3.41 1.41 9.61
C LEU E 88 -3.39 0.86 8.19
N GLY E 89 -4.15 1.48 7.29
CA GLY E 89 -4.14 1.03 5.90
C GLY E 89 -2.90 1.47 5.14
N ARG E 90 -2.22 2.49 5.63
CA ARG E 90 -1.00 2.99 5.01
C ARG E 90 0.23 2.55 5.82
N VAL E 91 0.11 1.41 6.49
CA VAL E 91 1.10 0.94 7.45
C VAL E 91 1.52 -0.47 7.06
N THR E 92 2.83 -0.70 6.93
CA THR E 92 3.38 -2.02 6.67
C THR E 92 3.79 -2.69 7.97
N ILE E 93 3.37 -3.94 8.16
CA ILE E 93 3.79 -4.76 9.27
C ILE E 93 4.73 -5.82 8.73
N ALA E 94 5.97 -5.84 9.25
CA ALA E 94 6.96 -6.79 8.77
C ALA E 94 6.66 -8.19 9.29
N GLN E 95 6.93 -9.18 8.44
CA GLN E 95 6.66 -10.60 8.70
C GLN E 95 5.19 -10.84 9.03
N GLY E 96 4.30 -10.13 8.34
CA GLY E 96 2.88 -10.22 8.60
C GLY E 96 2.12 -10.94 7.52
N GLY E 97 2.61 -10.87 6.29
CA GLY E 97 1.91 -11.52 5.21
C GLY E 97 0.66 -10.75 4.80
N VAL E 98 -0.28 -11.48 4.18
CA VAL E 98 -1.52 -10.92 3.70
C VAL E 98 -2.67 -11.78 4.19
N LEU E 99 -3.88 -11.25 4.05
CA LEU E 99 -5.08 -12.02 4.34
C LEU E 99 -5.27 -13.09 3.27
N PRO E 100 -5.68 -14.30 3.65
CA PRO E 100 -5.99 -15.31 2.63
C PRO E 100 -7.27 -14.98 1.90
N ASN E 101 -7.15 -14.53 0.65
CA ASN E 101 -8.29 -14.07 -0.13
C ASN E 101 -8.10 -14.47 -1.58
N ILE E 102 -9.06 -15.23 -2.11
CA ILE E 102 -9.05 -15.66 -3.50
C ILE E 102 -10.29 -15.09 -4.17
N GLN E 103 -10.10 -14.45 -5.32
CA GLN E 103 -11.22 -13.90 -6.07
C GLN E 103 -12.08 -15.02 -6.66
N SER E 104 -13.39 -14.81 -6.67
CA SER E 104 -14.35 -15.86 -7.01
C SER E 104 -14.34 -16.22 -8.49
N VAL E 105 -13.76 -15.36 -9.34
CA VAL E 105 -13.63 -15.71 -10.75
C VAL E 105 -12.62 -16.83 -10.92
N LEU E 106 -11.55 -16.83 -10.12
CA LEU E 106 -10.48 -17.80 -10.22
C LEU E 106 -10.84 -19.17 -9.64
N LEU E 107 -11.95 -19.28 -8.92
CA LEU E 107 -12.39 -20.56 -8.40
C LEU E 107 -12.81 -21.49 -9.54
N PRO E 108 -12.64 -22.81 -9.37
CA PRO E 108 -12.98 -23.74 -10.46
C PRO E 108 -14.47 -23.96 -10.62
N LYS E 109 -14.82 -24.93 -11.47
CA LYS E 109 -16.22 -25.21 -11.79
C LYS E 109 -16.72 -26.39 -10.97
N ARG F 2 20.80 2.30 28.59
CA ARG F 2 19.38 2.20 28.90
C ARG F 2 18.57 2.69 27.69
N LYS F 3 18.09 1.74 26.90
CA LYS F 3 17.32 2.04 25.70
C LYS F 3 15.82 2.12 26.00
N GLU F 4 15.22 3.29 25.82
CA GLU F 4 13.82 3.52 26.13
C GLU F 4 12.90 2.76 25.16
N SER F 5 11.87 2.15 25.74
CA SER F 5 10.80 1.49 24.98
C SER F 5 9.54 1.46 25.83
N TYR F 6 8.46 0.96 25.24
CA TYR F 6 7.19 0.74 25.93
C TYR F 6 6.95 -0.73 26.26
N ALA F 7 7.98 -1.45 26.68
CA ALA F 7 7.91 -2.90 26.76
C ALA F 7 6.97 -3.37 27.87
N ILE F 8 7.25 -2.97 29.12
CA ILE F 8 6.54 -3.53 30.26
C ILE F 8 5.09 -3.04 30.31
N TYR F 9 4.80 -1.87 29.75
CA TYR F 9 3.44 -1.33 29.82
C TYR F 9 2.52 -2.07 28.86
N VAL F 10 3.01 -2.33 27.64
CA VAL F 10 2.28 -3.17 26.68
C VAL F 10 2.17 -4.59 27.21
N TYR F 11 3.20 -5.07 27.91
CA TYR F 11 3.14 -6.42 28.48
C TYR F 11 2.08 -6.52 29.58
N LYS F 12 1.97 -5.52 30.46
CA LYS F 12 0.94 -5.56 31.49
C LYS F 12 -0.46 -5.33 30.92
N VAL F 13 -0.57 -4.56 29.84
CA VAL F 13 -1.85 -4.43 29.14
C VAL F 13 -2.26 -5.78 28.54
N LEU F 14 -1.29 -6.51 27.97
CA LEU F 14 -1.55 -7.85 27.45
C LEU F 14 -1.96 -8.82 28.56
N LYS F 15 -1.31 -8.74 29.72
CA LYS F 15 -1.72 -9.57 30.85
C LYS F 15 -3.09 -9.17 31.39
N GLN F 16 -3.49 -7.92 31.22
CA GLN F 16 -4.87 -7.53 31.55
C GLN F 16 -5.87 -8.16 30.60
N VAL F 17 -5.60 -8.10 29.29
CA VAL F 17 -6.59 -8.58 28.34
C VAL F 17 -6.46 -10.09 28.08
N HIS F 18 -5.28 -10.68 28.28
CA HIS F 18 -5.07 -12.10 28.05
C HIS F 18 -4.03 -12.58 29.05
N PRO F 19 -4.46 -13.10 30.21
CA PRO F 19 -3.50 -13.42 31.27
C PRO F 19 -2.64 -14.65 30.99
N ASP F 20 -3.00 -15.48 30.01
CA ASP F 20 -2.26 -16.70 29.72
C ASP F 20 -1.66 -16.71 28.33
N THR F 21 -1.51 -15.54 27.69
CA THR F 21 -0.97 -15.45 26.34
C THR F 21 0.32 -14.65 26.37
N GLY F 22 1.37 -15.22 25.78
CA GLY F 22 2.65 -14.56 25.67
C GLY F 22 2.75 -13.72 24.42
N ILE F 23 3.97 -13.23 24.16
CA ILE F 23 4.25 -12.37 23.02
C ILE F 23 5.72 -12.52 22.65
N SER F 24 6.03 -12.30 21.38
CA SER F 24 7.37 -12.43 20.87
C SER F 24 8.06 -11.07 20.75
N CYS F 25 9.34 -11.09 20.42
CA CYS F 25 10.12 -9.85 20.37
C CYS F 25 9.77 -9.01 19.17
N LYS F 26 9.53 -9.64 18.02
CA LYS F 26 9.17 -8.89 16.81
C LYS F 26 7.79 -8.26 16.94
N ALA F 27 6.85 -8.99 17.54
CA ALA F 27 5.53 -8.44 17.82
C ALA F 27 5.61 -7.29 18.82
N MET F 28 6.54 -7.40 19.78
CA MET F 28 6.73 -6.33 20.75
C MET F 28 7.31 -5.08 20.10
N SER F 29 8.23 -5.26 19.15
CA SER F 29 8.76 -4.12 18.41
C SER F 29 7.69 -3.49 17.52
N ILE F 30 6.82 -4.32 16.95
CA ILE F 30 5.71 -3.80 16.15
C ILE F 30 4.74 -3.00 17.01
N MET F 31 4.44 -3.49 18.21
CA MET F 31 3.57 -2.76 19.14
C MET F 31 4.21 -1.46 19.61
N ASN F 32 5.53 -1.48 19.85
CA ASN F 32 6.25 -0.26 20.22
C ASN F 32 6.22 0.77 19.11
N SER F 33 6.42 0.32 17.86
CA SER F 33 6.35 1.23 16.71
C SER F 33 4.94 1.77 16.52
N PHE F 34 3.92 0.94 16.79
CA PHE F 34 2.54 1.41 16.69
C PHE F 34 2.23 2.49 17.72
N VAL F 35 2.68 2.27 18.97
CA VAL F 35 2.42 3.24 20.03
C VAL F 35 3.15 4.55 19.75
N ASN F 36 4.40 4.47 19.27
CA ASN F 36 5.16 5.66 18.91
C ASN F 36 4.53 6.40 17.73
N ASP F 37 4.02 5.66 16.74
CA ASP F 37 3.41 6.27 15.56
C ASP F 37 2.11 6.98 15.94
N VAL F 38 1.27 6.34 16.76
CA VAL F 38 0.01 6.94 17.16
C VAL F 38 0.23 8.15 18.06
N PHE F 39 1.22 8.07 18.96
CA PHE F 39 1.58 9.20 19.79
C PHE F 39 2.08 10.37 18.95
N GLU F 40 2.90 10.09 17.94
CA GLU F 40 3.40 11.14 17.06
C GLU F 40 2.27 11.78 16.24
N ARG F 41 1.35 10.96 15.72
CA ARG F 41 0.23 11.50 14.95
C ARG F 41 -0.69 12.37 15.80
N ILE F 42 -1.05 11.90 16.99
CA ILE F 42 -1.97 12.65 17.84
C ILE F 42 -1.31 13.91 18.37
N ALA F 43 -0.02 13.84 18.72
CA ALA F 43 0.69 15.02 19.20
C ALA F 43 0.89 16.05 18.09
N GLY F 44 1.18 15.60 16.87
CA GLY F 44 1.30 16.54 15.76
C GLY F 44 -0.02 17.19 15.39
N GLU F 45 -1.11 16.42 15.43
CA GLU F 45 -2.43 16.98 15.17
C GLU F 45 -2.84 17.98 16.25
N ALA F 46 -2.51 17.68 17.51
CA ALA F 46 -2.84 18.60 18.59
C ALA F 46 -1.98 19.86 18.53
N SER F 47 -0.72 19.73 18.10
CA SER F 47 0.12 20.90 17.89
C SER F 47 -0.41 21.78 16.77
N ARG F 48 -0.90 21.17 15.69
CA ARG F 48 -1.52 21.93 14.62
C ARG F 48 -2.81 22.60 15.08
N LEU F 49 -3.61 21.91 15.89
CA LEU F 49 -4.83 22.49 16.45
C LEU F 49 -4.54 23.67 17.36
N ALA F 50 -3.48 23.58 18.16
CA ALA F 50 -3.07 24.71 18.97
C ALA F 50 -2.55 25.86 18.11
N HIS F 51 -1.88 25.53 17.01
CA HIS F 51 -1.34 26.58 16.14
C HIS F 51 -2.42 27.31 15.36
N TYR F 52 -3.48 26.62 14.94
CA TYR F 52 -4.49 27.28 14.13
C TYR F 52 -5.38 28.18 14.98
N ASN F 53 -5.53 27.87 16.27
CA ASN F 53 -6.38 28.63 17.16
C ASN F 53 -5.62 29.69 17.93
N LYS F 54 -4.35 29.92 17.58
CA LYS F 54 -3.43 30.88 18.23
C LYS F 54 -3.30 30.59 19.73
N ARG F 55 -3.24 29.31 20.08
CA ARG F 55 -3.07 28.87 21.45
C ARG F 55 -1.67 28.33 21.63
N SER F 56 -0.99 28.79 22.67
CA SER F 56 0.38 28.37 22.94
C SER F 56 0.45 27.18 23.89
N THR F 57 -0.68 26.63 24.31
CA THR F 57 -0.72 25.51 25.22
C THR F 57 -1.47 24.35 24.59
N ILE F 58 -1.16 23.14 25.07
CA ILE F 58 -1.85 21.93 24.67
C ILE F 58 -2.54 21.37 25.90
N THR F 59 -3.86 21.27 25.85
CA THR F 59 -4.68 20.76 26.94
C THR F 59 -5.37 19.49 26.48
N SER F 60 -6.30 19.00 27.29
CA SER F 60 -7.05 17.80 26.95
C SER F 60 -8.02 18.01 25.79
N ARG F 61 -8.43 19.25 25.53
CA ARG F 61 -9.34 19.53 24.43
C ARG F 61 -8.66 19.32 23.08
N GLU F 62 -7.40 19.74 22.94
CA GLU F 62 -6.65 19.51 21.71
C GLU F 62 -6.42 18.03 21.45
N ILE F 63 -6.10 17.27 22.50
CA ILE F 63 -5.89 15.84 22.33
C ILE F 63 -7.23 15.15 22.01
N GLN F 64 -8.32 15.64 22.60
CA GLN F 64 -9.64 15.07 22.32
C GLN F 64 -10.06 15.32 20.87
N THR F 65 -9.83 16.53 20.37
CA THR F 65 -10.14 16.84 18.98
C THR F 65 -9.20 16.08 18.04
N ALA F 66 -7.96 15.85 18.45
CA ALA F 66 -7.03 15.05 17.64
C ALA F 66 -7.46 13.59 17.57
N VAL F 67 -7.96 13.04 18.67
CA VAL F 67 -8.50 11.68 18.65
C VAL F 67 -9.76 11.61 17.78
N ARG F 68 -10.64 12.60 17.89
CA ARG F 68 -11.84 12.63 17.06
C ARG F 68 -11.54 12.83 15.58
N LEU F 69 -10.42 13.48 15.25
CA LEU F 69 -10.06 13.66 13.85
C LEU F 69 -9.34 12.45 13.28
N LEU F 70 -8.35 11.92 14.00
CA LEU F 70 -7.50 10.86 13.47
C LEU F 70 -8.12 9.48 13.58
N LEU F 71 -8.60 9.11 14.76
CA LEU F 71 -9.24 7.80 14.94
C LEU F 71 -10.60 7.80 14.26
N PRO F 72 -10.87 6.82 13.39
CA PRO F 72 -12.11 6.90 12.59
C PRO F 72 -13.31 6.24 13.24
N GLY F 73 -14.42 6.95 13.26
CA GLY F 73 -15.68 6.36 13.64
C GLY F 73 -15.80 6.02 15.11
N GLU F 74 -16.35 4.84 15.36
CA GLU F 74 -16.74 4.41 16.71
C GLU F 74 -15.52 4.22 17.62
N LEU F 75 -14.37 3.82 17.05
CA LEU F 75 -13.12 3.75 17.80
C LEU F 75 -12.77 5.07 18.46
N ALA F 76 -13.07 6.18 17.77
CA ALA F 76 -12.88 7.50 18.37
C ALA F 76 -13.77 7.68 19.59
N LYS F 77 -15.07 7.36 19.49
CA LYS F 77 -15.98 7.75 20.57
C LYS F 77 -15.77 6.91 21.83
N HIS F 78 -15.41 5.62 21.69
CA HIS F 78 -14.98 4.87 22.88
C HIS F 78 -13.64 5.36 23.42
N ALA F 79 -12.68 5.71 22.54
CA ALA F 79 -11.39 6.19 23.04
C ALA F 79 -11.56 7.52 23.79
N VAL F 80 -12.38 8.41 23.23
CA VAL F 80 -12.75 9.66 23.86
C VAL F 80 -13.39 9.42 25.22
N SER F 81 -14.24 8.38 25.31
CA SER F 81 -14.85 8.05 26.60
C SER F 81 -13.80 7.59 27.61
N GLU F 82 -12.89 6.71 27.17
CA GLU F 82 -11.92 6.11 28.08
C GLU F 82 -10.96 7.15 28.63
N GLY F 83 -10.47 8.02 27.75
CA GLY F 83 -9.66 9.13 28.19
C GLY F 83 -10.40 10.09 29.10
N THR F 84 -11.52 10.67 28.75
CA THR F 84 -12.09 11.66 29.69
C THR F 84 -12.03 11.10 31.10
N LYS F 85 -12.25 9.80 31.27
CA LYS F 85 -12.33 9.17 32.61
C LYS F 85 -11.02 9.35 33.35
N ALA F 86 -9.90 9.13 32.70
CA ALA F 86 -8.60 9.22 33.36
C ALA F 86 -8.37 10.65 33.82
N VAL F 87 -8.66 11.62 32.97
CA VAL F 87 -8.38 13.03 33.36
C VAL F 87 -9.25 13.28 34.58
N THR F 88 -10.47 12.79 34.56
CA THR F 88 -11.39 13.00 35.71
C THR F 88 -10.77 12.43 36.97
N LYS F 89 -10.34 11.18 36.93
CA LYS F 89 -9.72 10.52 38.10
C LYS F 89 -8.51 11.32 38.58
N TYR F 90 -7.62 11.72 37.68
CA TYR F 90 -6.39 12.44 38.08
C TYR F 90 -6.79 13.73 38.77
N THR F 91 -7.74 14.45 38.19
CA THR F 91 -8.16 15.75 38.74
C THR F 91 -8.73 15.54 40.15
N SER F 92 -9.58 14.54 40.33
CA SER F 92 -10.06 14.21 41.70
C SER F 92 -8.84 13.79 42.50
N ALA F 93 -8.08 12.85 41.96
CA ALA F 93 -6.82 12.43 42.55
C ALA F 93 -5.82 13.58 42.67
N HIS G 1 -30.56 17.93 -41.02
CA HIS G 1 -29.15 17.70 -40.73
C HIS G 1 -28.95 17.22 -39.30
N ARG G 2 -28.76 15.92 -39.13
CA ARG G 2 -28.50 15.35 -37.81
C ARG G 2 -27.02 14.99 -37.70
N TYR G 3 -26.52 14.99 -36.47
CA TYR G 3 -25.10 14.78 -36.21
C TYR G 3 -24.85 13.32 -35.85
N ARG G 4 -23.64 12.86 -36.14
CA ARG G 4 -23.26 11.51 -35.75
C ARG G 4 -23.12 11.42 -34.23
N PRO G 5 -23.53 10.29 -33.62
CA PRO G 5 -23.43 10.15 -32.16
C PRO G 5 -21.98 10.00 -31.69
N GLY G 6 -21.46 11.05 -31.07
CA GLY G 6 -20.09 11.01 -30.59
C GLY G 6 -19.31 12.29 -30.85
N THR G 7 -19.62 12.99 -31.95
CA THR G 7 -18.94 14.25 -32.23
C THR G 7 -19.42 15.38 -31.34
N VAL G 8 -20.69 15.32 -30.90
CA VAL G 8 -21.19 16.31 -29.96
C VAL G 8 -20.55 16.12 -28.60
N ALA G 9 -20.37 14.85 -28.19
CA ALA G 9 -19.70 14.54 -26.93
C ALA G 9 -18.24 14.97 -26.97
N LEU G 10 -17.58 14.82 -28.13
CA LEU G 10 -16.22 15.30 -28.28
C LEU G 10 -16.14 16.83 -28.25
N ARG G 11 -17.17 17.50 -28.79
CA ARG G 11 -17.21 18.95 -28.72
C ARG G 11 -17.40 19.43 -27.28
N GLU G 12 -18.24 18.75 -26.50
CA GLU G 12 -18.36 19.12 -25.08
C GLU G 12 -17.11 18.76 -24.29
N ILE G 13 -16.40 17.69 -24.67
CA ILE G 13 -15.14 17.36 -24.02
C ILE G 13 -14.10 18.45 -24.28
N ARG G 14 -14.00 18.90 -25.54
CA ARG G 14 -13.05 19.95 -25.87
C ARG G 14 -13.48 21.32 -25.32
N ARG G 15 -14.77 21.49 -25.06
CA ARG G 15 -15.26 22.77 -24.55
C ARG G 15 -15.08 22.87 -23.03
N TYR G 16 -15.52 21.84 -22.30
CA TYR G 16 -15.50 21.90 -20.84
C TYR G 16 -14.10 21.69 -20.26
N GLN G 17 -13.16 21.16 -21.04
CA GLN G 17 -11.79 21.07 -20.58
C GLN G 17 -11.03 22.39 -20.76
N LYS G 18 -11.58 23.32 -21.55
CA LYS G 18 -10.96 24.62 -21.72
C LYS G 18 -11.38 25.60 -20.63
N SER G 19 -12.68 25.70 -20.37
CA SER G 19 -13.19 26.63 -19.38
C SER G 19 -13.06 26.06 -17.98
N THR G 20 -13.02 26.96 -17.00
CA THR G 20 -12.78 26.60 -15.61
C THR G 20 -13.92 26.96 -14.67
N GLU G 21 -15.13 27.17 -15.19
CA GLU G 21 -16.24 27.52 -14.32
C GLU G 21 -16.73 26.29 -13.57
N LEU G 22 -17.49 26.54 -12.51
CA LEU G 22 -18.07 25.44 -11.74
C LEU G 22 -19.24 24.83 -12.51
N LEU G 23 -19.24 23.51 -12.64
CA LEU G 23 -20.23 22.80 -13.42
C LEU G 23 -21.45 22.37 -12.61
N ILE G 24 -21.49 22.70 -11.31
CA ILE G 24 -22.61 22.40 -10.45
C ILE G 24 -23.20 23.72 -9.97
N ARG G 25 -24.52 23.83 -10.02
CA ARG G 25 -25.21 25.05 -9.60
C ARG G 25 -25.02 25.29 -8.10
N LYS G 26 -25.04 26.56 -7.73
CA LYS G 26 -24.66 26.97 -6.37
C LYS G 26 -25.70 26.55 -5.34
N LEU G 27 -26.97 26.85 -5.60
CA LEU G 27 -28.02 26.58 -4.62
C LEU G 27 -28.28 25.11 -4.31
N PRO G 28 -28.35 24.16 -5.29
CA PRO G 28 -28.44 22.75 -4.89
C PRO G 28 -27.24 22.25 -4.13
N PHE G 29 -26.05 22.77 -4.42
CA PHE G 29 -24.87 22.36 -3.66
C PHE G 29 -24.92 22.91 -2.24
N GLN G 30 -25.38 24.15 -2.05
CA GLN G 30 -25.53 24.69 -0.70
C GLN G 30 -26.57 23.91 0.09
N ARG G 31 -27.67 23.53 -0.54
CA ARG G 31 -28.68 22.72 0.13
C ARG G 31 -28.15 21.34 0.50
N LEU G 32 -27.35 20.73 -0.39
CA LEU G 32 -26.76 19.44 -0.11
C LEU G 32 -25.74 19.51 1.03
N VAL G 33 -24.91 20.56 1.04
CA VAL G 33 -23.94 20.75 2.11
C VAL G 33 -24.63 20.96 3.45
N ARG G 34 -25.71 21.75 3.46
CA ARG G 34 -26.43 21.98 4.72
C ARG G 34 -27.15 20.72 5.20
N GLU G 35 -27.73 19.94 4.29
CA GLU G 35 -28.38 18.68 4.67
C GLU G 35 -27.36 17.67 5.20
N ILE G 36 -26.19 17.59 4.58
CA ILE G 36 -25.14 16.69 5.05
C ILE G 36 -24.59 17.17 6.40
N ALA G 37 -24.48 18.48 6.59
CA ALA G 37 -23.92 19.00 7.82
C ALA G 37 -24.88 18.90 9.00
N GLN G 38 -26.19 18.93 8.76
CA GLN G 38 -27.12 19.08 9.87
C GLN G 38 -27.32 17.79 10.67
N ASP G 39 -26.79 16.65 10.25
CA ASP G 39 -26.95 15.45 11.07
C ASP G 39 -25.86 15.32 12.11
N PHE G 40 -24.69 15.92 11.86
CA PHE G 40 -23.62 15.93 12.84
C PHE G 40 -23.99 16.80 14.03
N LYS G 41 -24.53 17.98 13.76
CA LYS G 41 -25.17 18.80 14.79
C LYS G 41 -26.19 19.70 14.12
N THR G 42 -27.15 20.18 14.90
CA THR G 42 -28.06 21.21 14.41
C THR G 42 -27.45 22.59 14.62
N ASP G 43 -28.05 23.58 13.97
CA ASP G 43 -27.69 25.00 14.05
C ASP G 43 -26.24 25.26 13.62
N LEU G 44 -26.00 25.03 12.34
CA LEU G 44 -24.70 25.27 11.73
C LEU G 44 -24.80 26.42 10.75
N ARG G 45 -23.99 27.45 10.95
CA ARG G 45 -23.87 28.53 9.99
C ARG G 45 -22.69 28.27 9.06
N PHE G 46 -22.80 28.79 7.83
CA PHE G 46 -21.81 28.52 6.80
C PHE G 46 -21.37 29.83 6.15
N GLN G 47 -20.07 30.03 6.08
CA GLN G 47 -19.54 31.10 5.23
C GLN G 47 -19.71 30.73 3.76
N SER G 48 -19.81 31.76 2.92
CA SER G 48 -19.94 31.52 1.48
C SER G 48 -18.67 30.93 0.90
N SER G 49 -17.51 31.38 1.39
CA SER G 49 -16.23 30.86 0.91
C SER G 49 -16.02 29.41 1.33
N ALA G 50 -16.60 28.99 2.46
CA ALA G 50 -16.52 27.60 2.89
C ALA G 50 -17.26 26.67 1.92
N VAL G 51 -18.48 27.06 1.54
CA VAL G 51 -19.25 26.27 0.59
C VAL G 51 -18.60 26.31 -0.79
N MET G 52 -17.99 27.45 -1.15
CA MET G 52 -17.27 27.53 -2.42
C MET G 52 -16.05 26.60 -2.44
N ALA G 53 -15.29 26.57 -1.34
CA ALA G 53 -14.13 25.69 -1.25
C ALA G 53 -14.53 24.23 -1.27
N LEU G 54 -15.64 23.88 -0.60
CA LEU G 54 -16.21 22.55 -0.69
C LEU G 54 -16.62 22.23 -2.13
N GLN G 55 -17.13 23.23 -2.85
CA GLN G 55 -17.55 23.03 -4.23
C GLN G 55 -16.37 22.72 -5.13
N GLU G 56 -15.27 23.50 -5.04
CA GLU G 56 -14.13 23.21 -5.91
C GLU G 56 -13.42 21.92 -5.50
N ALA G 57 -13.47 21.56 -4.21
CA ALA G 57 -12.95 20.26 -3.79
C ALA G 57 -13.75 19.12 -4.42
N SER G 58 -15.07 19.24 -4.42
CA SER G 58 -15.93 18.23 -5.04
C SER G 58 -15.72 18.17 -6.55
N GLU G 59 -15.55 19.33 -7.19
CA GLU G 59 -15.21 19.41 -8.61
C GLU G 59 -13.95 18.66 -8.93
N ALA G 60 -12.85 18.95 -8.22
CA ALA G 60 -11.57 18.32 -8.52
C ALA G 60 -11.60 16.82 -8.25
N TYR G 61 -12.21 16.41 -7.13
CA TYR G 61 -12.31 15.00 -6.78
C TYR G 61 -13.11 14.22 -7.81
N LEU G 62 -14.25 14.78 -8.24
CA LEU G 62 -15.10 14.04 -9.17
C LEU G 62 -14.53 14.04 -10.58
N VAL G 63 -13.88 15.12 -11.01
CA VAL G 63 -13.23 15.12 -12.32
C VAL G 63 -12.08 14.13 -12.36
N ALA G 64 -11.27 14.06 -11.29
CA ALA G 64 -10.20 13.06 -11.25
C ALA G 64 -10.76 11.64 -11.21
N LEU G 65 -11.89 11.45 -10.52
CA LEU G 65 -12.54 10.14 -10.50
C LEU G 65 -13.06 9.76 -11.89
N PHE G 66 -13.64 10.69 -12.65
CA PHE G 66 -14.06 10.33 -14.00
C PHE G 66 -12.89 10.13 -14.96
N GLU G 67 -11.74 10.77 -14.74
CA GLU G 67 -10.57 10.42 -15.53
C GLU G 67 -10.11 8.99 -15.25
N ASP G 68 -10.06 8.60 -13.98
CA ASP G 68 -9.70 7.22 -13.65
C ASP G 68 -10.76 6.22 -14.15
N THR G 69 -12.03 6.61 -14.09
CA THR G 69 -13.12 5.78 -14.58
C THR G 69 -13.05 5.60 -16.09
N ASN G 70 -12.72 6.66 -16.83
CA ASN G 70 -12.55 6.56 -18.27
C ASN G 70 -11.37 5.69 -18.63
N LEU G 71 -10.29 5.76 -17.86
CA LEU G 71 -9.15 4.87 -18.09
C LEU G 71 -9.50 3.42 -17.82
N CYS G 72 -10.31 3.16 -16.78
CA CYS G 72 -10.80 1.81 -16.53
C CYS G 72 -11.68 1.30 -17.66
N ALA G 73 -12.54 2.17 -18.20
CA ALA G 73 -13.44 1.77 -19.27
C ALA G 73 -12.68 1.52 -20.58
N ILE G 74 -11.66 2.32 -20.85
CA ILE G 74 -10.83 2.13 -22.03
C ILE G 74 -10.01 0.85 -21.90
N HIS G 75 -9.53 0.55 -20.69
CA HIS G 75 -8.80 -0.68 -20.43
C HIS G 75 -9.66 -1.92 -20.62
N ALA G 76 -10.97 -1.82 -20.38
CA ALA G 76 -11.89 -2.92 -20.58
C ALA G 76 -12.48 -2.96 -21.98
N LYS G 77 -11.80 -2.32 -22.96
CA LYS G 77 -12.19 -2.28 -24.38
C LYS G 77 -13.59 -1.71 -24.57
N ARG G 78 -13.87 -0.62 -23.88
CA ARG G 78 -15.16 0.05 -23.95
C ARG G 78 -14.94 1.55 -24.05
N VAL G 79 -15.96 2.25 -24.55
CA VAL G 79 -15.99 3.70 -24.54
C VAL G 79 -17.07 4.25 -23.62
N THR G 80 -17.87 3.38 -23.01
CA THR G 80 -18.92 3.77 -22.08
C THR G 80 -18.48 3.46 -20.66
N ILE G 81 -18.57 4.44 -19.78
CA ILE G 81 -18.21 4.23 -18.38
C ILE G 81 -19.38 3.59 -17.65
N MET G 82 -19.06 2.74 -16.68
CA MET G 82 -20.01 1.96 -15.92
C MET G 82 -19.68 2.06 -14.44
N PRO G 83 -20.65 1.78 -13.54
CA PRO G 83 -20.34 1.78 -12.10
C PRO G 83 -19.27 0.79 -11.67
N LYS G 84 -19.07 -0.30 -12.42
CA LYS G 84 -17.97 -1.19 -12.11
C LYS G 84 -16.61 -0.53 -12.36
N ASP G 85 -16.53 0.38 -13.33
CA ASP G 85 -15.30 1.15 -13.54
C ASP G 85 -15.04 2.08 -12.36
N ILE G 86 -16.11 2.70 -11.83
CA ILE G 86 -16.00 3.60 -10.70
C ILE G 86 -15.52 2.85 -9.46
N GLN G 87 -16.12 1.68 -9.19
CA GLN G 87 -15.73 0.94 -7.99
C GLN G 87 -14.34 0.34 -8.15
N LEU G 88 -13.94 -0.02 -9.39
CA LEU G 88 -12.56 -0.46 -9.62
C LEU G 88 -11.56 0.66 -9.37
N ALA G 89 -11.85 1.89 -9.77
CA ALA G 89 -10.85 2.97 -9.60
C ALA G 89 -10.69 3.29 -8.12
N ARG G 90 -11.81 3.44 -7.43
CA ARG G 90 -11.75 3.82 -6.00
C ARG G 90 -10.95 2.77 -5.23
N ARG G 91 -11.11 1.49 -5.53
CA ARG G 91 -10.38 0.42 -4.81
C ARG G 91 -8.88 0.56 -5.07
N ILE G 92 -8.48 0.71 -6.32
CA ILE G 92 -7.02 0.76 -6.62
C ILE G 92 -6.49 2.01 -5.93
N ARG G 93 -7.31 3.05 -5.77
CA ARG G 93 -6.83 4.22 -5.00
C ARG G 93 -6.87 3.89 -3.50
N GLY G 94 -7.74 2.97 -3.06
CA GLY G 94 -7.73 2.72 -1.63
C GLY G 94 -8.95 3.23 -0.90
N GLU G 95 -9.92 3.82 -1.60
CA GLU G 95 -11.11 4.32 -0.95
C GLU G 95 -12.05 3.19 -0.54
N ARG G 96 -12.19 2.17 -1.38
CA ARG G 96 -13.00 1.00 -1.03
C ARG G 96 -12.20 -0.05 -0.26
N ALA G 97 -10.89 0.12 -0.17
CA ALA G 97 -10.05 -0.84 0.54
C ALA G 97 -10.10 -0.61 2.05
N HIS H 1 -0.77 -39.63 -14.40
CA HIS H 1 -1.70 -38.71 -13.75
C HIS H 1 -1.23 -37.27 -13.85
N ARG H 2 -1.80 -36.52 -14.78
CA ARG H 2 -1.48 -35.11 -14.94
C ARG H 2 -2.61 -34.26 -14.37
N TYR H 3 -2.26 -33.05 -13.94
CA TYR H 3 -3.19 -32.17 -13.28
C TYR H 3 -3.77 -31.17 -14.28
N ARG H 4 -4.98 -30.70 -13.98
CA ARG H 4 -5.59 -29.68 -14.82
C ARG H 4 -4.86 -28.35 -14.64
N PRO H 5 -4.70 -27.57 -15.71
CA PRO H 5 -4.00 -26.28 -15.60
C PRO H 5 -4.81 -25.25 -14.84
N GLY H 6 -4.39 -24.94 -13.61
CA GLY H 6 -5.09 -23.97 -12.80
C GLY H 6 -5.26 -24.39 -11.35
N THR H 7 -5.37 -25.69 -11.10
CA THR H 7 -5.49 -26.15 -9.71
C THR H 7 -4.15 -26.09 -8.97
N VAL H 8 -3.04 -26.23 -9.69
CA VAL H 8 -1.74 -26.08 -9.07
C VAL H 8 -1.49 -24.63 -8.70
N ALA H 9 -1.91 -23.71 -9.58
CA ALA H 9 -1.80 -22.28 -9.30
C ALA H 9 -2.68 -21.89 -8.12
N LEU H 10 -3.85 -22.49 -8.00
CA LEU H 10 -4.71 -22.24 -6.84
C LEU H 10 -4.10 -22.81 -5.57
N ARG H 11 -3.42 -23.95 -5.67
CA ARG H 11 -2.73 -24.50 -4.51
C ARG H 11 -1.58 -23.60 -4.05
N GLU H 12 -0.82 -23.05 -5.00
CA GLU H 12 0.23 -22.10 -4.62
C GLU H 12 -0.34 -20.79 -4.09
N ILE H 13 -1.51 -20.37 -4.59
CA ILE H 13 -2.18 -19.18 -4.07
C ILE H 13 -2.60 -19.40 -2.62
N ARG H 14 -3.20 -20.56 -2.34
CA ARG H 14 -3.62 -20.86 -0.97
C ARG H 14 -2.43 -21.16 -0.06
N ARG H 15 -1.29 -21.57 -0.63
CA ARG H 15 -0.13 -21.86 0.19
C ARG H 15 0.65 -20.61 0.54
N TYR H 16 0.96 -19.77 -0.45
CA TYR H 16 1.80 -18.60 -0.22
C TYR H 16 1.06 -17.46 0.48
N GLN H 17 -0.27 -17.49 0.48
CA GLN H 17 -1.02 -16.51 1.27
C GLN H 17 -1.10 -16.88 2.74
N LYS H 18 -0.78 -18.12 3.09
CA LYS H 18 -0.77 -18.54 4.49
C LYS H 18 0.57 -18.23 5.16
N SER H 19 1.66 -18.60 4.52
CA SER H 19 2.98 -18.39 5.11
C SER H 19 3.46 -16.97 4.87
N THR H 20 4.36 -16.52 5.75
CA THR H 20 4.83 -15.15 5.75
C THR H 20 6.33 -15.00 5.50
N GLU H 21 6.97 -16.01 4.92
CA GLU H 21 8.41 -15.90 4.66
C GLU H 21 8.67 -15.01 3.46
N LEU H 22 9.91 -14.55 3.35
CA LEU H 22 10.30 -13.73 2.21
C LEU H 22 10.43 -14.59 0.96
N LEU H 23 9.81 -14.15 -0.13
CA LEU H 23 9.76 -14.91 -1.37
C LEU H 23 10.90 -14.58 -2.31
N ILE H 24 11.80 -13.69 -1.92
CA ILE H 24 12.97 -13.32 -2.71
C ILE H 24 14.21 -13.72 -1.92
N ARG H 25 15.17 -14.35 -2.59
CA ARG H 25 16.40 -14.79 -1.96
C ARG H 25 17.22 -13.61 -1.48
N LYS H 26 17.99 -13.83 -0.41
CA LYS H 26 18.66 -12.74 0.29
C LYS H 26 19.80 -12.16 -0.52
N LEU H 27 20.68 -13.02 -1.04
CA LEU H 27 21.87 -12.55 -1.75
C LEU H 27 21.60 -11.80 -3.06
N PRO H 28 20.71 -12.24 -3.98
CA PRO H 28 20.41 -11.37 -5.14
C PRO H 28 19.79 -10.04 -4.76
N PHE H 29 18.99 -10.00 -3.69
CA PHE H 29 18.43 -8.73 -3.25
C PHE H 29 19.50 -7.82 -2.67
N GLN H 30 20.46 -8.37 -1.92
CA GLN H 30 21.57 -7.56 -1.40
C GLN H 30 22.42 -7.02 -2.54
N ARG H 31 22.68 -7.84 -3.56
CA ARG H 31 23.44 -7.39 -4.72
C ARG H 31 22.69 -6.30 -5.48
N LEU H 32 21.37 -6.45 -5.62
CA LEU H 32 20.57 -5.44 -6.31
C LEU H 32 20.54 -4.12 -5.53
N VAL H 33 20.41 -4.19 -4.20
CA VAL H 33 20.40 -2.99 -3.37
C VAL H 33 21.75 -2.28 -3.44
N ARG H 34 22.85 -3.05 -3.42
CA ARG H 34 24.17 -2.43 -3.50
C ARG H 34 24.42 -1.81 -4.88
N GLU H 35 23.98 -2.47 -5.95
CA GLU H 35 24.13 -1.92 -7.30
C GLU H 35 23.30 -0.65 -7.47
N ILE H 36 22.07 -0.63 -6.94
CA ILE H 36 21.24 0.56 -7.01
C ILE H 36 21.81 1.68 -6.15
N ALA H 37 22.40 1.34 -5.01
CA ALA H 37 22.93 2.36 -4.11
C ALA H 37 24.23 2.96 -4.61
N GLN H 38 25.03 2.20 -5.37
CA GLN H 38 26.38 2.67 -5.65
C GLN H 38 26.45 3.76 -6.73
N ASP H 39 25.35 4.10 -7.40
CA ASP H 39 25.44 5.19 -8.37
C ASP H 39 25.21 6.55 -7.72
N PHE H 40 24.48 6.58 -6.59
CA PHE H 40 24.29 7.82 -5.86
C PHE H 40 25.60 8.29 -5.23
N LYS H 41 26.34 7.36 -4.61
CA LYS H 41 27.71 7.59 -4.20
C LYS H 41 28.42 6.25 -4.13
N THR H 42 29.75 6.28 -4.20
CA THR H 42 30.54 5.10 -3.94
C THR H 42 30.79 4.95 -2.45
N ASP H 43 31.27 3.75 -2.07
CA ASP H 43 31.66 3.40 -0.70
C ASP H 43 30.50 3.54 0.28
N LEU H 44 29.49 2.71 0.10
CA LEU H 44 28.33 2.65 0.98
C LEU H 44 28.32 1.34 1.73
N ARG H 45 28.29 1.41 3.06
CA ARG H 45 28.11 0.24 3.90
C ARG H 45 26.64 0.08 4.25
N PHE H 46 26.23 -1.16 4.46
CA PHE H 46 24.83 -1.49 4.70
C PHE H 46 24.70 -2.36 5.92
N GLN H 47 23.82 -1.97 6.84
CA GLN H 47 23.42 -2.87 7.91
C GLN H 47 22.54 -3.98 7.34
N SER H 48 22.56 -5.13 8.02
CA SER H 48 21.73 -6.26 7.59
C SER H 48 20.25 -5.95 7.77
N SER H 49 19.90 -5.25 8.85
CA SER H 49 18.51 -4.91 9.12
C SER H 49 17.99 -3.88 8.11
N ALA H 50 18.88 -3.04 7.57
CA ALA H 50 18.47 -2.09 6.54
C ALA H 50 18.07 -2.79 5.25
N VAL H 51 18.87 -3.77 4.82
CA VAL H 51 18.54 -4.55 3.63
C VAL H 51 17.30 -5.40 3.87
N MET H 52 17.15 -5.91 5.10
CA MET H 52 15.94 -6.68 5.44
C MET H 52 14.68 -5.80 5.38
N ALA H 53 14.76 -4.58 5.92
CA ALA H 53 13.62 -3.67 5.88
C ALA H 53 13.28 -3.26 4.46
N LEU H 54 14.31 -3.03 3.63
CA LEU H 54 14.09 -2.80 2.21
C LEU H 54 13.43 -4.01 1.55
N GLN H 55 13.80 -5.21 1.99
CA GLN H 55 13.22 -6.42 1.42
C GLN H 55 11.74 -6.55 1.75
N GLU H 56 11.35 -6.33 3.02
CA GLU H 56 9.92 -6.44 3.34
C GLU H 56 9.11 -5.29 2.74
N ALA H 57 9.73 -4.11 2.57
CA ALA H 57 9.06 -3.02 1.86
C ALA H 57 8.79 -3.39 0.41
N SER H 58 9.78 -4.00 -0.26
CA SER H 58 9.60 -4.45 -1.63
C SER H 58 8.57 -5.56 -1.74
N GLU H 59 8.57 -6.48 -0.77
CA GLU H 59 7.55 -7.53 -0.68
C GLU H 59 6.15 -6.96 -0.60
N ALA H 60 5.91 -6.04 0.35
CA ALA H 60 4.57 -5.49 0.54
C ALA H 60 4.13 -4.68 -0.66
N TYR H 61 5.03 -3.85 -1.22
CA TYR H 61 4.70 -3.03 -2.37
C TYR H 61 4.36 -3.88 -3.59
N LEU H 62 5.15 -4.94 -3.84
CA LEU H 62 4.91 -5.73 -5.03
C LEU H 62 3.70 -6.64 -4.87
N VAL H 63 3.45 -7.17 -3.66
CA VAL H 63 2.24 -7.96 -3.44
C VAL H 63 0.98 -7.11 -3.60
N ALA H 64 0.99 -5.88 -3.06
CA ALA H 64 -0.15 -4.99 -3.26
C ALA H 64 -0.33 -4.60 -4.72
N LEU H 65 0.79 -4.44 -5.44
CA LEU H 65 0.71 -4.17 -6.88
C LEU H 65 0.13 -5.34 -7.65
N PHE H 66 0.48 -6.59 -7.30
CA PHE H 66 -0.14 -7.72 -7.99
C PHE H 66 -1.59 -7.92 -7.60
N GLU H 67 -2.02 -7.53 -6.39
CA GLU H 67 -3.45 -7.55 -6.10
C GLU H 67 -4.21 -6.54 -6.96
N ASP H 68 -3.68 -5.32 -7.10
CA ASP H 68 -4.32 -4.34 -7.98
C ASP H 68 -4.27 -4.78 -9.44
N THR H 69 -3.18 -5.43 -9.85
CA THR H 69 -3.03 -5.93 -11.22
C THR H 69 -4.04 -7.05 -11.50
N ASN H 70 -4.23 -7.95 -10.53
CA ASN H 70 -5.22 -9.01 -10.68
C ASN H 70 -6.63 -8.46 -10.75
N LEU H 71 -6.91 -7.40 -9.98
CA LEU H 71 -8.23 -6.76 -10.07
C LEU H 71 -8.43 -6.08 -11.43
N CYS H 72 -7.38 -5.47 -11.98
CA CYS H 72 -7.46 -4.92 -13.33
C CYS H 72 -7.68 -6.00 -14.38
N ALA H 73 -7.03 -7.15 -14.23
CA ALA H 73 -7.18 -8.24 -15.19
C ALA H 73 -8.55 -8.88 -15.11
N ILE H 74 -9.10 -9.00 -13.90
CA ILE H 74 -10.45 -9.53 -13.72
C ILE H 74 -11.49 -8.56 -14.28
N HIS H 75 -11.25 -7.26 -14.09
CA HIS H 75 -12.14 -6.24 -14.65
C HIS H 75 -12.15 -6.25 -16.17
N ALA H 76 -11.05 -6.64 -16.80
CA ALA H 76 -10.97 -6.74 -18.26
C ALA H 76 -11.38 -8.10 -18.79
N LYS H 77 -12.15 -8.87 -18.00
CA LYS H 77 -12.68 -10.20 -18.34
C LYS H 77 -11.55 -11.18 -18.70
N ARG H 78 -10.50 -11.18 -17.90
CA ARG H 78 -9.35 -12.05 -18.11
C ARG H 78 -8.94 -12.65 -16.77
N VAL H 79 -8.22 -13.77 -16.86
CA VAL H 79 -7.57 -14.37 -15.69
C VAL H 79 -6.07 -14.29 -15.76
N THR H 80 -5.51 -13.77 -16.86
CA THR H 80 -4.08 -13.61 -17.03
C THR H 80 -3.71 -12.14 -16.87
N ILE H 81 -2.73 -11.87 -16.03
CA ILE H 81 -2.27 -10.50 -15.83
C ILE H 81 -1.29 -10.13 -16.94
N MET H 82 -1.32 -8.87 -17.33
CA MET H 82 -0.53 -8.32 -18.42
C MET H 82 0.12 -7.02 -17.98
N PRO H 83 1.19 -6.58 -18.66
CA PRO H 83 1.80 -5.28 -18.31
C PRO H 83 0.87 -4.09 -18.45
N LYS H 84 -0.15 -4.16 -19.30
CA LYS H 84 -1.13 -3.09 -19.37
C LYS H 84 -1.94 -3.00 -18.09
N ASP H 85 -2.17 -4.13 -17.41
CA ASP H 85 -2.84 -4.10 -16.11
C ASP H 85 -1.95 -3.42 -15.06
N ILE H 86 -0.65 -3.69 -15.10
CA ILE H 86 0.30 -3.08 -14.18
C ILE H 86 0.36 -1.57 -14.38
N GLN H 87 0.44 -1.12 -15.64
CA GLN H 87 0.54 0.32 -15.87
C GLN H 87 -0.78 1.02 -15.59
N LEU H 88 -1.88 0.26 -15.62
CA LEU H 88 -3.17 0.88 -15.20
C LEU H 88 -3.13 1.03 -13.69
N ALA H 89 -2.72 0.00 -12.99
CA ALA H 89 -2.73 0.04 -11.52
C ALA H 89 -1.89 1.22 -11.06
N ARG H 90 -0.65 1.31 -11.53
CA ARG H 90 0.26 2.39 -11.08
C ARG H 90 -0.27 3.75 -11.51
N ARG H 91 -0.86 3.86 -12.69
CA ARG H 91 -1.47 5.16 -13.10
C ARG H 91 -2.58 5.54 -12.12
N ILE H 92 -3.49 4.64 -11.81
CA ILE H 92 -4.65 5.02 -10.97
C ILE H 92 -4.12 5.30 -9.57
N ARG H 93 -3.01 4.69 -9.20
CA ARG H 93 -2.42 4.95 -7.87
C ARG H 93 -1.75 6.31 -7.90
N GLY H 94 -1.43 6.81 -9.09
CA GLY H 94 -0.72 8.08 -9.11
C GLY H 94 0.77 7.96 -9.31
N GLU H 95 1.31 6.75 -9.48
CA GLU H 95 2.74 6.57 -9.68
C GLU H 95 3.16 6.98 -11.08
N ARG H 96 2.35 6.66 -12.10
CA ARG H 96 2.63 7.09 -13.46
C ARG H 96 2.07 8.46 -13.78
N ALA H 97 1.26 9.02 -12.87
CA ALA H 97 0.67 10.34 -13.08
C ALA H 97 1.67 11.44 -12.76
N LYS I 1 10.52 45.94 -19.09
CA LYS I 1 11.03 45.79 -20.45
C LYS I 1 11.67 44.42 -20.64
N ILE I 2 12.97 44.33 -20.40
CA ILE I 2 13.71 43.08 -20.52
C ILE I 2 13.71 42.38 -19.18
N PRO I 3 13.53 41.05 -19.13
CA PRO I 3 13.53 40.34 -17.85
C PRO I 3 14.94 40.25 -17.27
N THR I 4 15.06 40.57 -15.99
CA THR I 4 16.33 40.52 -15.30
C THR I 4 16.63 39.17 -14.68
N ARG I 5 15.66 38.25 -14.69
CA ARG I 5 15.83 36.94 -14.09
C ARG I 5 15.41 35.87 -15.08
N PHE I 6 16.21 34.82 -15.19
CA PHE I 6 15.95 33.71 -16.09
C PHE I 6 16.09 32.39 -15.34
N SER I 7 15.67 31.32 -15.99
CA SER I 7 15.73 29.98 -15.41
C SER I 7 16.87 29.21 -16.06
N ASN I 8 17.70 28.59 -15.24
CA ASN I 8 18.78 27.72 -15.72
C ASN I 8 18.31 26.30 -15.96
N ARG I 9 17.05 26.00 -15.65
CA ARG I 9 16.49 24.68 -15.91
C ARG I 9 16.25 24.48 -17.40
N GLN I 10 16.70 23.35 -17.93
CA GLN I 10 16.57 23.03 -19.35
C GLN I 10 15.29 22.26 -19.65
N ASN I 11 14.18 22.76 -19.13
CA ASN I 11 12.87 22.19 -19.43
C ASN I 11 12.47 22.52 -20.86
N LYS I 12 11.69 21.62 -21.46
CA LYS I 12 11.29 21.78 -22.84
C LYS I 12 10.23 22.88 -22.98
N THR I 13 10.17 23.48 -24.17
CA THR I 13 9.20 24.51 -24.44
C THR I 13 7.83 23.89 -24.64
N VAL I 14 6.83 24.42 -23.92
CA VAL I 14 5.47 23.88 -23.93
C VAL I 14 4.55 24.94 -24.49
N ASN I 15 3.76 24.56 -25.50
CA ASN I 15 2.74 25.45 -26.04
C ASN I 15 1.54 25.44 -25.09
N TYR I 16 1.27 26.59 -24.47
CA TYR I 16 0.22 26.70 -23.47
C TYR I 16 -1.10 27.20 -24.06
N ASN I 17 -1.19 27.30 -25.38
CA ASN I 17 -2.41 27.81 -26.02
C ASN I 17 -3.51 26.76 -25.92
N ILE I 18 -4.49 27.01 -25.05
CA ILE I 18 -5.62 26.08 -24.88
C ILE I 18 -6.77 26.41 -25.81
N ASP I 19 -6.62 27.40 -26.70
CA ASP I 19 -7.66 27.69 -27.66
C ASP I 19 -7.73 26.60 -28.72
N TYR I 20 -8.95 26.22 -29.08
CA TYR I 20 -9.19 25.11 -29.98
C TYR I 20 -10.11 25.55 -31.11
N SER I 21 -10.03 24.82 -32.21
CA SER I 21 -10.92 25.02 -33.35
C SER I 21 -11.54 23.69 -33.75
N ASP I 22 -12.84 23.71 -34.02
CA ASP I 22 -13.57 22.52 -34.43
C ASP I 22 -13.67 22.40 -35.95
N ASP I 23 -12.70 22.95 -36.67
CA ASP I 23 -12.72 22.88 -38.12
C ASP I 23 -12.40 21.48 -38.63
N ASP I 24 -11.51 20.76 -37.93
CA ASP I 24 -11.21 19.38 -38.30
C ASP I 24 -12.35 18.43 -37.99
N LEU I 25 -13.24 18.81 -37.08
CA LEU I 25 -14.39 18.00 -36.71
C LEU I 25 -15.62 18.34 -37.55
N LEU I 26 -15.43 18.97 -38.71
CA LEU I 26 -16.53 19.40 -39.56
C LEU I 26 -17.03 18.28 -40.47
N GLU I 27 -16.43 17.09 -40.41
CA GLU I 27 -16.87 15.97 -41.25
C GLU I 27 -18.25 15.46 -40.83
N SER I 28 -18.58 15.55 -39.55
CA SER I 28 -19.92 15.24 -39.07
C SER I 28 -20.71 16.48 -38.67
N GLU I 29 -20.10 17.66 -38.79
CA GLU I 29 -20.76 18.93 -38.51
C GLU I 29 -21.37 19.43 -39.82
N ASP I 30 -21.73 20.72 -39.92
CA ASP I 30 -22.47 21.24 -41.06
C ASP I 30 -21.69 21.16 -42.38
N ASP I 31 -20.37 21.08 -42.32
CA ASP I 31 -19.58 20.92 -43.54
C ASP I 31 -19.43 19.44 -43.90
N PHE I 55 -37.89 29.32 -44.46
CA PHE I 55 -38.18 29.09 -43.04
C PHE I 55 -39.67 29.19 -42.76
N HIS I 56 -40.44 28.28 -43.34
CA HIS I 56 -41.89 28.24 -43.16
C HIS I 56 -42.25 26.94 -42.44
N GLY I 57 -42.69 27.07 -41.18
CA GLY I 57 -43.08 25.92 -40.41
C GLY I 57 -44.09 26.31 -39.36
N ILE I 58 -44.73 25.30 -38.77
CA ILE I 58 -45.78 25.53 -37.79
C ILE I 58 -45.14 25.97 -36.48
N ASP I 59 -45.56 27.14 -35.98
CA ASP I 59 -45.05 27.67 -34.71
C ASP I 59 -46.12 27.65 -33.62
N ILE I 60 -47.27 28.26 -33.86
CA ILE I 60 -48.31 28.38 -32.83
C ILE I 60 -49.59 27.81 -33.39
N VAL I 61 -50.25 26.94 -32.63
CA VAL I 61 -51.55 26.41 -33.00
C VAL I 61 -52.57 27.02 -32.05
N ILE I 62 -53.59 27.68 -32.60
CA ILE I 62 -54.47 28.53 -31.80
C ILE I 62 -55.79 27.82 -31.51
N ASN I 63 -56.55 27.51 -32.56
CA ASN I 63 -57.92 27.04 -32.39
C ASN I 63 -58.17 25.84 -33.29
N HIS I 64 -59.14 25.02 -32.89
CA HIS I 64 -59.54 23.84 -33.63
C HIS I 64 -61.05 23.86 -33.82
N ARG I 65 -61.50 23.24 -34.92
CA ARG I 65 -62.92 23.15 -35.24
C ARG I 65 -63.30 21.70 -35.45
N LEU I 66 -64.50 21.34 -34.99
CA LEU I 66 -64.94 19.95 -35.01
C LEU I 66 -65.28 19.45 -36.41
N LYS I 67 -65.53 20.36 -37.36
CA LYS I 67 -65.82 19.98 -38.73
C LYS I 67 -64.56 20.19 -39.57
N THR I 68 -64.05 19.11 -40.16
CA THR I 68 -62.83 19.22 -40.96
C THR I 68 -63.10 19.87 -42.31
N SER I 69 -63.95 19.25 -43.12
CA SER I 69 -64.35 19.80 -44.42
C SER I 69 -65.83 20.09 -44.50
N LEU I 70 -66.67 19.15 -44.10
CA LEU I 70 -68.11 19.34 -44.08
C LEU I 70 -68.72 18.53 -42.95
N GLU I 71 -69.90 18.94 -42.52
CA GLU I 71 -70.61 18.25 -41.43
C GLU I 71 -71.26 17.00 -42.00
N GLU I 72 -70.67 15.85 -41.72
CA GLU I 72 -71.24 14.58 -42.18
C GLU I 72 -72.50 14.22 -41.40
N GLY I 73 -72.53 14.52 -40.12
CA GLY I 73 -73.69 14.24 -39.31
C GLY I 73 -73.36 14.36 -37.83
N LYS I 74 -74.41 14.22 -37.02
CA LYS I 74 -74.28 14.27 -35.58
C LYS I 74 -74.13 12.90 -34.94
N VAL I 75 -74.03 11.84 -35.74
CA VAL I 75 -73.90 10.48 -35.23
C VAL I 75 -72.47 10.25 -34.77
N LEU I 76 -72.27 9.14 -34.03
CA LEU I 76 -70.97 8.73 -33.47
C LEU I 76 -70.36 9.81 -32.59
N GLU I 77 -71.20 10.44 -31.77
CA GLU I 77 -70.74 11.47 -30.85
C GLU I 77 -70.24 10.91 -29.52
N LYS I 78 -70.36 9.61 -29.30
CA LYS I 78 -69.93 8.99 -28.06
C LYS I 78 -68.47 8.55 -28.19
N THR I 79 -67.99 7.80 -27.19
CA THR I 79 -66.64 7.22 -27.09
C THR I 79 -65.54 8.27 -27.17
N VAL I 80 -64.31 7.83 -27.47
CA VAL I 80 -63.18 8.75 -27.61
C VAL I 80 -62.53 8.54 -28.98
N PRO I 81 -62.07 9.60 -29.63
CA PRO I 81 -61.27 9.43 -30.85
C PRO I 81 -59.80 9.26 -30.55
N ASP I 82 -59.12 8.56 -31.45
CA ASP I 82 -57.68 8.36 -31.35
C ASP I 82 -56.95 9.47 -32.10
N LEU I 83 -55.64 9.33 -32.24
CA LEU I 83 -54.85 10.35 -32.94
C LEU I 83 -55.12 10.32 -34.44
N ASN I 84 -55.21 9.12 -35.02
CA ASN I 84 -55.52 9.01 -36.45
C ASN I 84 -56.95 9.40 -36.76
N ASN I 85 -57.86 9.21 -35.81
CA ASN I 85 -59.24 9.70 -35.98
C ASN I 85 -59.29 11.22 -35.93
N CYS I 86 -58.48 11.83 -35.07
CA CYS I 86 -58.40 13.28 -34.99
C CYS I 86 -57.56 13.90 -36.09
N LYS I 87 -56.79 13.10 -36.83
CA LYS I 87 -56.01 13.62 -37.94
C LYS I 87 -56.88 14.04 -39.11
N GLU I 88 -58.07 13.45 -39.24
CA GLU I 88 -58.96 13.73 -40.36
C GLU I 88 -60.29 14.35 -39.95
N ASN I 89 -60.50 14.57 -38.65
CA ASN I 89 -61.78 15.09 -38.18
C ASN I 89 -61.74 16.56 -37.79
N TYR I 90 -60.55 17.13 -37.59
CA TYR I 90 -60.42 18.49 -37.09
C TYR I 90 -59.51 19.30 -38.02
N GLU I 91 -59.79 20.60 -38.08
CA GLU I 91 -58.91 21.56 -38.74
C GLU I 91 -58.40 22.55 -37.71
N PHE I 92 -57.11 22.89 -37.80
CA PHE I 92 -56.43 23.66 -36.77
C PHE I 92 -55.99 25.00 -37.34
N LEU I 93 -56.05 26.04 -36.51
CA LEU I 93 -55.60 27.37 -36.88
C LEU I 93 -54.10 27.48 -36.62
N ILE I 94 -53.34 27.84 -37.65
CA ILE I 94 -51.89 27.81 -37.61
C ILE I 94 -51.36 29.22 -37.82
N LYS I 95 -50.53 29.66 -36.86
CA LYS I 95 -49.65 30.81 -37.04
C LYS I 95 -48.24 30.26 -37.32
N TRP I 96 -47.71 30.61 -38.49
CA TRP I 96 -46.52 29.98 -39.02
C TRP I 96 -45.26 30.71 -38.56
N THR I 97 -44.12 30.28 -39.06
CA THR I 97 -42.83 30.87 -38.71
C THR I 97 -42.64 32.19 -39.44
N ASP I 98 -42.19 33.21 -38.70
CA ASP I 98 -41.93 34.57 -39.19
C ASP I 98 -43.17 35.18 -39.84
N GLU I 99 -44.33 34.95 -39.24
CA GLU I 99 -45.60 35.47 -39.72
C GLU I 99 -46.14 36.50 -38.73
N SER I 100 -47.29 37.08 -39.09
CA SER I 100 -47.79 38.29 -38.43
C SER I 100 -49.14 38.09 -37.75
N HIS I 101 -49.52 36.84 -37.49
CA HIS I 101 -50.78 36.42 -36.86
C HIS I 101 -52.02 36.78 -37.68
N LEU I 102 -51.85 37.30 -38.90
CA LEU I 102 -52.96 37.57 -39.81
C LEU I 102 -53.03 36.56 -40.95
N HIS I 103 -51.94 35.84 -41.20
CA HIS I 103 -51.90 34.76 -42.18
C HIS I 103 -52.12 33.41 -41.53
N ASN I 104 -52.88 33.37 -40.44
CA ASN I 104 -53.20 32.11 -39.77
C ASN I 104 -54.15 31.30 -40.65
N THR I 105 -53.82 30.03 -40.85
CA THR I 105 -54.53 29.20 -41.82
C THR I 105 -55.23 28.05 -41.11
N TRP I 106 -56.44 27.74 -41.57
CA TRP I 106 -57.18 26.57 -41.08
C TRP I 106 -56.73 25.38 -41.91
N GLU I 107 -55.89 24.53 -41.32
CA GLU I 107 -55.24 23.45 -42.04
C GLU I 107 -55.67 22.10 -41.48
N THR I 108 -55.25 21.04 -42.19
CA THR I 108 -55.54 19.67 -41.83
C THR I 108 -54.24 18.89 -41.98
N TYR I 109 -54.17 17.72 -41.32
CA TYR I 109 -52.94 16.93 -41.29
C TYR I 109 -52.52 16.47 -42.68
N GLU I 110 -53.47 16.06 -43.51
CA GLU I 110 -53.14 15.71 -44.89
C GLU I 110 -52.89 16.94 -45.75
N SER I 111 -53.34 18.11 -45.33
CA SER I 111 -53.08 19.34 -46.06
C SER I 111 -51.75 19.99 -45.70
N ILE I 112 -51.04 19.46 -44.71
CA ILE I 112 -49.76 20.01 -44.28
C ILE I 112 -48.60 19.29 -44.94
N GLY I 113 -48.56 17.97 -44.85
CA GLY I 113 -47.43 17.19 -45.34
C GLY I 113 -46.42 16.94 -44.23
N GLN I 114 -45.16 17.32 -44.49
CA GLN I 114 -44.07 17.14 -43.52
C GLN I 114 -43.32 18.46 -43.41
N VAL I 115 -43.75 19.32 -42.49
CA VAL I 115 -43.09 20.60 -42.24
C VAL I 115 -42.55 20.59 -40.82
N ARG I 116 -41.74 21.60 -40.52
CA ARG I 116 -41.21 21.76 -39.17
C ARG I 116 -42.31 22.19 -38.21
N GLY I 117 -42.23 21.72 -36.98
CA GLY I 117 -43.24 22.04 -35.99
C GLY I 117 -44.48 21.18 -36.04
N LEU I 118 -44.42 20.02 -36.70
CA LEU I 118 -45.57 19.13 -36.76
C LEU I 118 -45.87 18.50 -35.41
N LYS I 119 -44.85 18.24 -34.60
CA LYS I 119 -45.08 17.67 -33.28
C LYS I 119 -45.62 18.71 -32.30
N ARG I 120 -45.47 20.01 -32.58
CA ARG I 120 -46.22 21.00 -31.83
C ARG I 120 -47.72 20.82 -32.04
N LEU I 121 -48.13 20.58 -33.29
CA LEU I 121 -49.52 20.29 -33.59
C LEU I 121 -49.95 18.98 -32.96
N ASP I 122 -49.05 17.98 -32.96
CA ASP I 122 -49.35 16.71 -32.32
C ASP I 122 -49.57 16.86 -30.81
N ASN I 123 -48.70 17.64 -30.15
CA ASN I 123 -48.83 17.87 -28.71
C ASN I 123 -50.09 18.65 -28.37
N TYR I 124 -50.39 19.68 -29.18
CA TYR I 124 -51.64 20.44 -29.06
C TYR I 124 -52.84 19.52 -29.15
N CYS I 125 -52.87 18.70 -30.21
CA CYS I 125 -53.99 17.81 -30.49
C CYS I 125 -54.20 16.81 -29.36
N LYS I 126 -53.13 16.09 -28.96
CA LYS I 126 -53.28 15.08 -27.93
C LYS I 126 -53.62 15.70 -26.58
N GLN I 127 -52.99 16.82 -26.20
CA GLN I 127 -53.19 17.37 -24.87
C GLN I 127 -54.58 17.99 -24.73
N PHE I 128 -54.93 18.94 -25.62
CA PHE I 128 -56.25 19.56 -25.56
C PHE I 128 -57.38 18.57 -25.82
N ILE I 129 -57.24 17.68 -26.83
CA ILE I 129 -58.35 16.81 -27.17
C ILE I 129 -58.58 15.75 -26.09
N ILE I 130 -57.50 15.13 -25.57
CA ILE I 130 -57.66 14.07 -24.58
C ILE I 130 -58.20 14.62 -23.26
N GLU I 131 -57.61 15.70 -22.71
CA GLU I 131 -58.26 16.07 -21.44
C GLU I 131 -59.50 16.94 -21.61
N ASP I 132 -59.77 17.50 -22.80
CA ASP I 132 -61.06 18.14 -23.03
C ASP I 132 -62.18 17.11 -23.07
N GLN I 133 -62.00 16.03 -23.84
CA GLN I 133 -63.02 14.99 -23.84
C GLN I 133 -63.01 14.18 -22.54
N GLN I 134 -61.91 14.19 -21.79
CA GLN I 134 -61.90 13.54 -20.48
C GLN I 134 -62.72 14.33 -19.47
N VAL I 135 -62.59 15.66 -19.45
CA VAL I 135 -63.39 16.46 -18.54
C VAL I 135 -64.83 16.59 -19.04
N ARG I 136 -65.08 16.37 -20.34
CA ARG I 136 -66.46 16.33 -20.82
C ARG I 136 -67.15 15.00 -20.52
N LEU I 137 -66.41 13.89 -20.54
CA LEU I 137 -67.01 12.57 -20.40
C LEU I 137 -66.88 11.99 -19.00
N ASP I 138 -66.24 12.69 -18.06
CA ASP I 138 -66.12 12.11 -16.73
C ASP I 138 -67.41 12.34 -15.92
N PRO I 139 -67.72 11.44 -15.00
CA PRO I 139 -68.91 11.64 -14.15
C PRO I 139 -68.58 12.48 -12.92
N TYR I 140 -67.31 12.51 -12.53
CA TYR I 140 -66.87 13.30 -11.38
C TYR I 140 -66.35 14.65 -11.86
N VAL I 141 -67.28 15.46 -12.36
CA VAL I 141 -66.99 16.80 -12.84
C VAL I 141 -68.00 17.75 -12.21
N THR I 142 -67.51 18.76 -11.49
CA THR I 142 -68.36 19.78 -10.91
C THR I 142 -68.57 20.91 -11.92
N ALA I 143 -69.58 21.74 -11.64
CA ALA I 143 -69.87 22.86 -12.51
C ALA I 143 -68.82 23.97 -12.38
N GLU I 144 -68.19 24.08 -11.20
CA GLU I 144 -67.17 25.10 -10.99
C GLU I 144 -65.94 24.84 -11.85
N ASP I 145 -65.51 23.58 -11.94
CA ASP I 145 -64.35 23.22 -12.75
C ASP I 145 -64.63 23.46 -14.24
N ILE I 146 -65.83 23.10 -14.70
CA ILE I 146 -66.14 23.29 -16.11
C ILE I 146 -66.31 24.77 -16.45
N GLU I 147 -66.79 25.59 -15.50
CA GLU I 147 -66.91 27.01 -15.82
C GLU I 147 -65.57 27.73 -15.75
N ILE I 148 -64.66 27.33 -14.84
CA ILE I 148 -63.34 27.97 -14.83
C ILE I 148 -62.52 27.55 -16.05
N MET I 149 -62.67 26.30 -16.51
CA MET I 149 -61.94 25.93 -17.72
C MET I 149 -62.56 26.55 -18.97
N ASP I 150 -63.89 26.76 -18.97
CA ASP I 150 -64.53 27.43 -20.10
C ASP I 150 -64.12 28.90 -20.18
N MET I 151 -64.05 29.59 -19.02
CA MET I 151 -63.63 30.98 -19.06
C MET I 151 -62.13 31.10 -19.33
N GLU I 152 -61.34 30.10 -18.93
CA GLU I 152 -59.92 30.08 -19.32
C GLU I 152 -59.76 29.87 -20.81
N ARG I 153 -60.59 29.02 -21.41
CA ARG I 153 -60.59 28.83 -22.86
C ARG I 153 -61.00 30.11 -23.59
N GLU I 154 -62.01 30.81 -23.06
CA GLU I 154 -62.45 32.07 -23.67
C GLU I 154 -61.39 33.16 -23.56
N ARG I 155 -60.70 33.22 -22.41
CA ARG I 155 -59.62 34.20 -22.27
C ARG I 155 -58.42 33.85 -23.15
N ARG I 156 -58.13 32.57 -23.34
CA ARG I 156 -57.12 32.16 -24.30
C ARG I 156 -57.52 32.56 -25.72
N LEU I 157 -58.81 32.39 -26.04
CA LEU I 157 -59.33 32.75 -27.37
C LEU I 157 -59.20 34.24 -27.64
N ASP I 158 -59.59 35.09 -26.68
CA ASP I 158 -59.53 36.51 -27.00
C ASP I 158 -58.12 37.09 -26.82
N GLU I 159 -57.25 36.48 -26.01
CA GLU I 159 -55.86 36.95 -26.01
C GLU I 159 -55.14 36.53 -27.28
N PHE I 160 -55.54 35.42 -27.90
CA PHE I 160 -55.00 35.08 -29.21
C PHE I 160 -55.61 35.93 -30.31
N GLU I 161 -56.87 36.35 -30.15
CA GLU I 161 -57.50 37.23 -31.13
C GLU I 161 -56.99 38.66 -31.03
N GLU I 162 -56.44 39.05 -29.86
CA GLU I 162 -55.87 40.38 -29.68
C GLU I 162 -54.64 40.62 -30.56
N PHE I 163 -53.94 39.55 -30.97
CA PHE I 163 -52.73 39.69 -31.77
C PHE I 163 -53.00 40.19 -33.18
N HIS I 164 -54.25 40.12 -33.66
CA HIS I 164 -54.56 40.59 -35.00
C HIS I 164 -54.53 42.11 -35.11
N VAL I 165 -54.79 42.81 -34.02
CA VAL I 165 -54.88 44.27 -34.06
C VAL I 165 -53.48 44.87 -34.04
N PRO I 166 -53.16 45.77 -34.97
CA PRO I 166 -51.89 46.50 -34.87
C PRO I 166 -51.93 47.52 -33.73
N GLU I 167 -50.74 47.86 -33.25
CA GLU I 167 -50.62 48.81 -32.15
C GLU I 167 -49.70 49.97 -32.48
N ARG I 168 -48.64 49.73 -33.25
CA ARG I 168 -47.69 50.78 -33.60
C ARG I 168 -46.97 50.39 -34.87
N ILE I 169 -46.78 51.38 -35.75
CA ILE I 169 -46.00 51.19 -36.97
C ILE I 169 -44.62 51.80 -36.73
N ILE I 170 -43.59 50.96 -36.86
CA ILE I 170 -42.23 51.38 -36.52
C ILE I 170 -41.60 52.09 -37.70
N ASP I 171 -41.50 51.40 -38.83
CA ASP I 171 -40.79 51.93 -39.99
C ASP I 171 -41.51 51.50 -41.26
N SER I 172 -41.28 52.25 -42.33
CA SER I 172 -41.81 51.94 -43.65
C SER I 172 -40.66 51.87 -44.65
N GLN I 173 -40.86 51.09 -45.70
CA GLN I 173 -39.81 50.87 -46.68
C GLN I 173 -40.43 50.56 -48.04
N ARG I 174 -39.60 50.64 -49.07
CA ARG I 174 -39.98 50.29 -50.44
C ARG I 174 -39.23 49.01 -50.80
N ALA I 175 -39.96 47.90 -50.85
CA ALA I 175 -39.38 46.59 -51.10
C ALA I 175 -39.83 46.06 -52.45
N SER I 176 -38.91 45.45 -53.18
CA SER I 176 -39.17 44.89 -54.50
C SER I 176 -39.47 43.40 -54.35
N LEU I 177 -40.65 42.99 -54.81
CA LEU I 177 -41.06 41.61 -54.76
C LEU I 177 -40.64 40.89 -56.04
N GLU I 178 -41.14 39.67 -56.24
CA GLU I 178 -40.86 38.90 -57.46
C GLU I 178 -41.68 39.49 -58.60
N ASP I 179 -41.02 40.32 -59.41
CA ASP I 179 -41.62 41.07 -60.53
C ASP I 179 -42.81 41.92 -60.08
N GLY I 180 -42.68 42.53 -58.90
CA GLY I 180 -43.71 43.39 -58.35
C GLY I 180 -43.39 44.87 -58.32
N THR I 181 -42.34 45.30 -59.04
CA THR I 181 -41.84 46.70 -59.09
C THR I 181 -41.50 47.14 -57.67
N SER I 182 -42.18 48.13 -57.11
CA SER I 182 -41.93 48.58 -55.75
C SER I 182 -43.21 48.49 -54.94
N GLN I 183 -43.08 48.00 -53.71
CA GLN I 183 -44.21 47.82 -52.80
C GLN I 183 -43.93 48.51 -51.48
N LEU I 184 -44.94 49.18 -50.94
CA LEU I 184 -44.82 49.87 -49.67
C LEU I 184 -45.03 48.87 -48.53
N GLN I 185 -43.99 48.67 -47.71
CA GLN I 185 -44.01 47.70 -46.64
C GLN I 185 -43.93 48.43 -45.30
N TYR I 186 -44.78 48.03 -44.36
CA TYR I 186 -44.83 48.62 -43.03
C TYR I 186 -44.31 47.63 -42.00
N LEU I 187 -43.53 48.14 -41.05
CA LEU I 187 -43.09 47.35 -39.90
C LEU I 187 -44.13 47.51 -38.80
N VAL I 188 -44.81 46.43 -38.46
CA VAL I 188 -46.01 46.45 -37.63
C VAL I 188 -45.71 45.74 -36.32
N LYS I 189 -46.05 46.40 -35.21
CA LYS I 189 -46.07 45.81 -33.89
C LYS I 189 -47.51 45.54 -33.49
N TRP I 190 -47.72 44.49 -32.70
CA TRP I 190 -49.06 44.08 -32.29
C TRP I 190 -49.29 44.47 -30.83
N ARG I 191 -50.44 44.09 -30.30
CA ARG I 191 -50.88 44.61 -29.00
C ARG I 191 -50.10 44.02 -27.85
N ARG I 192 -50.20 42.71 -27.65
CA ARG I 192 -49.52 42.06 -26.54
C ARG I 192 -48.19 41.42 -26.93
N LEU I 193 -47.87 41.41 -28.22
CA LEU I 193 -46.56 40.95 -28.66
C LEU I 193 -45.53 42.04 -28.45
N ASN I 194 -44.26 41.66 -28.58
CA ASN I 194 -43.15 42.58 -28.37
C ASN I 194 -42.48 42.90 -29.70
N TYR I 195 -41.37 43.64 -29.62
CA TYR I 195 -40.71 44.13 -30.82
C TYR I 195 -39.93 43.05 -31.55
N ASP I 196 -39.67 41.91 -30.93
CA ASP I 196 -39.09 40.78 -31.66
C ASP I 196 -40.10 40.12 -32.58
N GLU I 197 -41.40 40.34 -32.36
CA GLU I 197 -42.46 39.83 -33.21
C GLU I 197 -42.96 40.86 -34.21
N ALA I 198 -42.28 42.00 -34.34
CA ALA I 198 -42.66 42.99 -35.32
C ALA I 198 -42.40 42.47 -36.73
N THR I 199 -43.35 42.70 -37.63
CA THR I 199 -43.36 42.03 -38.93
C THR I 199 -43.47 43.02 -40.06
N TRP I 200 -42.90 42.66 -41.20
CA TRP I 200 -43.06 43.43 -42.43
C TRP I 200 -44.36 42.99 -43.11
N GLU I 201 -45.25 43.94 -43.37
CA GLU I 201 -46.55 43.63 -43.93
C GLU I 201 -46.88 44.61 -45.04
N ASN I 202 -47.86 44.24 -45.86
CA ASN I 202 -48.32 45.09 -46.94
C ASN I 202 -49.01 46.34 -46.38
N ALA I 203 -48.95 47.42 -47.15
CA ALA I 203 -49.58 48.67 -46.72
C ALA I 203 -51.09 48.63 -46.85
N THR I 204 -51.62 47.87 -47.82
CA THR I 204 -53.02 47.96 -48.19
C THR I 204 -53.94 47.41 -47.10
N ASP I 205 -53.63 46.21 -46.59
CA ASP I 205 -54.46 45.64 -45.53
C ASP I 205 -54.24 46.34 -44.19
N ILE I 206 -53.07 46.95 -44.00
CA ILE I 206 -52.84 47.74 -42.78
C ILE I 206 -53.69 49.00 -42.78
N VAL I 207 -53.72 49.72 -43.90
CA VAL I 207 -54.55 50.92 -43.96
C VAL I 207 -56.03 50.58 -44.15
N LYS I 208 -56.36 49.35 -44.53
CA LYS I 208 -57.75 48.90 -44.52
C LYS I 208 -58.17 48.30 -43.19
N LEU I 209 -57.22 48.05 -42.28
CA LEU I 209 -57.52 47.48 -40.98
C LEU I 209 -57.68 48.56 -39.91
N ALA I 210 -56.65 49.37 -39.69
CA ALA I 210 -56.67 50.41 -38.68
C ALA I 210 -55.98 51.66 -39.23
N PRO I 211 -56.73 52.57 -39.85
CA PRO I 211 -56.12 53.79 -40.39
C PRO I 211 -55.63 54.77 -39.33
N GLU I 212 -56.12 54.66 -38.10
CA GLU I 212 -55.72 55.59 -37.04
C GLU I 212 -54.24 55.43 -36.68
N GLN I 213 -53.76 54.19 -36.60
CA GLN I 213 -52.35 53.97 -36.33
C GLN I 213 -51.47 54.41 -37.50
N VAL I 214 -51.97 54.26 -38.73
CA VAL I 214 -51.25 54.71 -39.91
C VAL I 214 -51.10 56.23 -39.91
N LYS I 215 -52.21 56.94 -39.66
CA LYS I 215 -52.15 58.40 -39.65
C LYS I 215 -51.37 58.92 -38.45
N HIS I 216 -51.35 58.16 -37.34
CA HIS I 216 -50.43 58.48 -36.26
C HIS I 216 -48.98 58.27 -36.68
N PHE I 217 -48.71 57.29 -37.53
CA PHE I 217 -47.35 57.08 -38.03
C PHE I 217 -46.91 58.21 -38.94
N GLN I 218 -47.78 58.67 -39.85
CA GLN I 218 -47.39 59.82 -40.66
C GLN I 218 -47.39 61.12 -39.86
N ASN I 219 -48.14 61.21 -38.77
CA ASN I 219 -47.99 62.35 -37.86
C ASN I 219 -46.64 62.31 -37.16
N ARG I 220 -46.17 61.11 -36.79
CA ARG I 220 -44.86 60.95 -36.21
C ARG I 220 -43.74 61.14 -37.23
N GLU I 221 -44.05 61.04 -38.53
CA GLU I 221 -43.03 61.18 -39.55
C GLU I 221 -42.54 62.62 -39.65
N ASN I 222 -43.45 63.55 -39.97
CA ASN I 222 -43.08 64.97 -40.07
C ASN I 222 -43.18 65.62 -38.68
N SER I 223 -42.26 65.21 -37.81
CA SER I 223 -42.31 65.58 -36.40
C SER I 223 -41.51 66.85 -36.16
N LYS I 224 -42.16 67.83 -35.53
CA LYS I 224 -41.50 69.03 -35.05
C LYS I 224 -41.26 68.99 -33.55
N ILE I 225 -41.62 67.89 -32.88
CA ILE I 225 -41.44 67.75 -31.44
C ILE I 225 -40.22 66.86 -31.19
N LEU I 226 -39.31 66.82 -32.16
CA LEU I 226 -38.09 66.05 -32.04
C LEU I 226 -37.16 66.66 -31.00
N PRO I 227 -36.30 65.85 -30.37
CA PRO I 227 -35.34 66.40 -29.38
C PRO I 227 -34.32 67.35 -29.97
N GLN I 228 -34.07 67.32 -31.28
CA GLN I 228 -33.13 68.27 -31.87
C GLN I 228 -33.70 69.69 -31.93
N TYR I 229 -35.03 69.82 -31.96
CA TYR I 229 -35.69 71.12 -31.94
C TYR I 229 -36.14 71.43 -30.52
N SER I 230 -35.16 71.64 -29.65
CA SER I 230 -35.42 71.79 -28.22
C SER I 230 -34.88 73.12 -27.71
N SER I 231 -35.56 73.65 -26.70
CA SER I 231 -35.05 74.81 -25.99
C SER I 231 -33.84 74.44 -25.16
N ASN I 232 -32.98 75.42 -24.92
CA ASN I 232 -31.69 75.23 -24.25
C ASN I 232 -31.56 76.18 -23.07
N TYR I 233 -32.57 76.16 -22.20
CA TYR I 233 -32.63 77.01 -21.02
C TYR I 233 -31.48 76.75 -20.05
N THR I 234 -30.55 77.69 -19.96
CA THR I 234 -29.43 77.64 -19.03
C THR I 234 -29.66 78.76 -18.01
N SER I 235 -30.30 78.39 -16.89
CA SER I 235 -30.78 79.33 -15.85
C SER I 235 -31.69 80.40 -16.46
N GLN I 236 -32.54 80.00 -17.40
CA GLN I 236 -33.48 80.88 -18.08
C GLN I 236 -34.89 80.31 -18.01
N ARG I 237 -35.28 79.87 -16.83
CA ARG I 237 -36.61 79.30 -16.65
C ARG I 237 -37.66 80.41 -16.67
N PRO I 238 -38.68 80.30 -17.51
CA PRO I 238 -39.75 81.31 -17.50
C PRO I 238 -40.58 81.25 -16.22
N ARG I 239 -41.15 82.39 -15.88
CA ARG I 239 -42.02 82.47 -14.70
C ARG I 239 -43.33 81.75 -14.97
N PHE I 240 -43.73 80.89 -14.05
CA PHE I 240 -44.93 80.07 -14.22
C PHE I 240 -46.16 80.90 -13.87
N GLU I 241 -47.02 81.13 -14.86
CA GLU I 241 -48.33 81.70 -14.59
C GLU I 241 -49.26 80.58 -14.14
N LYS I 242 -49.92 80.78 -13.00
CA LYS I 242 -50.73 79.72 -12.39
C LYS I 242 -52.00 79.52 -13.21
N LEU I 243 -51.99 78.51 -14.07
CA LEU I 243 -53.11 78.22 -14.95
C LEU I 243 -54.24 77.56 -14.18
N SER I 244 -55.47 77.98 -14.47
CA SER I 244 -56.65 77.50 -13.77
C SER I 244 -57.59 76.73 -14.69
N VAL I 245 -57.06 76.12 -15.76
CA VAL I 245 -57.86 75.36 -16.70
C VAL I 245 -56.96 74.31 -17.33
N GLN I 246 -57.57 73.24 -17.83
CA GLN I 246 -56.83 72.23 -18.57
C GLN I 246 -56.43 72.79 -19.93
N PRO I 247 -55.15 72.81 -20.27
CA PRO I 247 -54.73 73.35 -21.58
C PRO I 247 -55.10 72.41 -22.71
N PRO I 248 -55.17 72.91 -23.95
CA PRO I 248 -55.42 72.02 -25.09
C PRO I 248 -54.27 71.05 -25.39
N PHE I 249 -53.11 71.22 -24.75
CA PHE I 249 -51.98 70.33 -24.96
C PHE I 249 -52.31 68.90 -24.50
N ILE I 250 -53.01 68.78 -23.38
CA ILE I 250 -53.47 67.48 -22.90
C ILE I 250 -54.88 67.28 -23.42
N LYS I 251 -55.08 66.22 -24.20
CA LYS I 251 -56.42 65.97 -24.76
C LYS I 251 -57.31 65.28 -23.73
N GLY I 252 -56.98 64.03 -23.40
CA GLY I 252 -57.54 63.22 -22.33
C GLY I 252 -59.02 63.28 -22.03
N GLY I 253 -59.36 63.45 -20.75
CA GLY I 253 -60.71 63.75 -20.33
C GLY I 253 -60.78 65.14 -19.75
N GLU I 254 -60.77 65.25 -18.43
CA GLU I 254 -60.69 66.53 -17.74
C GLU I 254 -59.94 66.34 -16.44
N LEU I 255 -58.91 67.16 -16.23
CA LEU I 255 -58.17 67.13 -14.97
C LEU I 255 -59.02 67.71 -13.85
N ARG I 256 -58.93 67.09 -12.68
CA ARG I 256 -59.68 67.54 -11.53
C ARG I 256 -58.99 68.75 -10.89
N ASP I 257 -59.60 69.26 -9.81
CA ASP I 257 -59.05 70.43 -9.13
C ASP I 257 -57.75 70.09 -8.40
N PHE I 258 -57.69 68.92 -7.75
CA PHE I 258 -56.46 68.52 -7.09
C PHE I 258 -55.39 68.09 -8.09
N GLN I 259 -55.80 67.53 -9.23
CA GLN I 259 -54.83 67.21 -10.28
C GLN I 259 -54.25 68.48 -10.89
N LEU I 260 -55.08 69.50 -11.10
CA LEU I 260 -54.59 70.79 -11.58
C LEU I 260 -53.71 71.47 -10.54
N THR I 261 -54.05 71.30 -9.26
CA THR I 261 -53.21 71.84 -8.18
C THR I 261 -51.85 71.15 -8.15
N GLY I 262 -51.83 69.84 -8.35
CA GLY I 262 -50.55 69.13 -8.45
C GLY I 262 -49.74 69.52 -9.67
N ILE I 263 -50.43 69.77 -10.79
CA ILE I 263 -49.76 70.25 -12.00
C ILE I 263 -49.14 71.63 -11.77
N ASN I 264 -49.88 72.52 -11.11
CA ASN I 264 -49.36 73.85 -10.80
C ASN I 264 -48.20 73.77 -9.81
N TRP I 265 -48.28 72.88 -8.83
CA TRP I 265 -47.20 72.69 -7.87
C TRP I 265 -45.94 72.14 -8.55
N MET I 266 -46.10 71.19 -9.46
CA MET I 266 -44.96 70.60 -10.14
C MET I 266 -44.32 71.59 -11.12
N ALA I 267 -45.14 72.42 -11.79
CA ALA I 267 -44.59 73.44 -12.67
C ALA I 267 -43.91 74.55 -11.89
N PHE I 268 -44.46 74.90 -10.72
CA PHE I 268 -43.83 75.87 -9.84
C PHE I 268 -42.49 75.35 -9.31
N LEU I 269 -42.43 74.07 -9.00
CA LEU I 269 -41.18 73.47 -8.54
C LEU I 269 -40.16 73.35 -9.67
N TRP I 270 -40.62 73.09 -10.89
CA TRP I 270 -39.72 73.02 -12.04
C TRP I 270 -39.23 74.40 -12.45
N SER I 271 -40.00 75.45 -12.15
CA SER I 271 -39.63 76.80 -12.54
C SER I 271 -38.41 77.33 -11.78
N LYS I 272 -38.07 76.73 -10.65
CA LYS I 272 -36.86 77.06 -9.92
C LYS I 272 -35.76 76.03 -10.09
N GLY I 273 -35.96 75.05 -10.98
CA GLY I 273 -34.99 73.99 -11.20
C GLY I 273 -34.79 73.06 -10.02
N ASP I 274 -35.87 72.64 -9.38
CA ASP I 274 -35.81 71.80 -8.20
C ASP I 274 -36.61 70.52 -8.42
N ASN I 275 -36.11 69.42 -7.87
CA ASN I 275 -36.75 68.12 -7.98
C ASN I 275 -37.75 67.91 -6.85
N GLY I 276 -38.52 66.85 -6.94
CA GLY I 276 -39.56 66.63 -5.94
C GLY I 276 -40.14 65.24 -5.95
N ILE I 277 -41.03 65.03 -4.99
CA ILE I 277 -41.73 63.76 -4.78
C ILE I 277 -43.22 64.02 -4.84
N LEU I 278 -43.90 63.35 -5.76
CA LEU I 278 -45.36 63.32 -5.80
C LEU I 278 -45.80 62.17 -4.91
N ALA I 279 -46.08 62.49 -3.65
CA ALA I 279 -46.35 61.48 -2.62
C ALA I 279 -47.83 61.37 -2.31
N ASP I 280 -48.68 61.48 -3.33
CA ASP I 280 -50.12 61.32 -3.14
C ASP I 280 -50.46 59.86 -2.87
N GLU I 281 -51.59 59.65 -2.19
CA GLU I 281 -52.07 58.31 -1.91
C GLU I 281 -52.53 57.62 -3.19
N MET I 282 -52.42 56.29 -3.20
CA MET I 282 -52.80 55.51 -4.37
C MET I 282 -54.30 55.58 -4.63
N GLY I 283 -54.68 55.63 -5.90
CA GLY I 283 -56.05 55.78 -6.30
C GLY I 283 -56.43 57.17 -6.74
N LEU I 284 -55.57 58.16 -6.52
CA LEU I 284 -55.84 59.54 -6.92
C LEU I 284 -55.44 59.84 -8.36
N GLY I 285 -54.85 58.88 -9.06
CA GLY I 285 -54.44 59.12 -10.43
C GLY I 285 -53.17 59.93 -10.54
N LYS I 286 -52.09 59.43 -9.92
CA LYS I 286 -50.79 60.08 -10.03
C LYS I 286 -50.22 59.93 -11.44
N THR I 287 -50.58 58.84 -12.13
CA THR I 287 -50.13 58.61 -13.50
C THR I 287 -50.66 59.66 -14.45
N VAL I 288 -51.93 60.05 -14.29
CA VAL I 288 -52.52 61.10 -15.12
C VAL I 288 -51.83 62.43 -14.87
N GLN I 289 -51.49 62.72 -13.61
CA GLN I 289 -50.82 63.96 -13.27
C GLN I 289 -49.41 64.02 -13.87
N THR I 290 -48.65 62.92 -13.80
CA THR I 290 -47.30 62.99 -14.35
C THR I 290 -47.30 62.93 -15.88
N VAL I 291 -48.31 62.29 -16.50
CA VAL I 291 -48.43 62.36 -17.96
C VAL I 291 -48.80 63.77 -18.40
N ALA I 292 -49.67 64.45 -17.64
CA ALA I 292 -50.01 65.83 -17.94
C ALA I 292 -48.81 66.76 -17.77
N PHE I 293 -47.98 66.52 -16.75
CA PHE I 293 -46.78 67.33 -16.58
C PHE I 293 -45.76 67.07 -17.68
N ILE I 294 -45.66 65.81 -18.12
CA ILE I 294 -44.78 65.47 -19.25
C ILE I 294 -45.26 66.18 -20.52
N SER I 295 -46.58 66.20 -20.76
CA SER I 295 -47.12 66.88 -21.93
C SER I 295 -46.91 68.39 -21.84
N TRP I 296 -47.02 68.95 -20.65
CA TRP I 296 -46.76 70.38 -20.46
C TRP I 296 -45.29 70.71 -20.69
N LEU I 297 -44.39 69.80 -20.30
CA LEU I 297 -42.97 70.00 -20.60
C LEU I 297 -42.68 69.83 -22.08
N ILE I 298 -43.44 68.96 -22.76
CA ILE I 298 -43.25 68.74 -24.19
C ILE I 298 -43.67 69.97 -24.98
N PHE I 299 -44.85 70.51 -24.68
CA PHE I 299 -45.47 71.51 -25.55
C PHE I 299 -45.25 72.95 -25.07
N ALA I 300 -45.55 73.23 -23.80
CA ALA I 300 -45.60 74.62 -23.34
C ALA I 300 -44.20 75.23 -23.22
N ARG I 301 -43.28 74.50 -22.62
CA ARG I 301 -41.94 75.02 -22.37
C ARG I 301 -40.94 74.63 -23.45
N ARG I 302 -41.38 73.92 -24.50
CA ARG I 302 -40.57 73.46 -25.63
C ARG I 302 -39.40 72.58 -25.19
N GLN I 303 -39.59 71.84 -24.09
CA GLN I 303 -38.59 70.89 -23.62
C GLN I 303 -38.96 69.49 -24.12
N ASN I 304 -38.82 69.32 -25.44
CA ASN I 304 -39.23 68.09 -26.12
C ASN I 304 -38.08 67.13 -26.33
N GLY I 305 -37.12 67.10 -25.40
CA GLY I 305 -35.99 66.21 -25.50
C GLY I 305 -36.31 64.82 -24.98
N PRO I 306 -35.27 64.00 -24.78
CA PRO I 306 -35.48 62.63 -24.32
C PRO I 306 -35.81 62.60 -22.83
N HIS I 307 -36.94 61.99 -22.50
CA HIS I 307 -37.35 61.81 -21.12
C HIS I 307 -37.39 60.32 -20.78
N ILE I 308 -37.02 60.01 -19.54
CA ILE I 308 -36.94 58.63 -19.06
C ILE I 308 -37.94 58.44 -17.93
N ILE I 309 -38.74 57.38 -18.02
CA ILE I 309 -39.68 57.02 -16.96
C ILE I 309 -39.46 55.55 -16.62
N VAL I 310 -39.17 55.29 -15.35
CA VAL I 310 -38.90 53.94 -14.84
C VAL I 310 -40.05 53.53 -13.96
N VAL I 311 -40.77 52.48 -14.37
CA VAL I 311 -42.01 52.06 -13.72
C VAL I 311 -41.91 50.57 -13.41
N PRO I 312 -42.69 50.09 -12.43
CA PRO I 312 -42.81 48.64 -12.25
C PRO I 312 -43.51 47.98 -13.43
N LEU I 313 -43.19 46.70 -13.65
CA LEU I 313 -43.69 45.98 -14.81
C LEU I 313 -45.18 45.67 -14.69
N SER I 314 -45.68 45.47 -13.47
CA SER I 314 -47.07 45.06 -13.28
C SER I 314 -48.04 46.19 -13.59
N THR I 315 -47.66 47.43 -13.29
CA THR I 315 -48.52 48.59 -13.52
C THR I 315 -48.24 49.28 -14.85
N MET I 316 -47.38 48.70 -15.68
CA MET I 316 -46.88 49.37 -16.89
C MET I 316 -47.89 49.42 -18.05
N PRO I 317 -48.76 48.43 -18.29
CA PRO I 317 -49.89 48.70 -19.20
C PRO I 317 -50.82 49.81 -18.74
N ALA I 318 -50.98 49.99 -17.42
CA ALA I 318 -51.78 51.09 -16.90
C ALA I 318 -51.12 52.45 -17.13
N TRP I 319 -49.81 52.46 -17.39
CA TRP I 319 -49.15 53.66 -17.89
C TRP I 319 -49.28 53.76 -19.40
N LEU I 320 -49.26 52.63 -20.11
CA LEU I 320 -49.27 52.62 -21.56
C LEU I 320 -50.60 53.14 -22.13
N ASP I 321 -51.72 52.71 -21.55
CA ASP I 321 -53.00 53.21 -22.05
C ASP I 321 -53.21 54.68 -21.64
N THR I 322 -52.60 55.10 -20.53
CA THR I 322 -52.64 56.51 -20.14
C THR I 322 -51.89 57.39 -21.12
N PHE I 323 -50.71 56.93 -21.58
CA PHE I 323 -50.00 57.65 -22.64
C PHE I 323 -50.74 57.56 -23.97
N GLU I 324 -51.45 56.46 -24.21
CA GLU I 324 -52.21 56.34 -25.46
C GLU I 324 -53.42 57.27 -25.49
N LYS I 325 -54.04 57.51 -24.33
CA LYS I 325 -55.26 58.31 -24.26
C LYS I 325 -54.98 59.78 -24.03
N TRP I 326 -54.24 60.10 -22.96
CA TRP I 326 -54.14 61.50 -22.52
C TRP I 326 -53.14 62.30 -23.35
N ALA I 327 -52.09 61.66 -23.88
CA ALA I 327 -51.11 62.33 -24.72
C ALA I 327 -50.85 61.50 -25.98
N PRO I 328 -51.80 61.51 -26.92
CA PRO I 328 -51.63 60.67 -28.13
C PRO I 328 -50.62 61.21 -29.11
N ASP I 329 -50.28 62.50 -29.04
CA ASP I 329 -49.35 63.09 -29.99
C ASP I 329 -47.90 62.79 -29.64
N LEU I 330 -47.62 62.34 -28.41
CA LEU I 330 -46.26 62.14 -27.96
C LEU I 330 -45.65 60.88 -28.57
N ASN I 331 -44.33 60.88 -28.69
CA ASN I 331 -43.59 59.73 -29.21
C ASN I 331 -43.11 58.83 -28.07
N CYS I 332 -44.08 58.31 -27.33
CA CYS I 332 -43.78 57.42 -26.21
C CYS I 332 -43.44 56.03 -26.72
N ILE I 333 -42.32 55.48 -26.24
CA ILE I 333 -41.87 54.15 -26.60
C ILE I 333 -41.77 53.31 -25.34
N CYS I 334 -41.81 52.00 -25.54
CA CYS I 334 -41.88 51.02 -24.46
C CYS I 334 -40.67 50.09 -24.56
N TYR I 335 -40.10 49.71 -23.41
CA TYR I 335 -38.82 49.01 -23.38
C TYR I 335 -38.90 47.74 -22.55
N MET I 336 -39.25 46.62 -23.19
CA MET I 336 -39.08 45.31 -22.58
C MET I 336 -38.45 44.32 -23.56
N GLY I 337 -38.45 43.05 -23.19
CA GLY I 337 -38.14 41.98 -24.11
C GLY I 337 -36.77 41.38 -23.85
N ASN I 338 -36.43 40.44 -24.73
CA ASN I 338 -35.13 39.79 -24.72
C ASN I 338 -34.10 40.68 -25.40
N GLN I 339 -32.94 40.09 -25.72
CA GLN I 339 -31.87 40.86 -26.35
C GLN I 339 -32.24 41.32 -27.75
N LYS I 340 -32.93 40.47 -28.52
CA LYS I 340 -33.26 40.84 -29.90
C LYS I 340 -34.34 41.90 -29.98
N SER I 341 -35.31 41.89 -29.06
CA SER I 341 -36.35 42.91 -29.06
C SER I 341 -35.80 44.27 -28.64
N ARG I 342 -34.92 44.28 -27.63
CA ARG I 342 -34.28 45.52 -27.22
C ARG I 342 -33.32 46.03 -28.29
N ASP I 343 -32.66 45.12 -29.02
CA ASP I 343 -31.84 45.53 -30.15
C ASP I 343 -32.70 46.14 -31.27
N THR I 344 -33.89 45.56 -31.50
CA THR I 344 -34.82 46.09 -32.49
C THR I 344 -35.28 47.50 -32.12
N ILE I 345 -35.60 47.72 -30.84
CA ILE I 345 -35.95 49.06 -30.37
C ILE I 345 -34.75 50.00 -30.48
N ARG I 346 -33.54 49.49 -30.23
CA ARG I 346 -32.35 50.33 -30.20
C ARG I 346 -31.97 50.83 -31.59
N GLU I 347 -31.98 49.96 -32.60
CA GLU I 347 -31.53 50.36 -33.93
C GLU I 347 -32.66 50.57 -34.93
N TYR I 348 -33.93 50.52 -34.51
CA TYR I 348 -35.02 50.99 -35.36
C TYR I 348 -35.76 52.22 -34.85
N GLU I 349 -35.69 52.56 -33.57
CA GLU I 349 -36.57 53.60 -33.05
C GLU I 349 -35.88 54.64 -32.16
N PHE I 350 -34.67 54.39 -31.68
CA PHE I 350 -33.98 55.40 -30.86
C PHE I 350 -33.55 56.60 -31.71
N TYR I 351 -32.91 56.34 -32.84
CA TYR I 351 -32.22 57.37 -33.60
C TYR I 351 -33.03 57.77 -34.82
N THR I 352 -33.08 59.08 -35.08
CA THR I 352 -33.65 59.58 -36.32
C THR I 352 -32.79 59.19 -37.51
N ASN I 353 -31.47 59.14 -37.33
CA ASN I 353 -30.52 58.73 -38.36
C ASN I 353 -29.67 57.59 -37.83
N PRO I 354 -30.21 56.37 -37.78
CA PRO I 354 -29.46 55.26 -37.17
C PRO I 354 -28.33 54.73 -38.03
N ARG I 355 -28.36 54.96 -39.34
CA ARG I 355 -27.31 54.47 -40.23
C ARG I 355 -26.07 55.34 -40.22
N ALA I 356 -26.14 56.55 -39.68
CA ALA I 356 -24.99 57.43 -39.64
C ALA I 356 -23.99 56.98 -38.58
N LYS I 357 -22.71 57.16 -38.87
CA LYS I 357 -21.65 56.79 -37.95
C LYS I 357 -21.35 57.87 -36.92
N GLY I 358 -21.91 59.06 -37.09
CA GLY I 358 -21.65 60.16 -36.17
C GLY I 358 -22.54 60.10 -34.94
N LYS I 359 -22.63 61.25 -34.27
CA LYS I 359 -23.45 61.36 -33.07
C LYS I 359 -24.91 61.42 -33.48
N LYS I 360 -25.65 60.35 -33.19
CA LYS I 360 -27.01 60.19 -33.67
C LYS I 360 -27.99 60.88 -32.72
N THR I 361 -28.82 61.76 -33.28
CA THR I 361 -29.83 62.42 -32.48
C THR I 361 -30.97 61.46 -32.15
N MET I 362 -31.72 61.78 -31.11
CA MET I 362 -32.82 60.95 -30.69
C MET I 362 -34.04 61.18 -31.57
N LYS I 363 -34.99 60.25 -31.49
CA LYS I 363 -36.23 60.35 -32.26
C LYS I 363 -37.43 60.30 -31.33
N PHE I 364 -37.31 59.54 -30.25
CA PHE I 364 -38.38 59.41 -29.27
C PHE I 364 -38.39 60.59 -28.30
N ASN I 365 -39.48 60.71 -27.56
CA ASN I 365 -39.62 61.73 -26.52
C ASN I 365 -39.63 61.14 -25.13
N VAL I 366 -40.47 60.12 -24.91
CA VAL I 366 -40.60 59.46 -23.61
C VAL I 366 -40.23 58.00 -23.80
N LEU I 367 -39.37 57.49 -22.93
CA LEU I 367 -38.99 56.08 -22.94
C LEU I 367 -39.47 55.48 -21.63
N LEU I 368 -40.38 54.51 -21.71
CA LEU I 368 -40.88 53.79 -20.55
C LEU I 368 -40.06 52.51 -20.39
N THR I 369 -39.58 52.26 -19.16
CA THR I 369 -38.77 51.08 -18.89
C THR I 369 -39.01 50.62 -17.46
N THR I 370 -38.39 49.50 -17.10
CA THR I 370 -38.45 48.96 -15.75
C THR I 370 -37.05 48.94 -15.14
N TYR I 371 -37.00 48.55 -13.87
CA TYR I 371 -35.73 48.53 -13.14
C TYR I 371 -34.78 47.48 -13.67
N GLU I 372 -35.33 46.35 -14.13
CA GLU I 372 -34.51 45.23 -14.58
C GLU I 372 -33.72 45.58 -15.83
N TYR I 373 -34.33 46.30 -16.76
CA TYR I 373 -33.62 46.72 -17.95
C TYR I 373 -32.78 47.97 -17.73
N ILE I 374 -32.99 48.69 -16.63
CA ILE I 374 -32.03 49.69 -16.20
C ILE I 374 -30.75 49.02 -15.73
N LEU I 375 -30.87 48.00 -14.89
CA LEU I 375 -29.68 47.29 -14.42
C LEU I 375 -29.08 46.41 -15.50
N LYS I 376 -29.85 46.05 -16.53
CA LYS I 376 -29.31 45.23 -17.61
C LYS I 376 -28.68 46.09 -18.70
N ASP I 377 -29.27 47.24 -19.01
CA ASP I 377 -28.79 48.07 -20.10
C ASP I 377 -28.40 49.46 -19.63
N ARG I 378 -27.64 49.54 -18.53
CA ARG I 378 -27.17 50.84 -18.05
C ARG I 378 -26.12 51.44 -18.96
N ALA I 379 -25.37 50.60 -19.69
CA ALA I 379 -24.33 51.10 -20.58
C ALA I 379 -24.92 51.77 -21.81
N GLU I 380 -26.02 51.23 -22.33
CA GLU I 380 -26.66 51.78 -23.51
C GLU I 380 -27.68 52.87 -23.18
N LEU I 381 -27.99 53.10 -21.91
CA LEU I 381 -28.92 54.15 -21.52
C LEU I 381 -28.29 55.27 -20.72
N GLY I 382 -27.10 55.07 -20.16
CA GLY I 382 -26.44 56.14 -19.44
C GLY I 382 -25.82 57.21 -20.32
N SER I 383 -25.52 56.88 -21.57
CA SER I 383 -24.95 57.84 -22.51
C SER I 383 -26.05 58.53 -23.33
N ILE I 384 -27.07 59.03 -22.65
CA ILE I 384 -28.15 59.78 -23.26
C ILE I 384 -28.40 61.03 -22.42
N LYS I 385 -28.38 62.20 -23.06
CA LYS I 385 -28.64 63.44 -22.36
C LYS I 385 -30.12 63.56 -22.03
N TRP I 386 -30.55 62.97 -20.92
CA TRP I 386 -31.95 63.03 -20.53
C TRP I 386 -32.32 64.42 -20.02
N GLN I 387 -33.53 64.85 -20.35
CA GLN I 387 -34.04 66.12 -19.86
C GLN I 387 -34.92 65.98 -18.63
N PHE I 388 -35.72 64.92 -18.54
CA PHE I 388 -36.56 64.68 -17.38
C PHE I 388 -36.56 63.20 -17.03
N MET I 389 -36.73 62.93 -15.74
CA MET I 389 -36.72 61.58 -15.21
C MET I 389 -37.87 61.42 -14.24
N ALA I 390 -38.62 60.32 -14.37
CA ALA I 390 -39.75 60.04 -13.49
C ALA I 390 -39.66 58.60 -13.02
N VAL I 391 -39.44 58.40 -11.73
CA VAL I 391 -39.29 57.06 -11.17
C VAL I 391 -40.52 56.77 -10.32
N ASP I 392 -41.33 55.80 -10.77
CA ASP I 392 -42.50 55.38 -10.02
C ASP I 392 -42.09 54.38 -8.94
N GLU I 393 -42.85 54.39 -7.84
CA GLU I 393 -42.65 53.54 -6.65
C GLU I 393 -41.24 53.75 -6.06
N ALA I 394 -41.04 54.97 -5.56
CA ALA I 394 -39.74 55.42 -5.10
C ALA I 394 -39.27 54.74 -3.82
N HIS I 395 -40.15 54.04 -3.10
CA HIS I 395 -39.72 53.32 -1.91
C HIS I 395 -38.82 52.14 -2.25
N ARG I 396 -38.91 51.62 -3.48
CA ARG I 396 -37.91 50.67 -3.98
C ARG I 396 -36.52 51.30 -4.01
N LEU I 397 -36.45 52.61 -4.26
CA LEU I 397 -35.21 53.37 -4.15
C LEU I 397 -34.91 53.82 -2.71
N LYS I 398 -35.53 53.21 -1.69
CA LYS I 398 -35.31 53.66 -0.32
C LYS I 398 -33.95 53.26 0.24
N ASN I 399 -33.26 52.31 -0.40
CA ASN I 399 -31.95 51.87 0.05
C ASN I 399 -30.87 52.52 -0.80
N ALA I 400 -29.92 53.19 -0.15
CA ALA I 400 -28.85 53.86 -0.87
C ALA I 400 -27.83 52.87 -1.41
N GLU I 401 -27.66 51.73 -0.76
CA GLU I 401 -26.69 50.73 -1.17
C GLU I 401 -27.25 49.72 -2.17
N SER I 402 -28.54 49.80 -2.48
CA SER I 402 -29.12 48.95 -3.50
C SER I 402 -28.60 49.36 -4.87
N SER I 403 -28.47 48.37 -5.77
CA SER I 403 -27.79 48.59 -7.05
C SER I 403 -28.58 49.49 -7.99
N LEU I 404 -29.90 49.60 -7.78
CA LEU I 404 -30.70 50.54 -8.56
C LEU I 404 -30.34 51.99 -8.23
N TYR I 405 -29.89 52.25 -7.00
CA TYR I 405 -29.49 53.60 -6.60
C TYR I 405 -28.24 54.06 -7.36
N GLU I 406 -27.23 53.20 -7.46
CA GLU I 406 -26.06 53.56 -8.28
C GLU I 406 -26.35 53.45 -9.77
N SER I 407 -27.35 52.66 -10.17
CA SER I 407 -27.71 52.60 -11.58
C SER I 407 -28.40 53.89 -12.04
N LEU I 408 -29.25 54.46 -11.20
CA LEU I 408 -29.99 55.66 -11.56
C LEU I 408 -29.27 56.94 -11.21
N ASN I 409 -28.43 56.92 -10.17
CA ASN I 409 -27.75 58.14 -9.74
C ASN I 409 -26.61 58.54 -10.66
N SER I 410 -26.11 57.60 -11.47
CA SER I 410 -25.04 57.90 -12.41
C SER I 410 -25.57 58.43 -13.74
N PHE I 411 -26.88 58.53 -13.90
CA PHE I 411 -27.46 59.02 -15.14
C PHE I 411 -27.30 60.54 -15.24
N LYS I 412 -27.01 61.01 -16.45
CA LYS I 412 -26.83 62.44 -16.71
C LYS I 412 -28.21 63.05 -16.93
N VAL I 413 -28.87 63.42 -15.83
CA VAL I 413 -30.25 63.91 -15.86
C VAL I 413 -30.30 65.29 -15.22
N ALA I 414 -30.89 66.25 -15.93
CA ALA I 414 -31.06 67.60 -15.37
C ALA I 414 -32.10 67.62 -14.27
N ASN I 415 -33.27 67.01 -14.51
CA ASN I 415 -34.40 67.13 -13.60
C ASN I 415 -35.01 65.77 -13.33
N ARG I 416 -35.15 65.42 -12.05
CA ARG I 416 -35.70 64.14 -11.62
C ARG I 416 -36.99 64.36 -10.83
N MET I 417 -37.76 63.29 -10.70
CA MET I 417 -39.01 63.33 -9.96
C MET I 417 -39.34 61.92 -9.49
N LEU I 418 -39.77 61.80 -8.23
CA LEU I 418 -40.06 60.52 -7.62
C LEU I 418 -41.54 60.42 -7.29
N ILE I 419 -42.18 59.35 -7.73
CA ILE I 419 -43.60 59.09 -7.47
C ILE I 419 -43.70 57.93 -6.51
N THR I 420 -44.38 58.14 -5.39
CA THR I 420 -44.58 57.10 -4.39
C THR I 420 -45.85 57.40 -3.61
N GLY I 421 -46.16 56.54 -2.66
CA GLY I 421 -47.26 56.78 -1.74
C GLY I 421 -46.80 56.80 -0.30
N THR I 422 -45.72 56.07 -0.02
CA THR I 422 -45.14 56.00 1.33
C THR I 422 -43.72 56.52 1.28
N PRO I 423 -43.47 57.79 1.59
CA PRO I 423 -42.08 58.27 1.60
C PRO I 423 -41.28 57.77 2.79
N LEU I 424 -41.93 57.60 3.94
CA LEU I 424 -41.29 57.08 5.14
C LEU I 424 -41.85 55.70 5.45
N GLN I 425 -40.96 54.72 5.57
CA GLN I 425 -41.36 53.35 5.89
C GLN I 425 -40.79 52.88 7.22
N ASN I 426 -39.47 52.96 7.40
CA ASN I 426 -38.84 52.43 8.61
C ASN I 426 -38.05 53.48 9.39
N ASN I 427 -37.27 54.31 8.71
CA ASN I 427 -36.40 55.25 9.41
C ASN I 427 -36.11 56.44 8.50
N ILE I 428 -35.53 57.47 9.12
CA ILE I 428 -35.23 58.74 8.43
C ILE I 428 -34.17 58.58 7.35
N LYS I 429 -33.37 57.51 7.41
CA LYS I 429 -32.33 57.27 6.41
C LYS I 429 -32.92 57.01 5.02
N GLU I 430 -34.13 56.46 4.96
CA GLU I 430 -34.82 56.30 3.67
C GLU I 430 -35.14 57.66 3.04
N LEU I 431 -35.66 58.59 3.85
CA LEU I 431 -35.92 59.94 3.37
C LEU I 431 -34.63 60.66 3.02
N ALA I 432 -33.56 60.41 3.78
CA ALA I 432 -32.26 61.00 3.48
C ALA I 432 -31.71 60.51 2.15
N ALA I 433 -31.86 59.20 1.87
CA ALA I 433 -31.45 58.66 0.58
C ALA I 433 -32.29 59.21 -0.56
N LEU I 434 -33.60 59.38 -0.34
CA LEU I 434 -34.46 59.94 -1.36
C LEU I 434 -34.12 61.40 -1.67
N VAL I 435 -33.86 62.21 -0.64
CA VAL I 435 -33.52 63.61 -0.90
C VAL I 435 -32.07 63.77 -1.35
N ASN I 436 -31.21 62.78 -1.12
CA ASN I 436 -29.89 62.79 -1.72
C ASN I 436 -29.95 62.41 -3.19
N PHE I 437 -30.89 61.52 -3.56
CA PHE I 437 -31.14 61.26 -4.97
C PHE I 437 -31.77 62.48 -5.65
N LEU I 438 -32.59 63.24 -4.92
CA LEU I 438 -33.17 64.45 -5.48
C LEU I 438 -32.18 65.61 -5.49
N MET I 439 -31.73 66.02 -4.30
CA MET I 439 -30.79 67.12 -4.15
C MET I 439 -29.45 66.58 -3.68
N PRO I 440 -28.46 66.41 -4.57
CA PRO I 440 -27.16 65.86 -4.14
C PRO I 440 -26.34 66.89 -3.38
N GLY I 441 -26.21 66.68 -2.07
CA GLY I 441 -25.37 67.50 -1.23
C GLY I 441 -26.07 68.67 -0.56
N ARG I 442 -27.24 69.05 -1.03
CA ARG I 442 -27.95 70.18 -0.44
C ARG I 442 -28.55 69.80 0.91
N PHE I 443 -29.14 68.61 1.01
CA PHE I 443 -29.71 68.11 2.25
C PHE I 443 -28.71 67.20 2.96
N THR I 444 -28.60 67.37 4.28
CA THR I 444 -27.60 66.69 5.08
C THR I 444 -28.27 66.09 6.33
N ILE I 445 -29.33 65.33 6.11
CA ILE I 445 -30.01 64.65 7.21
C ILE I 445 -29.13 63.51 7.70
N ASP I 446 -28.69 63.60 8.94
CA ASP I 446 -27.79 62.61 9.53
C ASP I 446 -28.28 62.07 10.87
N GLN I 447 -28.92 62.91 11.68
CA GLN I 447 -29.32 62.52 13.02
C GLN I 447 -30.59 61.68 12.99
N GLU I 448 -30.62 60.64 13.81
CA GLU I 448 -31.80 59.81 13.97
C GLU I 448 -32.75 60.44 15.00
N ILE I 449 -33.89 59.79 15.20
CA ILE I 449 -34.91 60.28 16.12
C ILE I 449 -35.01 59.29 17.27
N ASP I 450 -34.72 59.78 18.48
CA ASP I 450 -34.82 58.96 19.68
C ASP I 450 -36.12 59.31 20.39
N PHE I 451 -37.03 58.34 20.48
CA PHE I 451 -38.33 58.59 21.10
C PHE I 451 -38.21 58.69 22.61
N GLU I 452 -37.27 57.96 23.22
CA GLU I 452 -37.06 58.01 24.66
C GLU I 452 -36.02 59.05 25.05
N ASN I 453 -36.18 60.27 24.56
CA ASN I 453 -35.30 61.37 24.93
C ASN I 453 -36.06 62.58 25.46
N GLN I 454 -37.19 62.92 24.82
CA GLN I 454 -38.09 64.02 25.24
C GLN I 454 -37.38 65.37 25.33
N ASP I 455 -36.48 65.64 24.39
CA ASP I 455 -35.69 66.86 24.44
C ASP I 455 -36.26 67.92 23.51
N GLU I 456 -36.09 69.19 23.90
CA GLU I 456 -36.63 70.29 23.12
C GLU I 456 -35.85 70.50 21.82
N GLU I 457 -34.55 70.22 21.83
CA GLU I 457 -33.76 70.33 20.61
C GLU I 457 -34.14 69.26 19.59
N GLN I 458 -34.61 68.09 20.07
CA GLN I 458 -35.14 67.09 19.16
C GLN I 458 -36.41 67.56 18.49
N GLU I 459 -37.29 68.25 19.24
CA GLU I 459 -38.49 68.83 18.65
C GLU I 459 -38.14 69.96 17.68
N GLU I 460 -37.09 70.73 17.98
CA GLU I 460 -36.62 71.75 17.03
C GLU I 460 -36.08 71.11 15.76
N TYR I 461 -35.40 69.96 15.89
CA TYR I 461 -34.94 69.21 14.72
C TYR I 461 -36.11 68.68 13.91
N ILE I 462 -37.17 68.23 14.59
CA ILE I 462 -38.39 67.76 13.93
C ILE I 462 -39.06 68.90 13.17
N HIS I 463 -39.14 70.08 13.77
CA HIS I 463 -39.72 71.24 13.08
C HIS I 463 -38.84 71.72 11.93
N ASP I 464 -37.52 71.59 12.07
CA ASP I 464 -36.62 71.92 10.95
C ASP I 464 -36.80 70.95 9.79
N LEU I 465 -36.98 69.66 10.10
CA LEU I 465 -37.27 68.68 9.05
C LEU I 465 -38.64 68.90 8.44
N HIS I 466 -39.58 69.47 9.21
CA HIS I 466 -40.86 69.88 8.63
C HIS I 466 -40.66 71.01 7.64
N ARG I 467 -40.10 72.13 8.10
CA ARG I 467 -40.00 73.33 7.28
C ARG I 467 -38.99 73.24 6.15
N ARG I 468 -38.09 72.25 6.18
CA ARG I 468 -37.11 72.12 5.10
C ARG I 468 -37.70 71.53 3.83
N ILE I 469 -38.66 70.61 3.95
CA ILE I 469 -39.17 69.87 2.80
C ILE I 469 -40.62 70.23 2.51
N GLN I 470 -41.08 71.41 2.93
CA GLN I 470 -42.43 71.86 2.59
C GLN I 470 -42.67 72.05 1.08
N PRO I 471 -41.82 72.73 0.29
CA PRO I 471 -42.13 72.82 -1.15
C PRO I 471 -41.74 71.60 -1.96
N PHE I 472 -40.97 70.67 -1.41
CA PHE I 472 -40.50 69.52 -2.15
C PHE I 472 -41.40 68.30 -2.03
N ILE I 473 -42.37 68.32 -1.12
CA ILE I 473 -43.27 67.19 -0.90
C ILE I 473 -44.69 67.67 -1.10
N LEU I 474 -45.44 66.98 -1.96
CA LEU I 474 -46.86 67.25 -2.17
C LEU I 474 -47.64 65.98 -1.85
N ARG I 475 -48.54 66.07 -0.88
CA ARG I 475 -49.37 64.94 -0.49
C ARG I 475 -50.83 65.35 -0.46
N ARG I 476 -51.69 64.47 -0.96
CA ARG I 476 -53.13 64.65 -0.89
C ARG I 476 -53.74 63.38 -0.34
N LEU I 477 -54.43 63.48 0.79
CA LEU I 477 -55.04 62.32 1.42
C LEU I 477 -56.31 61.93 0.68
N LYS I 478 -56.76 60.70 0.93
CA LYS I 478 -57.99 60.21 0.33
C LYS I 478 -59.24 60.69 1.06
N LYS I 479 -59.08 61.35 2.22
CA LYS I 479 -60.20 61.95 2.91
C LYS I 479 -60.34 63.45 2.64
N ASP I 480 -59.25 64.12 2.24
CA ASP I 480 -59.33 65.54 1.92
C ASP I 480 -60.00 65.78 0.57
N VAL I 481 -59.94 64.81 -0.34
CA VAL I 481 -60.55 64.91 -1.66
C VAL I 481 -61.43 63.68 -1.83
N GLU I 482 -62.44 63.81 -2.71
CA GLU I 482 -63.45 62.77 -2.99
C GLU I 482 -64.22 62.40 -1.72
N LYS I 483 -65.01 63.36 -1.26
CA LYS I 483 -65.72 63.24 0.02
C LYS I 483 -66.91 62.30 -0.05
N SER I 484 -66.67 61.03 -0.39
CA SER I 484 -67.69 60.00 -0.34
C SER I 484 -67.13 58.68 0.18
N LEU I 485 -65.89 58.67 0.65
CA LEU I 485 -65.22 57.45 1.08
C LEU I 485 -65.77 57.00 2.42
N PRO I 486 -66.15 55.72 2.57
CA PRO I 486 -66.55 55.21 3.88
C PRO I 486 -65.37 55.14 4.83
N SER I 487 -65.67 55.26 6.12
CA SER I 487 -64.62 55.21 7.14
C SER I 487 -64.05 53.81 7.27
N LYS I 488 -62.77 53.74 7.60
CA LYS I 488 -62.06 52.48 7.80
C LYS I 488 -61.61 52.41 9.25
N THR I 489 -62.04 51.36 9.95
CA THR I 489 -61.71 51.17 11.36
C THR I 489 -60.91 49.89 11.52
N GLU I 490 -59.82 49.96 12.28
CA GLU I 490 -58.99 48.80 12.58
C GLU I 490 -59.08 48.48 14.06
N ARG I 491 -59.17 47.19 14.38
CA ARG I 491 -59.31 46.72 15.75
C ARG I 491 -58.20 45.72 16.05
N ILE I 492 -57.52 45.91 17.17
CA ILE I 492 -56.44 45.03 17.60
C ILE I 492 -57.02 44.03 18.59
N LEU I 493 -56.91 42.75 18.27
CA LEU I 493 -57.46 41.68 19.10
C LEU I 493 -56.30 40.88 19.67
N ARG I 494 -56.25 40.79 21.00
CA ARG I 494 -55.22 40.04 21.71
C ARG I 494 -55.87 38.84 22.38
N VAL I 495 -55.35 37.64 22.08
CA VAL I 495 -55.99 36.39 22.46
C VAL I 495 -54.98 35.51 23.19
N GLU I 496 -55.47 34.72 24.15
CA GLU I 496 -54.63 33.81 24.91
C GLU I 496 -54.05 32.72 24.02
N LEU I 497 -52.86 32.25 24.38
CA LEU I 497 -52.24 31.15 23.67
C LEU I 497 -52.81 29.82 24.15
N SER I 498 -52.69 28.81 23.29
CA SER I 498 -53.05 27.46 23.69
C SER I 498 -51.91 26.84 24.50
N ASP I 499 -52.18 25.67 25.07
CA ASP I 499 -51.15 24.96 25.83
C ASP I 499 -50.04 24.45 24.93
N VAL I 500 -50.38 24.02 23.70
CA VAL I 500 -49.36 23.59 22.74
C VAL I 500 -48.50 24.76 22.32
N GLN I 501 -49.11 25.92 22.08
CA GLN I 501 -48.35 27.12 21.75
C GLN I 501 -47.46 27.56 22.91
N THR I 502 -47.96 27.44 24.14
CA THR I 502 -47.18 27.81 25.31
C THR I 502 -45.98 26.88 25.51
N GLU I 503 -46.18 25.57 25.31
CA GLU I 503 -45.07 24.65 25.50
C GLU I 503 -44.05 24.74 24.36
N TYR I 504 -44.50 25.03 23.13
CA TYR I 504 -43.54 25.31 22.06
C TYR I 504 -42.79 26.62 22.30
N TYR I 505 -43.47 27.63 22.84
CA TYR I 505 -42.80 28.90 23.15
C TYR I 505 -41.75 28.73 24.23
N LYS I 506 -42.05 27.99 25.29
CA LYS I 506 -41.05 27.78 26.33
C LYS I 506 -40.00 26.76 25.92
N ASN I 507 -40.28 25.90 24.93
CA ASN I 507 -39.23 25.04 24.41
C ASN I 507 -38.26 25.80 23.51
N ILE I 508 -38.77 26.77 22.75
CA ILE I 508 -37.90 27.57 21.88
C ILE I 508 -37.09 28.56 22.70
N LEU I 509 -37.75 29.29 23.61
CA LEU I 509 -37.10 30.39 24.32
C LEU I 509 -36.08 29.93 25.36
N THR I 510 -36.22 28.71 25.86
CA THR I 510 -35.37 28.15 26.92
C THR I 510 -34.77 26.84 26.46
N LYS I 511 -34.08 26.88 25.31
CA LYS I 511 -33.88 25.83 24.31
C LYS I 511 -33.78 24.40 24.83
N ASN I 512 -34.61 23.53 24.26
CA ASN I 512 -34.95 22.22 24.82
C ASN I 512 -34.88 21.16 23.72
N TYR I 513 -33.71 21.08 23.05
CA TYR I 513 -33.51 20.26 21.87
C TYR I 513 -33.93 18.80 22.05
N SER I 514 -33.68 18.24 23.23
CA SER I 514 -34.15 16.89 23.54
C SER I 514 -35.67 16.83 23.58
N ALA I 515 -36.31 17.83 24.18
CA ALA I 515 -37.76 17.91 24.16
C ALA I 515 -38.29 18.39 22.82
N LEU I 516 -37.49 19.17 22.08
CA LEU I 516 -37.94 19.67 20.79
C LEU I 516 -37.98 18.57 19.73
N THR I 517 -37.02 17.64 19.78
CA THR I 517 -37.08 16.49 18.87
C THR I 517 -38.19 15.54 19.28
N ALA I 518 -38.06 14.96 20.49
CA ALA I 518 -39.03 14.06 21.12
C ALA I 518 -39.42 12.87 20.24
N GLY I 519 -40.61 12.94 19.66
CA GLY I 519 -41.13 11.89 18.79
C GLY I 519 -40.78 12.02 17.34
N ALA I 520 -40.01 13.04 16.94
CA ALA I 520 -39.61 13.19 15.55
C ALA I 520 -38.49 12.20 15.23
N LYS I 521 -38.65 11.47 14.11
CA LYS I 521 -37.65 10.50 13.72
C LYS I 521 -36.39 11.18 13.18
N GLY I 522 -36.56 12.22 12.36
CA GLY I 522 -35.41 12.92 11.83
C GLY I 522 -34.68 13.75 12.88
N GLY I 523 -35.43 14.45 13.72
CA GLY I 523 -34.83 15.31 14.72
C GLY I 523 -34.18 16.55 14.16
N HIS I 524 -34.60 17.00 12.98
CA HIS I 524 -33.97 18.13 12.30
C HIS I 524 -34.73 19.42 12.61
N PHE I 525 -34.61 19.85 13.86
CA PHE I 525 -35.17 21.13 14.31
C PHE I 525 -34.07 22.16 14.32
N SER I 526 -34.25 23.23 13.55
CA SER I 526 -33.26 24.29 13.41
C SER I 526 -33.71 25.49 14.25
N LEU I 527 -32.89 25.86 15.23
CA LEU I 527 -33.18 27.01 16.09
C LEU I 527 -32.37 28.24 15.70
N LEU I 528 -31.91 28.31 14.45
CA LEU I 528 -31.46 29.58 13.91
C LEU I 528 -32.66 30.47 13.66
N ASN I 529 -32.45 31.78 13.76
CA ASN I 529 -33.50 32.81 13.68
C ASN I 529 -34.59 32.57 14.73
N ILE I 530 -34.18 32.78 15.99
CA ILE I 530 -35.01 32.53 17.16
C ILE I 530 -36.32 33.31 17.10
N MET I 531 -36.26 34.57 16.64
CA MET I 531 -37.45 35.40 16.51
C MET I 531 -38.42 34.85 15.47
N ASN I 532 -37.89 34.27 14.39
CA ASN I 532 -38.74 33.65 13.37
C ASN I 532 -39.44 32.41 13.92
N GLU I 533 -38.72 31.60 14.71
CA GLU I 533 -39.35 30.44 15.35
C GLU I 533 -40.38 30.86 16.40
N LEU I 534 -40.14 31.98 17.08
CA LEU I 534 -41.12 32.49 18.04
C LEU I 534 -42.37 33.00 17.33
N LYS I 535 -42.21 33.63 16.16
CA LYS I 535 -43.35 34.03 15.36
C LYS I 535 -44.13 32.82 14.84
N LYS I 536 -43.41 31.77 14.44
CA LYS I 536 -44.06 30.54 13.99
C LYS I 536 -44.81 29.85 15.12
N ALA I 537 -44.25 29.86 16.33
CA ALA I 537 -44.93 29.29 17.48
C ALA I 537 -46.14 30.13 17.90
N SER I 538 -46.04 31.46 17.75
CA SER I 538 -47.18 32.32 18.05
C SER I 538 -48.29 32.17 17.03
N ASN I 539 -47.95 31.81 15.79
CA ASN I 539 -48.98 31.66 14.77
C ASN I 539 -49.67 30.30 14.86
N HIS I 540 -48.91 29.21 14.69
CA HIS I 540 -49.50 27.88 14.71
C HIS I 540 -48.47 26.82 15.07
N PRO I 541 -48.79 25.88 15.97
CA PRO I 541 -47.85 24.78 16.25
C PRO I 541 -47.64 23.83 15.08
N TYR I 542 -48.54 23.79 14.11
CA TYR I 542 -48.42 22.85 13.00
C TYR I 542 -47.43 23.32 11.94
N LEU I 543 -46.88 24.53 12.07
CA LEU I 543 -45.85 24.99 11.16
C LEU I 543 -44.55 24.20 11.34
N PHE I 544 -44.28 23.75 12.57
CA PHE I 544 -43.08 22.96 12.83
C PHE I 544 -43.25 21.54 12.29
N ASP I 545 -42.13 20.93 11.94
CA ASP I 545 -42.13 19.57 11.42
C ASP I 545 -42.43 18.57 12.52
N ASN I 546 -43.15 17.50 12.14
CA ASN I 546 -43.52 16.37 13.02
C ASN I 546 -44.29 16.84 14.25
N ALA I 547 -45.21 17.79 14.04
CA ALA I 547 -45.96 18.38 15.15
C ALA I 547 -47.44 18.02 15.16
N GLU I 548 -48.00 17.65 14.01
CA GLU I 548 -49.44 17.36 13.95
C GLU I 548 -49.76 16.01 14.58
N GLU I 549 -48.87 15.01 14.40
CA GLU I 549 -49.19 13.66 14.85
C GLU I 549 -49.14 13.54 16.36
N ARG I 550 -48.37 14.39 17.05
CA ARG I 550 -48.37 14.37 18.51
C ARG I 550 -49.69 14.89 19.06
N VAL I 551 -50.27 15.89 18.41
CA VAL I 551 -51.59 16.37 18.81
C VAL I 551 -52.67 15.34 18.47
N LEU I 552 -52.52 14.67 17.32
CA LEU I 552 -53.57 13.74 16.88
C LEU I 552 -53.58 12.45 17.69
N GLN I 553 -52.40 11.88 17.98
CA GLN I 553 -52.37 10.57 18.63
C GLN I 553 -52.67 10.65 20.12
N LYS I 554 -52.48 11.80 20.75
CA LYS I 554 -52.57 11.90 22.20
C LYS I 554 -53.89 12.47 22.69
N PHE I 555 -54.52 13.37 21.94
CA PHE I 555 -55.73 14.02 22.42
C PHE I 555 -56.86 13.86 21.42
N GLY I 556 -56.54 13.83 20.13
CA GLY I 556 -57.51 13.61 19.09
C GLY I 556 -57.75 12.17 18.72
N ASP I 557 -57.11 11.24 19.44
CA ASP I 557 -57.21 9.78 19.35
C ASP I 557 -56.69 9.18 18.05
N GLY I 558 -56.22 9.98 17.10
CA GLY I 558 -55.53 9.47 15.94
C GLY I 558 -56.38 8.74 14.93
N LYS I 559 -57.70 8.89 14.97
CA LYS I 559 -58.54 8.20 14.00
C LYS I 559 -58.52 8.88 12.63
N MET I 560 -58.39 10.22 12.62
CA MET I 560 -58.25 11.05 11.40
C MET I 560 -59.42 10.84 10.43
N THR I 561 -60.61 10.68 10.98
CA THR I 561 -61.79 10.39 10.17
C THR I 561 -62.57 11.66 9.81
N ARG I 562 -61.87 12.65 9.22
CA ARG I 562 -62.38 13.85 8.56
C ARG I 562 -63.00 14.85 9.54
N GLU I 563 -63.19 14.49 10.81
CA GLU I 563 -63.88 15.34 11.77
C GLU I 563 -62.96 15.89 12.85
N ASN I 564 -62.00 15.09 13.32
CA ASN I 564 -61.10 15.54 14.38
C ASN I 564 -59.96 16.42 13.87
N VAL I 565 -59.66 16.39 12.57
CA VAL I 565 -58.57 17.19 12.04
C VAL I 565 -58.94 18.68 12.03
N LEU I 566 -60.19 19.00 11.69
CA LEU I 566 -60.65 20.38 11.75
C LEU I 566 -60.67 20.90 13.18
N ARG I 567 -61.07 20.04 14.12
CA ARG I 567 -61.01 20.37 15.54
C ARG I 567 -59.57 20.60 16.00
N GLY I 568 -58.63 19.79 15.49
CA GLY I 568 -57.23 19.98 15.84
C GLY I 568 -56.65 21.27 15.30
N LEU I 569 -57.00 21.63 14.05
CA LEU I 569 -56.57 22.91 13.51
C LEU I 569 -57.21 24.09 14.23
N ILE I 570 -58.45 23.92 14.69
CA ILE I 570 -59.13 25.01 15.41
C ILE I 570 -58.50 25.21 16.80
N MET I 571 -58.28 24.11 17.53
CA MET I 571 -57.83 24.21 18.91
C MET I 571 -56.32 24.17 19.09
N SER I 572 -55.55 23.96 18.02
CA SER I 572 -54.10 23.93 18.17
C SER I 572 -53.52 25.31 18.38
N SER I 573 -54.06 26.31 17.67
CA SER I 573 -53.62 27.69 17.79
C SER I 573 -54.67 28.52 18.49
N GLY I 574 -54.22 29.51 19.25
CA GLY I 574 -55.14 30.43 19.91
C GLY I 574 -55.75 31.47 19.02
N LYS I 575 -55.26 31.61 17.78
CA LYS I 575 -55.80 32.59 16.86
C LYS I 575 -56.95 32.06 16.02
N MET I 576 -56.97 30.75 15.74
CA MET I 576 -57.98 30.21 14.84
C MET I 576 -59.33 29.98 15.51
N VAL I 577 -59.41 30.01 16.84
CA VAL I 577 -60.73 29.98 17.48
C VAL I 577 -61.45 31.32 17.26
N LEU I 578 -60.74 32.43 17.43
CA LEU I 578 -61.29 33.74 17.13
C LEU I 578 -61.51 33.92 15.64
N LEU I 579 -60.62 33.36 14.81
CA LEU I 579 -60.82 33.39 13.37
C LEU I 579 -62.05 32.60 12.94
N ASP I 580 -62.29 31.44 13.59
CA ASP I 580 -63.48 30.65 13.29
C ASP I 580 -64.75 31.36 13.72
N GLN I 581 -64.72 32.03 14.88
CA GLN I 581 -65.87 32.82 15.31
C GLN I 581 -66.13 33.99 14.36
N LEU I 582 -65.06 34.64 13.89
CA LEU I 582 -65.21 35.72 12.92
C LEU I 582 -65.75 35.23 11.59
N LEU I 583 -65.30 34.05 11.14
CA LEU I 583 -65.80 33.48 9.89
C LEU I 583 -67.27 33.09 10.01
N THR I 584 -67.69 32.54 11.15
CA THR I 584 -69.11 32.22 11.33
C THR I 584 -69.96 33.48 11.39
N ARG I 585 -69.46 34.54 12.05
CA ARG I 585 -70.22 35.79 12.14
C ARG I 585 -70.33 36.46 10.78
N LEU I 586 -69.25 36.48 10.00
CA LEU I 586 -69.31 37.06 8.66
C LEU I 586 -70.02 36.16 7.67
N LYS I 587 -70.14 34.86 7.97
CA LYS I 587 -70.94 33.97 7.15
C LYS I 587 -72.44 34.19 7.37
N LYS I 588 -72.84 34.40 8.63
CA LYS I 588 -74.25 34.66 8.88
C LYS I 588 -74.66 36.09 8.56
N ASP I 589 -73.71 36.97 8.25
CA ASP I 589 -74.01 38.29 7.72
C ASP I 589 -73.60 38.36 6.26
N GLY I 590 -73.88 39.51 5.65
CA GLY I 590 -73.57 39.72 4.24
C GLY I 590 -72.23 40.39 3.99
N HIS I 591 -71.13 39.70 4.33
CA HIS I 591 -69.81 40.28 4.20
C HIS I 591 -68.86 39.29 3.54
N ARG I 592 -67.84 39.83 2.89
CA ARG I 592 -66.74 39.05 2.31
C ARG I 592 -65.45 39.49 2.95
N VAL I 593 -64.55 38.54 3.24
CA VAL I 593 -63.39 38.78 4.07
C VAL I 593 -62.11 38.36 3.35
N LEU I 594 -61.10 39.23 3.43
CA LEU I 594 -59.74 38.92 3.02
C LEU I 594 -58.90 38.65 4.26
N ILE I 595 -57.97 37.72 4.15
CA ILE I 595 -57.06 37.40 5.25
C ILE I 595 -55.64 37.51 4.73
N PHE I 596 -54.85 38.39 5.34
CA PHE I 596 -53.48 38.65 4.92
C PHE I 596 -52.51 37.93 5.86
N SER I 597 -51.50 37.27 5.30
CA SER I 597 -50.51 36.58 6.10
C SER I 597 -49.12 36.86 5.56
N GLN I 598 -48.13 36.80 6.46
CA GLN I 598 -46.74 37.01 6.05
C GLN I 598 -46.13 35.75 5.45
N MET I 599 -46.49 34.57 5.97
CA MET I 599 -45.93 33.31 5.52
C MET I 599 -46.97 32.54 4.73
N VAL I 600 -46.54 31.97 3.59
CA VAL I 600 -47.45 31.18 2.76
C VAL I 600 -47.73 29.81 3.34
N ARG I 601 -46.97 29.37 4.34
CA ARG I 601 -47.29 28.12 5.01
C ARG I 601 -48.51 28.29 5.92
N MET I 602 -48.64 29.46 6.55
CA MET I 602 -49.88 29.76 7.28
C MET I 602 -51.05 29.93 6.31
N LEU I 603 -50.77 30.44 5.11
CA LEU I 603 -51.79 30.47 4.06
C LEU I 603 -52.21 29.07 3.66
N ASP I 604 -51.26 28.14 3.61
CA ASP I 604 -51.59 26.73 3.36
C ASP I 604 -52.43 26.14 4.49
N ILE I 605 -52.12 26.52 5.73
CA ILE I 605 -52.88 26.04 6.89
C ILE I 605 -54.32 26.52 6.83
N LEU I 606 -54.51 27.81 6.57
CA LEU I 606 -55.87 28.35 6.44
C LEU I 606 -56.59 27.81 5.21
N GLY I 607 -55.87 27.60 4.11
CA GLY I 607 -56.50 27.04 2.92
C GLY I 607 -56.96 25.62 3.10
N ASP I 608 -56.16 24.80 3.79
CA ASP I 608 -56.59 23.43 4.10
C ASP I 608 -57.74 23.43 5.10
N TYR I 609 -57.72 24.37 6.06
CA TYR I 609 -58.82 24.49 7.02
C TYR I 609 -60.13 24.86 6.33
N LEU I 610 -60.08 25.80 5.39
CA LEU I 610 -61.28 26.18 4.66
C LEU I 610 -61.69 25.15 3.61
N SER I 611 -60.75 24.35 3.11
CA SER I 611 -61.11 23.26 2.20
C SER I 611 -61.83 22.15 2.93
N ILE I 612 -61.36 21.78 4.13
CA ILE I 612 -62.07 20.77 4.90
C ILE I 612 -63.27 21.34 5.64
N LYS I 613 -63.37 22.66 5.74
CA LYS I 613 -64.56 23.29 6.31
C LYS I 613 -65.74 23.24 5.35
N GLY I 614 -65.49 23.47 4.06
CA GLY I 614 -66.55 23.51 3.08
C GLY I 614 -66.93 24.93 2.69
N ILE I 615 -65.94 25.82 2.70
CA ILE I 615 -66.14 27.23 2.38
C ILE I 615 -65.37 27.53 1.10
N ASN I 616 -66.07 28.13 0.13
CA ASN I 616 -65.46 28.50 -1.15
C ASN I 616 -64.45 29.62 -0.93
N PHE I 617 -63.17 29.27 -1.00
CA PHE I 617 -62.08 30.19 -0.72
C PHE I 617 -61.23 30.36 -1.97
N GLN I 618 -60.52 31.50 -2.03
CA GLN I 618 -59.53 31.72 -3.07
C GLN I 618 -58.24 32.19 -2.43
N ARG I 619 -57.13 32.04 -3.16
CA ARG I 619 -55.81 32.26 -2.60
C ARG I 619 -54.92 33.01 -3.60
N LEU I 620 -54.02 33.84 -3.07
CA LEU I 620 -53.03 34.52 -3.89
C LEU I 620 -51.74 34.66 -3.10
N ASP I 621 -50.64 34.21 -3.71
CA ASP I 621 -49.31 34.32 -3.12
C ASP I 621 -48.29 34.42 -4.24
N GLY I 622 -47.01 34.32 -3.88
CA GLY I 622 -45.93 34.47 -4.85
C GLY I 622 -45.77 33.28 -5.78
N THR I 623 -46.19 32.09 -5.35
CA THR I 623 -46.07 30.91 -6.19
C THR I 623 -47.13 30.87 -7.28
N VAL I 624 -48.22 31.59 -7.12
CA VAL I 624 -49.28 31.62 -8.13
C VAL I 624 -48.84 32.54 -9.27
N PRO I 625 -48.88 32.07 -10.52
CA PRO I 625 -48.53 32.93 -11.65
C PRO I 625 -49.61 33.99 -11.89
N SER I 626 -49.25 34.97 -12.74
CA SER I 626 -50.09 36.15 -12.93
C SER I 626 -51.40 35.85 -13.63
N ALA I 627 -51.42 34.83 -14.49
CA ALA I 627 -52.66 34.45 -15.17
C ALA I 627 -53.69 33.90 -14.20
N GLN I 628 -53.25 33.01 -13.30
CA GLN I 628 -54.18 32.49 -12.29
C GLN I 628 -54.53 33.55 -11.26
N ARG I 629 -53.64 34.52 -11.02
CA ARG I 629 -53.99 35.66 -10.19
C ARG I 629 -55.09 36.50 -10.81
N ARG I 630 -55.00 36.73 -12.14
CA ARG I 630 -56.05 37.45 -12.86
C ARG I 630 -57.36 36.67 -12.84
N ILE I 631 -57.28 35.33 -12.96
CA ILE I 631 -58.46 34.47 -12.88
C ILE I 631 -59.11 34.58 -11.50
N SER I 632 -58.29 34.54 -10.44
CA SER I 632 -58.80 34.62 -9.07
C SER I 632 -59.42 35.98 -8.77
N ILE I 633 -58.81 37.05 -9.27
CA ILE I 633 -59.35 38.39 -9.03
C ILE I 633 -60.65 38.59 -9.81
N ASP I 634 -60.70 38.12 -11.06
CA ASP I 634 -61.93 38.25 -11.84
C ASP I 634 -63.04 37.35 -11.32
N HIS I 635 -62.69 36.22 -10.71
CA HIS I 635 -63.71 35.37 -10.11
C HIS I 635 -64.21 35.93 -8.79
N PHE I 636 -63.32 36.56 -8.01
CA PHE I 636 -63.74 37.15 -6.74
C PHE I 636 -64.53 38.43 -6.92
N ASN I 637 -64.21 39.22 -7.96
CA ASN I 637 -64.89 40.48 -8.20
C ASN I 637 -66.12 40.34 -9.08
N SER I 638 -66.48 39.12 -9.47
CA SER I 638 -67.69 38.91 -10.23
C SER I 638 -68.92 39.10 -9.34
N PRO I 639 -70.01 39.64 -9.90
CA PRO I 639 -71.24 39.82 -9.09
C PRO I 639 -71.91 38.51 -8.71
N ASP I 640 -71.66 37.42 -9.43
CA ASP I 640 -72.23 36.11 -9.13
C ASP I 640 -71.21 35.20 -8.47
N SER I 641 -70.35 35.75 -7.63
CA SER I 641 -69.28 34.99 -7.01
C SER I 641 -69.80 34.23 -5.79
N ASN I 642 -69.49 32.94 -5.72
CA ASN I 642 -69.79 32.13 -4.55
C ASN I 642 -68.64 32.11 -3.56
N ASP I 643 -67.53 32.77 -3.85
CA ASP I 643 -66.40 32.82 -2.94
C ASP I 643 -66.71 33.73 -1.75
N PHE I 644 -66.27 33.31 -0.57
CA PHE I 644 -66.50 34.04 0.66
C PHE I 644 -65.24 34.65 1.24
N VAL I 645 -64.13 33.93 1.22
CA VAL I 645 -62.89 34.36 1.86
C VAL I 645 -61.74 34.27 0.86
N PHE I 646 -60.90 35.30 0.86
CA PHE I 646 -59.79 35.43 -0.07
C PHE I 646 -58.51 35.65 0.71
N LEU I 647 -57.54 34.77 0.52
CA LEU I 647 -56.29 34.77 1.28
C LEU I 647 -55.19 35.42 0.46
N LEU I 648 -54.39 36.24 1.12
CA LEU I 648 -53.31 36.97 0.47
C LEU I 648 -52.01 36.76 1.22
N SER I 649 -50.92 36.63 0.47
CA SER I 649 -49.62 36.96 1.02
C SER I 649 -49.45 38.47 0.93
N THR I 650 -48.82 39.05 1.97
CA THR I 650 -48.91 40.50 2.19
C THR I 650 -48.10 41.29 1.17
N ARG I 651 -46.90 40.82 0.84
CA ARG I 651 -45.95 41.61 0.05
C ARG I 651 -45.96 41.23 -1.43
N ALA I 652 -47.10 40.81 -1.96
CA ALA I 652 -47.17 40.32 -3.34
C ALA I 652 -48.13 41.16 -4.18
N GLY I 653 -47.80 41.28 -5.46
CA GLY I 653 -48.69 41.85 -6.45
C GLY I 653 -48.63 43.35 -6.60
N GLY I 654 -47.98 44.06 -5.66
CA GLY I 654 -47.95 45.50 -5.76
C GLY I 654 -49.28 46.12 -5.40
N LEU I 655 -49.54 47.29 -6.00
CA LEU I 655 -50.74 48.07 -5.72
C LEU I 655 -51.81 47.92 -6.80
N GLY I 656 -51.60 47.02 -7.76
CA GLY I 656 -52.51 46.90 -8.89
C GLY I 656 -53.58 45.84 -8.73
N ILE I 657 -53.85 45.43 -7.49
CA ILE I 657 -54.80 44.35 -7.22
C ILE I 657 -56.14 44.96 -6.85
N ASN I 658 -57.22 44.45 -7.44
CA ASN I 658 -58.54 45.05 -7.36
C ASN I 658 -59.44 44.20 -6.46
N LEU I 659 -59.94 44.79 -5.38
CA LEU I 659 -60.77 44.11 -4.38
C LEU I 659 -61.99 44.95 -4.02
N MET I 660 -62.76 45.36 -5.04
CA MET I 660 -63.94 46.20 -4.82
C MET I 660 -65.01 45.48 -3.99
N THR I 661 -65.15 44.17 -4.17
CA THR I 661 -66.23 43.42 -3.53
C THR I 661 -65.93 43.07 -2.07
N ALA I 662 -64.74 43.37 -1.56
CA ALA I 662 -64.38 43.00 -0.21
C ALA I 662 -64.91 44.02 0.80
N ASP I 663 -65.11 43.54 2.03
CA ASP I 663 -65.57 44.41 3.10
C ASP I 663 -64.72 44.32 4.37
N THR I 664 -64.24 43.14 4.73
CA THR I 664 -63.53 42.93 5.98
C THR I 664 -62.11 42.47 5.67
N VAL I 665 -61.14 43.05 6.37
CA VAL I 665 -59.73 42.69 6.19
C VAL I 665 -59.19 42.20 7.53
N VAL I 666 -58.62 40.99 7.54
CA VAL I 666 -58.08 40.39 8.76
C VAL I 666 -56.58 40.26 8.57
N ILE I 667 -55.82 40.99 9.37
CA ILE I 667 -54.36 40.90 9.38
C ILE I 667 -53.99 39.82 10.38
N PHE I 668 -53.63 38.64 9.87
CA PHE I 668 -53.24 37.53 10.74
C PHE I 668 -51.85 37.78 11.33
N ASP I 669 -50.91 38.25 10.51
CA ASP I 669 -49.53 38.48 10.94
C ASP I 669 -49.17 39.93 10.69
N SER I 670 -48.70 40.61 11.73
CA SER I 670 -48.28 41.99 11.60
C SER I 670 -46.90 42.07 10.97
N ASP I 671 -46.73 43.03 10.07
CA ASP I 671 -45.45 43.23 9.40
C ASP I 671 -44.56 44.18 10.21
N TRP I 672 -43.26 44.06 9.97
CA TRP I 672 -42.31 45.02 10.54
C TRP I 672 -42.51 46.40 9.93
N ASN I 673 -42.76 46.46 8.63
CA ASN I 673 -43.04 47.72 7.96
C ASN I 673 -44.54 47.99 8.01
N PRO I 674 -44.99 49.08 8.66
CA PRO I 674 -46.43 49.35 8.70
C PRO I 674 -47.00 49.82 7.37
N GLN I 675 -46.15 50.26 6.44
CA GLN I 675 -46.65 50.63 5.11
C GLN I 675 -47.08 49.39 4.33
N ALA I 676 -46.45 48.25 4.59
CA ALA I 676 -46.90 47.00 3.99
C ALA I 676 -48.29 46.62 4.50
N ASP I 677 -48.54 46.79 5.79
CA ASP I 677 -49.89 46.57 6.32
C ASP I 677 -50.87 47.62 5.82
N LEU I 678 -50.40 48.85 5.60
CA LEU I 678 -51.26 49.91 5.08
C LEU I 678 -51.72 49.60 3.66
N GLN I 679 -50.80 49.16 2.81
CA GLN I 679 -51.18 48.67 1.49
C GLN I 679 -51.92 47.34 1.53
N ALA I 680 -51.81 46.60 2.64
CA ALA I 680 -52.59 45.38 2.79
C ALA I 680 -54.07 45.69 3.01
N MET I 681 -54.40 46.53 3.99
CA MET I 681 -55.83 46.79 4.13
C MET I 681 -56.31 47.90 3.20
N ALA I 682 -55.41 48.51 2.44
CA ALA I 682 -55.79 49.45 1.38
C ALA I 682 -56.19 48.74 0.09
N ARG I 683 -56.13 47.40 0.05
CA ARG I 683 -56.59 46.67 -1.13
C ARG I 683 -58.10 46.76 -1.28
N ALA I 684 -58.83 46.81 -0.17
CA ALA I 684 -60.28 46.97 -0.20
C ALA I 684 -60.72 48.40 0.06
N HIS I 685 -59.88 49.21 0.71
CA HIS I 685 -60.22 50.58 1.04
C HIS I 685 -59.61 51.53 0.00
N ARG I 686 -60.16 51.45 -1.22
CA ARG I 686 -59.82 52.38 -2.27
C ARG I 686 -61.03 53.25 -2.59
N ILE I 687 -60.90 54.07 -3.64
CA ILE I 687 -61.97 54.98 -4.03
C ILE I 687 -63.10 54.19 -4.69
N GLY I 688 -64.30 54.34 -4.15
CA GLY I 688 -65.48 53.70 -4.71
C GLY I 688 -66.05 52.57 -3.88
N GLN I 689 -65.57 52.36 -2.66
CA GLN I 689 -66.08 51.29 -1.81
C GLN I 689 -67.47 51.64 -1.28
N LYS I 690 -68.40 50.69 -1.39
CA LYS I 690 -69.78 50.92 -0.99
C LYS I 690 -70.08 50.51 0.44
N ASN I 691 -69.10 49.99 1.17
CA ASN I 691 -69.35 49.45 2.50
C ASN I 691 -68.28 49.92 3.48
N HIS I 692 -68.63 49.89 4.75
CA HIS I 692 -67.72 50.30 5.82
C HIS I 692 -66.64 49.24 6.02
N VAL I 693 -65.41 49.57 5.64
CA VAL I 693 -64.30 48.62 5.71
C VAL I 693 -63.86 48.48 7.16
N MET I 694 -63.76 47.24 7.64
CA MET I 694 -63.37 46.96 9.01
C MET I 694 -62.19 46.00 9.02
N VAL I 695 -61.18 46.34 9.81
CA VAL I 695 -59.93 45.57 9.89
C VAL I 695 -59.83 44.94 11.28
N TYR I 696 -59.61 43.64 11.31
CA TYR I 696 -59.33 42.91 12.54
C TYR I 696 -57.89 42.43 12.50
N ARG I 697 -57.10 42.84 13.49
CA ARG I 697 -55.71 42.42 13.60
C ARG I 697 -55.60 41.35 14.69
N LEU I 698 -55.09 40.18 14.33
CA LEU I 698 -55.00 39.06 15.25
C LEU I 698 -53.61 39.03 15.87
N VAL I 699 -53.55 39.25 17.19
CA VAL I 699 -52.29 39.40 17.92
C VAL I 699 -52.25 38.35 19.01
N SER I 700 -51.10 37.65 19.12
CA SER I 700 -50.89 36.71 20.20
C SER I 700 -50.45 37.45 21.46
N LYS I 701 -50.95 36.98 22.61
CA LYS I 701 -50.71 37.67 23.87
C LYS I 701 -49.40 37.23 24.51
N ASP I 702 -48.64 38.21 25.03
CA ASP I 702 -47.38 38.02 25.76
C ASP I 702 -46.35 37.25 24.94
N THR I 703 -46.26 37.59 23.65
CA THR I 703 -45.34 36.90 22.75
C THR I 703 -44.41 37.87 22.04
N VAL I 704 -43.70 37.37 21.02
CA VAL I 704 -42.74 38.17 20.27
C VAL I 704 -43.43 39.22 19.40
N GLU I 705 -44.73 39.07 19.13
CA GLU I 705 -45.45 40.00 18.27
C GLU I 705 -45.76 41.32 18.94
N GLU I 706 -45.65 41.40 20.27
CA GLU I 706 -45.96 42.64 20.97
C GLU I 706 -44.91 43.72 20.70
N GLU I 707 -43.63 43.35 20.69
CA GLU I 707 -42.62 44.32 20.28
C GLU I 707 -42.60 44.55 18.78
N VAL I 708 -43.14 43.62 17.99
CA VAL I 708 -43.38 43.89 16.57
C VAL I 708 -44.39 45.01 16.42
N LEU I 709 -45.48 44.95 17.18
CA LEU I 709 -46.46 46.04 17.17
C LEU I 709 -45.89 47.31 17.78
N GLU I 710 -44.98 47.19 18.75
CA GLU I 710 -44.33 48.38 19.32
C GLU I 710 -43.49 49.10 18.28
N ARG I 711 -42.69 48.35 17.50
CA ARG I 711 -41.89 48.96 16.45
C ARG I 711 -42.77 49.50 15.32
N ALA I 712 -43.86 48.79 15.00
CA ALA I 712 -44.78 49.26 13.98
C ALA I 712 -45.48 50.56 14.40
N ARG I 713 -45.88 50.65 15.67
CA ARG I 713 -46.50 51.88 16.15
C ARG I 713 -45.49 53.01 16.28
N LYS I 714 -44.22 52.68 16.58
CA LYS I 714 -43.18 53.71 16.58
C LYS I 714 -42.96 54.27 15.19
N LYS I 715 -42.96 53.40 14.17
CA LYS I 715 -42.83 53.87 12.80
C LYS I 715 -44.07 54.66 12.35
N MET I 716 -45.25 54.25 12.81
CA MET I 716 -46.47 55.00 12.51
C MET I 716 -46.47 56.38 13.19
N ILE I 717 -45.95 56.45 14.41
CA ILE I 717 -45.81 57.74 15.10
C ILE I 717 -44.82 58.63 14.38
N LEU I 718 -43.71 58.04 13.89
CA LEU I 718 -42.73 58.79 13.10
C LEU I 718 -43.32 59.32 11.81
N GLU I 719 -44.11 58.49 11.12
CA GLU I 719 -44.74 58.92 9.87
C GLU I 719 -45.82 59.95 10.10
N TYR I 720 -46.56 59.83 11.22
CA TYR I 720 -47.56 60.85 11.55
C TYR I 720 -46.90 62.15 11.99
N ALA I 721 -45.68 62.07 12.54
CA ALA I 721 -44.98 63.28 12.96
C ALA I 721 -44.41 64.02 11.77
N ILE I 722 -43.49 63.39 11.03
CA ILE I 722 -42.79 64.12 9.98
C ILE I 722 -43.64 64.24 8.72
N ILE I 723 -44.19 63.12 8.24
CA ILE I 723 -44.78 63.10 6.92
C ILE I 723 -46.20 63.66 6.93
N SER I 724 -47.03 63.23 7.88
CA SER I 724 -48.43 63.60 7.87
C SER I 724 -48.68 65.05 8.29
N LEU I 725 -47.73 65.68 8.97
CA LEU I 725 -47.86 67.06 9.38
C LEU I 725 -47.18 68.03 8.42
N GLY I 726 -46.66 67.53 7.30
CA GLY I 726 -45.98 68.35 6.30
C GLY I 726 -46.60 68.12 4.93
N VAL I 727 -47.93 68.16 4.89
CA VAL I 727 -48.65 67.92 3.64
C VAL I 727 -48.57 69.18 2.77
N THR I 728 -48.76 68.95 1.46
CA THR I 728 -48.69 69.97 0.39
C THR I 728 -47.41 70.80 0.41
N GLU I 743 -48.27 70.17 20.08
CA GLU I 743 -48.81 68.83 19.92
C GLU I 743 -47.76 67.84 19.38
N LEU I 744 -46.59 68.37 19.04
CA LEU I 744 -45.47 67.49 18.68
C LEU I 744 -44.95 66.74 19.90
N SER I 745 -44.87 67.43 21.05
CA SER I 745 -44.47 66.78 22.29
C SER I 745 -45.53 65.78 22.75
N ALA I 746 -46.81 66.06 22.50
CA ALA I 746 -47.87 65.13 22.84
C ALA I 746 -47.76 63.84 22.02
N ILE I 747 -47.49 63.96 20.72
CA ILE I 747 -47.38 62.76 19.90
C ILE I 747 -46.05 62.04 20.17
N LEU I 748 -45.03 62.77 20.63
CA LEU I 748 -43.78 62.12 21.03
C LEU I 748 -43.96 61.32 22.32
N LYS I 749 -44.72 61.88 23.27
CA LYS I 749 -45.04 61.14 24.49
C LYS I 749 -45.98 59.98 24.21
N PHE I 750 -46.84 60.11 23.21
CA PHE I 750 -47.68 58.99 22.79
C PHE I 750 -46.86 57.87 22.19
N GLY I 751 -45.87 58.22 21.35
CA GLY I 751 -45.01 57.21 20.76
C GLY I 751 -44.00 56.61 21.72
N ALA I 752 -43.66 57.33 22.79
CA ALA I 752 -42.67 56.84 23.74
C ALA I 752 -43.24 55.77 24.67
N GLY I 753 -44.54 55.79 24.93
CA GLY I 753 -45.10 54.90 25.93
C GLY I 753 -45.50 53.55 25.37
N ASN I 754 -45.40 52.53 26.23
CA ASN I 754 -45.83 51.19 25.89
C ASN I 754 -47.35 51.08 25.95
N MET I 755 -47.90 50.20 25.12
CA MET I 755 -49.35 50.05 24.97
C MET I 755 -49.92 48.93 25.82
N PHE I 756 -49.26 47.77 25.85
CA PHE I 756 -49.80 46.59 26.51
C PHE I 756 -49.64 46.68 28.02
N ASP I 772 -70.49 41.88 21.62
CA ASP I 772 -70.25 43.18 21.01
C ASP I 772 -68.76 43.47 20.94
N VAL I 773 -67.96 42.43 20.70
CA VAL I 773 -66.52 42.55 20.64
C VAL I 773 -66.07 42.38 19.18
N LEU I 774 -66.91 41.72 18.38
CA LEU I 774 -66.63 41.49 16.98
C LEU I 774 -67.69 42.13 16.08
N ASN I 775 -68.25 43.25 16.53
CA ASN I 775 -69.30 43.92 15.76
C ASN I 775 -68.74 44.58 14.52
N HIS I 776 -69.46 44.42 13.40
CA HIS I 776 -69.07 45.03 12.13
C HIS I 776 -69.73 46.39 11.94
N ALA I 777 -69.55 47.28 12.92
CA ALA I 777 -70.16 48.60 12.88
C ALA I 777 -69.31 49.55 13.72
N GLU I 778 -69.54 50.85 13.49
CA GLU I 778 -68.85 51.89 14.23
C GLU I 778 -69.72 53.13 14.37
N GLU I 795 -55.56 62.88 17.46
CA GLU I 795 -56.22 62.16 16.37
C GLU I 795 -55.56 60.80 16.14
N PHE I 796 -54.24 60.74 16.33
CA PHE I 796 -53.49 59.51 16.16
C PHE I 796 -53.51 58.62 17.40
N LEU I 797 -54.11 59.09 18.51
CA LEU I 797 -54.25 58.25 19.69
C LEU I 797 -55.25 57.13 19.48
N LYS I 798 -56.19 57.29 18.56
CA LYS I 798 -57.16 56.24 18.27
C LYS I 798 -56.51 55.12 17.47
N GLN I 799 -57.23 54.00 17.39
CA GLN I 799 -56.88 52.79 16.63
C GLN I 799 -55.59 52.13 17.11
N PHE I 800 -55.15 52.44 18.34
CA PHE I 800 -54.02 51.78 18.96
C PHE I 800 -54.41 51.04 20.23
N GLU I 801 -55.69 51.01 20.58
CA GLU I 801 -56.15 50.31 21.76
C GLU I 801 -56.07 48.80 21.55
N VAL I 802 -55.88 48.07 22.65
CA VAL I 802 -55.78 46.62 22.63
C VAL I 802 -57.04 46.05 23.24
N THR I 803 -57.74 45.21 22.48
CA THR I 803 -58.97 44.56 22.94
C THR I 803 -58.62 43.11 23.28
N ASP I 804 -58.46 42.80 24.56
CA ASP I 804 -58.01 41.43 24.89
C ASP I 804 -59.15 40.43 24.68
N TYR I 805 -59.46 40.08 23.43
CA TYR I 805 -60.64 39.20 23.21
C TYR I 805 -60.26 37.72 23.26
N LYS I 806 -60.54 37.06 24.38
CA LYS I 806 -60.26 35.60 24.51
C LYS I 806 -61.47 34.91 25.13
N ALA I 807 -62.39 34.43 24.29
CA ALA I 807 -63.57 33.68 24.80
C ALA I 807 -63.14 32.26 25.19
N ASP I 808 -62.00 31.80 24.67
CA ASP I 808 -61.47 30.45 25.02
C ASP I 808 -62.51 29.37 24.69
N ILE I 809 -62.72 29.08 23.40
CA ILE I 809 -63.67 28.00 22.99
C ILE I 809 -63.14 26.66 23.49
N ASP I 810 -64.03 25.73 23.85
CA ASP I 810 -63.61 24.41 24.39
C ASP I 810 -63.20 23.49 23.23
N TRP I 811 -62.35 22.49 23.51
CA TRP I 811 -61.93 21.52 22.47
C TRP I 811 -63.16 20.78 21.94
N ASP I 812 -64.03 20.32 22.85
CA ASP I 812 -65.28 19.65 22.42
C ASP I 812 -66.16 20.65 21.67
N ASP I 813 -66.26 21.88 22.19
CA ASP I 813 -67.09 22.94 21.55
C ASP I 813 -66.52 23.26 20.17
N ILE I 814 -65.21 23.06 19.97
CA ILE I 814 -64.57 23.39 18.66
C ILE I 814 -65.37 22.72 17.54
N ILE I 815 -65.83 21.49 17.74
CA ILE I 815 -66.68 20.83 16.70
C ILE I 815 -68.14 21.27 16.88
N PRO I 816 -68.90 21.51 15.79
CA PRO I 816 -70.31 21.85 15.93
C PRO I 816 -71.20 20.62 15.66
N GLU I 817 -72.17 20.36 16.55
CA GLU I 817 -73.04 19.16 16.41
C GLU I 817 -73.78 19.23 15.06
N GLU I 818 -74.27 20.41 14.69
CA GLU I 818 -75.02 20.57 13.41
C GLU I 818 -74.09 20.19 12.25
N GLU I 819 -72.86 20.72 12.27
CA GLU I 819 -71.88 20.41 11.19
C GLU I 819 -71.44 18.95 11.32
N LEU I 820 -71.40 18.43 12.55
CA LEU I 820 -70.95 17.05 12.76
C LEU I 820 -71.82 16.05 12.01
N LYS I 821 -73.13 16.29 11.95
CA LYS I 821 -74.02 15.43 11.18
C LYS I 821 -73.71 15.51 9.68
N LYS I 822 -73.44 16.72 9.18
CA LYS I 822 -73.07 16.89 7.78
C LYS I 822 -71.74 16.21 7.46
N LEU I 823 -70.76 16.33 8.36
CA LEU I 823 -69.46 15.68 8.17
C LEU I 823 -69.58 14.16 8.21
N GLN I 824 -70.39 13.63 9.13
CA GLN I 824 -70.60 12.18 9.21
C GLN I 824 -71.34 11.66 7.98
N ASP I 825 -72.34 12.42 7.49
CA ASP I 825 -73.05 12.03 6.28
C ASP I 825 -72.15 12.07 5.05
N GLU I 826 -71.27 13.09 4.97
CA GLU I 826 -70.32 13.16 3.87
C GLU I 826 -69.29 12.04 3.93
N GLU I 827 -68.83 11.67 5.13
CA GLU I 827 -67.90 10.54 5.27
C GLU I 827 -68.57 9.22 4.90
N GLN I 828 -69.83 9.05 5.30
CA GLN I 828 -70.57 7.82 4.95
C GLN I 828 -70.84 7.74 3.45
N LYS I 829 -71.14 8.88 2.82
CA LYS I 829 -71.33 8.91 1.38
C LYS I 829 -70.04 8.68 0.62
N ARG I 830 -68.91 9.19 1.12
CA ARG I 830 -67.63 8.92 0.49
C ARG I 830 -67.21 7.46 0.68
N LYS I 831 -67.55 6.85 1.80
CA LYS I 831 -67.29 5.44 2.00
C LYS I 831 -68.19 4.57 1.13
N ASP I 832 -69.43 5.01 0.89
CA ASP I 832 -70.34 4.24 0.05
C ASP I 832 -69.96 4.35 -1.42
N GLU I 833 -69.54 5.53 -1.85
CA GLU I 833 -69.19 5.76 -3.26
C GLU I 833 -67.71 5.52 -3.55
N GLU I 834 -66.93 5.09 -2.54
CA GLU I 834 -65.50 4.80 -2.63
C GLU I 834 -64.69 5.99 -3.14
N TYR I 835 -64.20 5.88 -4.39
CA TYR I 835 -63.39 6.89 -5.07
C TYR I 835 -62.15 7.30 -4.29
N LYS J 1 -5.88 -16.01 34.74
CA LYS J 1 -6.93 -16.90 34.28
C LYS J 1 -7.99 -16.14 33.49
N ILE J 2 -8.99 -15.63 34.20
CA ILE J 2 -10.07 -14.86 33.56
C ILE J 2 -9.53 -13.49 33.17
N PRO J 3 -9.91 -12.94 32.01
CA PRO J 3 -9.42 -11.61 31.63
C PRO J 3 -10.08 -10.52 32.47
N THR J 4 -9.27 -9.57 32.92
CA THR J 4 -9.75 -8.46 33.73
C THR J 4 -10.13 -7.25 32.87
N ARG J 5 -9.96 -7.32 31.56
CA ARG J 5 -10.30 -6.23 30.67
C ARG J 5 -10.98 -6.79 29.43
N PHE J 6 -12.06 -6.14 29.00
CA PHE J 6 -12.82 -6.53 27.83
C PHE J 6 -12.96 -5.34 26.90
N SER J 7 -13.63 -5.57 25.77
CA SER J 7 -13.86 -4.54 24.77
C SER J 7 -15.36 -4.25 24.70
N ASN J 8 -15.73 -2.99 24.83
CA ASN J 8 -17.11 -2.57 24.67
C ASN J 8 -17.48 -2.34 23.20
N ARG J 9 -16.52 -2.50 22.28
CA ARG J 9 -16.82 -2.39 20.87
C ARG J 9 -17.62 -3.60 20.41
N GLN J 10 -18.72 -3.35 19.69
CA GLN J 10 -19.63 -4.40 19.25
C GLN J 10 -19.25 -4.91 17.85
N ASN J 11 -18.05 -5.46 17.76
CA ASN J 11 -17.61 -6.05 16.51
C ASN J 11 -18.20 -7.44 16.33
N LYS J 12 -18.35 -7.86 15.08
CA LYS J 12 -18.73 -9.23 14.81
C LYS J 12 -17.53 -10.15 15.03
N THR J 13 -17.83 -11.42 15.33
CA THR J 13 -16.76 -12.39 15.53
C THR J 13 -16.10 -12.74 14.20
N VAL J 14 -14.80 -12.99 14.26
CA VAL J 14 -13.99 -13.28 13.09
C VAL J 14 -13.24 -14.58 13.35
N ASN J 15 -13.38 -15.54 12.43
CA ASN J 15 -12.62 -16.77 12.49
C ASN J 15 -11.21 -16.49 11.96
N TYR J 16 -10.22 -16.58 12.85
CA TYR J 16 -8.84 -16.24 12.51
C TYR J 16 -8.02 -17.44 12.09
N ASN J 17 -8.65 -18.61 11.93
CA ASN J 17 -7.92 -19.82 11.56
C ASN J 17 -7.57 -19.74 10.08
N ILE J 18 -6.27 -19.69 9.79
CA ILE J 18 -5.79 -19.55 8.42
C ILE J 18 -5.33 -20.90 7.90
N ASP J 19 -5.59 -21.95 8.67
CA ASP J 19 -5.25 -23.30 8.23
C ASP J 19 -6.21 -23.74 7.13
N TYR J 20 -5.66 -24.14 5.99
CA TYR J 20 -6.45 -24.53 4.83
C TYR J 20 -6.31 -26.03 4.58
N SER J 21 -7.39 -26.63 4.12
CA SER J 21 -7.41 -28.03 3.71
C SER J 21 -7.79 -28.07 2.23
N ASP J 22 -7.03 -28.86 1.45
CA ASP J 22 -7.25 -28.98 0.02
C ASP J 22 -8.23 -30.10 -0.33
N ASP J 23 -9.12 -30.46 0.58
CA ASP J 23 -10.06 -31.56 0.35
C ASP J 23 -11.13 -31.21 -0.68
N ASP J 24 -11.32 -29.94 -1.00
CA ASP J 24 -12.23 -29.52 -2.05
C ASP J 24 -11.56 -29.51 -3.42
N LEU J 25 -10.30 -29.92 -3.51
CA LEU J 25 -9.56 -29.92 -4.76
C LEU J 25 -9.12 -31.32 -5.18
N LEU J 26 -9.70 -32.37 -4.58
CA LEU J 26 -9.33 -33.74 -4.91
C LEU J 26 -9.89 -34.21 -6.25
N GLU J 27 -10.80 -33.44 -6.86
CA GLU J 27 -11.34 -33.83 -8.17
C GLU J 27 -10.33 -33.69 -9.28
N SER J 28 -9.26 -32.92 -9.07
CA SER J 28 -8.16 -32.83 -10.03
C SER J 28 -6.81 -33.15 -9.38
N GLU J 29 -6.83 -33.82 -8.23
CA GLU J 29 -5.61 -34.14 -7.51
C GLU J 29 -5.34 -35.64 -7.42
N ASP J 30 -6.31 -36.43 -6.95
CA ASP J 30 -6.15 -37.87 -6.89
C ASP J 30 -7.37 -38.58 -7.47
N ASP J 31 -8.52 -37.93 -7.42
CA ASP J 31 -9.75 -38.51 -7.95
C ASP J 31 -10.09 -37.91 -9.31
N PHE J 55 7.02 -49.59 -9.88
CA PHE J 55 8.13 -48.71 -9.54
C PHE J 55 9.40 -49.14 -10.26
N HIS J 56 9.25 -49.67 -11.47
CA HIS J 56 10.37 -50.13 -12.28
C HIS J 56 10.47 -49.25 -13.53
N GLY J 57 11.53 -48.45 -13.60
CA GLY J 57 11.76 -47.58 -14.73
C GLY J 57 13.23 -47.30 -14.90
N ILE J 58 13.55 -46.62 -15.99
CA ILE J 58 14.95 -46.30 -16.30
C ILE J 58 15.43 -45.21 -15.35
N ASP J 59 16.54 -45.49 -14.66
CA ASP J 59 17.12 -44.53 -13.73
C ASP J 59 18.48 -44.02 -14.21
N ILE J 60 19.43 -44.92 -14.47
CA ILE J 60 20.77 -44.56 -14.91
C ILE J 60 21.04 -45.30 -16.21
N VAL J 61 21.59 -44.59 -17.21
CA VAL J 61 22.07 -45.22 -18.43
C VAL J 61 23.58 -45.09 -18.45
N ILE J 62 24.26 -46.23 -18.54
CA ILE J 62 25.71 -46.26 -18.28
C ILE J 62 26.49 -46.30 -19.58
N ASN J 63 26.32 -47.35 -20.37
CA ASN J 63 27.17 -47.60 -21.52
C ASN J 63 26.32 -47.95 -22.75
N HIS J 64 26.89 -47.70 -23.92
CA HIS J 64 26.25 -48.02 -25.18
C HIS J 64 27.22 -48.82 -26.04
N ARG J 65 26.67 -49.68 -26.89
CA ARG J 65 27.46 -50.52 -27.78
C ARG J 65 27.04 -50.26 -29.22
N LEU J 66 28.04 -50.21 -30.12
CA LEU J 66 27.79 -49.84 -31.51
C LEU J 66 27.03 -50.93 -32.28
N LYS J 67 27.10 -52.18 -31.84
CA LYS J 67 26.37 -53.26 -32.46
C LYS J 67 25.10 -53.53 -31.66
N THR J 68 23.94 -53.41 -32.32
CA THR J 68 22.67 -53.64 -31.64
C THR J 68 22.42 -55.13 -31.42
N SER J 69 22.35 -55.89 -32.51
CA SER J 69 22.14 -57.33 -32.43
C SER J 69 23.29 -58.12 -33.03
N LEU J 70 23.74 -57.75 -34.22
CA LEU J 70 24.84 -58.43 -34.88
C LEU J 70 25.60 -57.44 -35.75
N GLU J 71 26.84 -57.79 -36.07
CA GLU J 71 27.70 -56.94 -36.90
C GLU J 71 27.26 -57.11 -38.34
N GLU J 72 26.53 -56.11 -38.86
CA GLU J 72 26.04 -56.18 -40.24
C GLU J 72 27.17 -55.95 -41.24
N GLY J 73 28.05 -54.99 -40.96
CA GLY J 73 29.15 -54.71 -41.86
C GLY J 73 29.86 -53.44 -41.45
N LYS J 74 30.96 -53.17 -42.15
CA LYS J 74 31.77 -52.00 -41.91
C LYS J 74 31.41 -50.83 -42.81
N VAL J 75 30.38 -50.96 -43.63
CA VAL J 75 29.97 -49.90 -44.55
C VAL J 75 29.18 -48.85 -43.80
N LEU J 76 28.98 -47.69 -44.45
CA LEU J 76 28.24 -46.53 -43.91
C LEU J 76 28.83 -46.04 -42.59
N GLU J 77 30.16 -46.01 -42.51
CA GLU J 77 30.84 -45.52 -41.32
C GLU J 77 31.03 -44.01 -41.34
N LYS J 78 30.68 -43.34 -42.44
CA LYS J 78 30.81 -41.90 -42.54
C LYS J 78 29.53 -41.23 -42.04
N THR J 79 29.47 -39.90 -42.17
CA THR J 79 28.35 -39.03 -41.80
C THR J 79 27.96 -39.15 -40.33
N VAL J 80 26.78 -38.63 -39.98
CA VAL J 80 26.29 -38.64 -38.60
C VAL J 80 24.96 -39.36 -38.57
N PRO J 81 24.68 -40.18 -37.57
CA PRO J 81 23.33 -40.75 -37.44
C PRO J 81 22.39 -39.75 -36.77
N ASP J 82 21.10 -39.98 -36.99
CA ASP J 82 20.07 -39.16 -36.37
C ASP J 82 19.60 -39.82 -35.07
N LEU J 83 18.55 -39.28 -34.46
CA LEU J 83 18.01 -39.87 -33.24
C LEU J 83 17.30 -41.20 -33.53
N ASN J 84 16.54 -41.26 -34.62
CA ASN J 84 15.87 -42.50 -34.98
C ASN J 84 16.83 -43.52 -35.55
N ASN J 85 17.96 -43.07 -36.12
CA ASN J 85 18.97 -43.99 -36.61
C ASN J 85 19.68 -44.70 -35.47
N CYS J 86 19.89 -44.00 -34.35
CA CYS J 86 20.50 -44.61 -33.18
C CYS J 86 19.52 -45.43 -32.35
N LYS J 87 18.22 -45.34 -32.65
CA LYS J 87 17.23 -46.11 -31.90
C LYS J 87 17.29 -47.59 -32.21
N GLU J 88 17.78 -47.97 -33.39
CA GLU J 88 17.89 -49.36 -33.78
C GLU J 88 19.34 -49.82 -33.96
N ASN J 89 20.32 -48.93 -33.75
CA ASN J 89 21.72 -49.25 -33.97
C ASN J 89 22.51 -49.45 -32.69
N TYR J 90 22.04 -48.94 -31.56
CA TYR J 90 22.77 -48.99 -30.30
C TYR J 90 21.93 -49.67 -29.23
N GLU J 91 22.60 -50.46 -28.39
CA GLU J 91 21.99 -51.03 -27.20
C GLU J 91 22.62 -50.40 -25.98
N PHE J 92 21.79 -50.03 -25.01
CA PHE J 92 22.22 -49.23 -23.87
C PHE J 92 22.17 -50.05 -22.59
N LEU J 93 23.16 -49.84 -21.73
CA LEU J 93 23.20 -50.47 -20.42
C LEU J 93 22.32 -49.67 -19.46
N ILE J 94 21.35 -50.34 -18.84
CA ILE J 94 20.33 -49.68 -18.02
C ILE J 94 20.46 -50.18 -16.60
N LYS J 95 20.60 -49.26 -15.65
CA LYS J 95 20.37 -49.49 -14.24
C LYS J 95 18.98 -48.97 -13.91
N TRP J 96 18.10 -49.87 -13.50
CA TRP J 96 16.70 -49.55 -13.32
C TRP J 96 16.45 -48.90 -11.96
N THR J 97 15.23 -48.41 -11.78
CA THR J 97 14.84 -47.80 -10.53
C THR J 97 14.71 -48.86 -9.44
N ASP J 98 15.25 -48.54 -8.25
CA ASP J 98 15.26 -49.40 -7.06
C ASP J 98 15.93 -50.75 -7.35
N GLU J 99 17.05 -50.70 -8.06
CA GLU J 99 17.85 -51.88 -8.35
C GLU J 99 19.24 -51.72 -7.73
N SER J 100 20.12 -52.68 -8.02
CA SER J 100 21.34 -52.87 -7.25
C SER J 100 22.61 -52.81 -8.09
N HIS J 101 22.52 -52.24 -9.31
CA HIS J 101 23.62 -52.12 -10.29
C HIS J 101 24.19 -53.46 -10.73
N LEU J 102 23.52 -54.58 -10.41
CA LEU J 102 23.90 -55.89 -10.89
C LEU J 102 22.87 -56.47 -11.85
N HIS J 103 21.65 -55.94 -11.85
CA HIS J 103 20.61 -56.28 -12.82
C HIS J 103 20.58 -55.27 -13.96
N ASN J 104 21.72 -54.67 -14.29
CA ASN J 104 21.81 -53.77 -15.43
C ASN J 104 21.63 -54.55 -16.72
N THR J 105 20.77 -54.06 -17.59
CA THR J 105 20.35 -54.80 -18.77
C THR J 105 20.77 -54.06 -20.03
N TRP J 106 21.22 -54.81 -21.04
CA TRP J 106 21.53 -54.25 -22.35
C TRP J 106 20.24 -54.24 -23.16
N GLU J 107 19.63 -53.08 -23.30
CA GLU J 107 18.30 -52.95 -23.88
C GLU J 107 18.36 -52.12 -25.16
N THR J 108 17.21 -52.04 -25.82
CA THR J 108 17.02 -51.32 -27.07
C THR J 108 15.73 -50.54 -26.93
N TYR J 109 15.57 -49.50 -27.77
CA TYR J 109 14.38 -48.65 -27.73
C TYR J 109 13.11 -49.45 -28.03
N GLU J 110 13.19 -50.37 -29.00
CA GLU J 110 12.04 -51.24 -29.26
C GLU J 110 11.89 -52.32 -28.19
N SER J 111 12.94 -52.63 -27.46
CA SER J 111 12.86 -53.61 -26.38
C SER J 111 12.35 -53.03 -25.08
N ILE J 112 12.29 -51.71 -24.96
CA ILE J 112 11.81 -51.07 -23.73
C ILE J 112 10.30 -50.88 -23.78
N GLY J 113 9.79 -50.30 -24.85
CA GLY J 113 8.38 -49.97 -24.93
C GLY J 113 8.10 -48.58 -24.44
N GLN J 114 7.54 -48.48 -23.23
CA GLN J 114 7.27 -47.17 -22.62
C GLN J 114 7.33 -47.34 -21.12
N VAL J 115 8.47 -46.99 -20.52
CA VAL J 115 8.64 -46.99 -19.07
C VAL J 115 9.06 -45.60 -18.63
N ARG J 116 9.05 -45.38 -17.32
CA ARG J 116 9.49 -44.11 -16.77
C ARG J 116 11.00 -43.96 -16.91
N GLY J 117 11.44 -42.73 -17.18
CA GLY J 117 12.84 -42.46 -17.40
C GLY J 117 13.29 -42.51 -18.85
N LEU J 118 12.35 -42.50 -19.80
CA LEU J 118 12.71 -42.50 -21.21
C LEU J 118 13.36 -41.18 -21.62
N LYS J 119 13.02 -40.09 -20.94
CA LYS J 119 13.67 -38.80 -21.20
C LYS J 119 15.13 -38.82 -20.80
N ARG J 120 15.49 -39.57 -19.76
CA ARG J 120 16.89 -39.75 -19.39
C ARG J 120 17.66 -40.48 -20.48
N LEU J 121 17.05 -41.52 -21.06
CA LEU J 121 17.68 -42.25 -22.16
C LEU J 121 17.82 -41.38 -23.40
N ASP J 122 16.80 -40.54 -23.67
CA ASP J 122 16.87 -39.62 -24.80
C ASP J 122 17.97 -38.58 -24.61
N ASN J 123 18.09 -38.05 -23.39
CA ASN J 123 19.15 -37.08 -23.09
C ASN J 123 20.53 -37.71 -23.19
N TYR J 124 20.68 -38.95 -22.71
CA TYR J 124 21.92 -39.71 -22.82
C TYR J 124 22.32 -39.88 -24.28
N CYS J 125 21.38 -40.42 -25.08
CA CYS J 125 21.64 -40.72 -26.48
C CYS J 125 21.99 -39.47 -27.27
N LYS J 126 21.16 -38.42 -27.10
CA LYS J 126 21.37 -37.14 -27.77
C LYS J 126 22.71 -36.53 -27.43
N GLN J 127 22.93 -36.25 -26.13
CA GLN J 127 24.13 -35.52 -25.71
C GLN J 127 25.40 -36.32 -26.01
N PHE J 128 25.47 -37.57 -25.55
CA PHE J 128 26.71 -38.33 -25.70
C PHE J 128 26.98 -38.70 -27.15
N ILE J 129 25.99 -39.22 -27.88
CA ILE J 129 26.24 -39.68 -29.25
C ILE J 129 26.50 -38.48 -30.18
N ILE J 130 25.72 -37.40 -30.06
CA ILE J 130 25.89 -36.23 -30.92
C ILE J 130 27.24 -35.56 -30.64
N GLU J 131 27.58 -35.33 -29.36
CA GLU J 131 28.83 -34.66 -29.07
C GLU J 131 30.05 -35.55 -29.33
N ASP J 132 29.92 -36.87 -29.16
CA ASP J 132 31.04 -37.76 -29.41
C ASP J 132 31.32 -37.88 -30.90
N GLN J 133 30.28 -38.01 -31.73
CA GLN J 133 30.53 -38.05 -33.16
C GLN J 133 30.89 -36.67 -33.71
N GLN J 134 30.50 -35.59 -33.04
CA GLN J 134 30.93 -34.26 -33.46
C GLN J 134 32.41 -34.04 -33.16
N VAL J 135 32.88 -34.46 -31.99
CA VAL J 135 34.30 -34.31 -31.67
C VAL J 135 35.15 -35.34 -32.42
N ARG J 136 34.56 -36.46 -32.83
CA ARG J 136 35.30 -37.41 -33.67
C ARG J 136 35.42 -36.91 -35.11
N LEU J 137 34.35 -36.34 -35.68
CA LEU J 137 34.33 -36.01 -37.09
C LEU J 137 34.79 -34.58 -37.39
N ASP J 138 35.06 -33.76 -36.38
CA ASP J 138 35.50 -32.40 -36.67
C ASP J 138 36.96 -32.39 -37.10
N PRO J 139 37.34 -31.45 -37.97
CA PRO J 139 38.73 -31.37 -38.42
C PRO J 139 39.63 -30.50 -37.55
N TYR J 140 39.07 -29.71 -36.64
CA TYR J 140 39.84 -28.83 -35.79
C TYR J 140 40.07 -29.42 -34.40
N VAL J 141 39.75 -30.68 -34.19
CA VAL J 141 39.94 -31.34 -32.90
C VAL J 141 41.33 -31.94 -32.86
N THR J 142 42.13 -31.53 -31.87
CA THR J 142 43.49 -32.01 -31.73
C THR J 142 43.51 -33.39 -31.06
N ALA J 143 44.71 -33.96 -30.96
CA ALA J 143 44.85 -35.25 -30.29
C ALA J 143 44.72 -35.13 -28.78
N GLU J 144 45.06 -33.96 -28.22
CA GLU J 144 44.94 -33.75 -26.79
C GLU J 144 43.48 -33.76 -26.34
N ASP J 145 42.60 -33.12 -27.13
CA ASP J 145 41.17 -33.13 -26.82
C ASP J 145 40.59 -34.53 -26.92
N ILE J 146 41.01 -35.30 -27.93
CA ILE J 146 40.46 -36.64 -28.10
C ILE J 146 40.99 -37.58 -27.01
N GLU J 147 42.22 -37.37 -26.53
CA GLU J 147 42.69 -38.24 -25.47
C GLU J 147 42.11 -37.85 -24.11
N ILE J 148 41.83 -36.56 -23.86
CA ILE J 148 41.19 -36.24 -22.59
C ILE J 148 39.72 -36.66 -22.59
N MET J 149 39.03 -36.62 -23.73
CA MET J 149 37.65 -37.11 -23.73
C MET J 149 37.62 -38.64 -23.61
N ASP J 150 38.59 -39.33 -24.21
CA ASP J 150 38.67 -40.78 -24.02
C ASP J 150 39.02 -41.13 -22.58
N MET J 151 39.88 -40.33 -21.94
CA MET J 151 40.25 -40.57 -20.55
C MET J 151 39.09 -40.34 -19.61
N GLU J 152 38.29 -39.29 -19.84
CA GLU J 152 37.13 -39.06 -18.96
C GLU J 152 36.02 -40.06 -19.27
N ARG J 153 35.92 -40.56 -20.50
CA ARG J 153 34.99 -41.63 -20.82
C ARG J 153 35.35 -42.91 -20.08
N GLU J 154 36.64 -43.26 -20.06
CA GLU J 154 37.09 -44.43 -19.31
C GLU J 154 36.95 -44.23 -17.80
N ARG J 155 37.13 -42.99 -17.33
CA ARG J 155 36.91 -42.69 -15.91
C ARG J 155 35.45 -42.87 -15.52
N ARG J 156 34.53 -42.40 -16.37
CA ARG J 156 33.10 -42.62 -16.13
C ARG J 156 32.76 -44.11 -16.19
N LEU J 157 33.39 -44.84 -17.13
CA LEU J 157 33.12 -46.26 -17.30
C LEU J 157 33.56 -47.08 -16.09
N ASP J 158 34.79 -46.91 -15.63
CA ASP J 158 35.19 -47.71 -14.47
C ASP J 158 34.67 -47.17 -13.15
N GLU J 159 34.29 -45.89 -13.09
CA GLU J 159 33.56 -45.37 -11.93
C GLU J 159 32.20 -46.04 -11.82
N PHE J 160 31.51 -46.23 -12.94
CA PHE J 160 30.25 -46.96 -12.92
C PHE J 160 30.46 -48.46 -12.70
N GLU J 161 31.61 -48.99 -13.16
CA GLU J 161 31.91 -50.40 -12.97
C GLU J 161 32.27 -50.71 -11.51
N GLU J 162 32.73 -49.71 -10.76
CA GLU J 162 33.04 -49.92 -9.35
C GLU J 162 31.79 -50.16 -8.49
N PHE J 163 30.60 -49.84 -9.00
CA PHE J 163 29.37 -50.03 -8.22
C PHE J 163 28.97 -51.49 -8.10
N HIS J 164 29.53 -52.38 -8.93
CA HIS J 164 29.15 -53.79 -8.88
C HIS J 164 29.71 -54.46 -7.63
N VAL J 165 30.85 -54.03 -7.15
CA VAL J 165 31.51 -54.68 -6.03
C VAL J 165 30.80 -54.29 -4.73
N PRO J 166 30.36 -55.24 -3.92
CA PRO J 166 29.84 -54.91 -2.59
C PRO J 166 30.96 -54.48 -1.66
N GLU J 167 30.59 -53.72 -0.63
CA GLU J 167 31.54 -53.19 0.33
C GLU J 167 31.19 -53.56 1.76
N ARG J 168 29.91 -53.62 2.11
CA ARG J 168 29.48 -53.92 3.46
C ARG J 168 28.09 -54.52 3.42
N ILE J 169 27.86 -55.53 4.24
CA ILE J 169 26.55 -56.14 4.40
C ILE J 169 25.95 -55.64 5.72
N ILE J 170 24.75 -55.10 5.65
CA ILE J 170 24.15 -54.41 6.80
C ILE J 170 23.34 -55.40 7.63
N ASP J 171 22.34 -56.02 7.02
CA ASP J 171 21.41 -56.88 7.76
C ASP J 171 20.90 -57.98 6.85
N SER J 172 20.44 -59.06 7.47
CA SER J 172 19.87 -60.20 6.78
C SER J 172 18.42 -60.39 7.20
N GLN J 173 17.61 -60.89 6.27
CA GLN J 173 16.20 -61.15 6.54
C GLN J 173 15.79 -62.43 5.85
N ARG J 174 14.63 -62.96 6.26
CA ARG J 174 14.02 -64.12 5.63
C ARG J 174 12.71 -63.65 5.00
N ALA J 175 12.67 -63.61 3.67
CA ALA J 175 11.52 -63.09 2.95
C ALA J 175 10.93 -64.18 2.06
N SER J 176 9.61 -64.16 1.93
CA SER J 176 8.87 -65.13 1.12
C SER J 176 8.58 -64.52 -0.24
N LEU J 177 9.00 -65.22 -1.30
CA LEU J 177 8.77 -64.77 -2.66
C LEU J 177 7.45 -65.36 -3.17
N GLU J 178 7.21 -65.24 -4.47
CA GLU J 178 5.99 -65.78 -5.08
C GLU J 178 6.12 -67.30 -5.14
N ASP J 179 5.57 -67.97 -4.10
CA ASP J 179 5.67 -69.42 -3.90
C ASP J 179 7.11 -69.91 -3.90
N GLY J 180 7.99 -69.12 -3.29
CA GLY J 180 9.40 -69.47 -3.21
C GLY J 180 9.83 -69.90 -1.83
N THR J 181 8.85 -70.29 -1.00
CA THR J 181 9.02 -70.70 0.40
C THR J 181 9.69 -69.57 1.17
N SER J 182 10.89 -69.76 1.71
CA SER J 182 11.61 -68.71 2.42
C SER J 182 12.99 -68.53 1.81
N GLN J 183 13.42 -67.29 1.67
CA GLN J 183 14.70 -66.95 1.07
C GLN J 183 15.47 -66.02 1.99
N LEU J 184 16.74 -66.33 2.20
CA LEU J 184 17.64 -65.43 2.90
C LEU J 184 18.03 -64.29 1.99
N GLN J 185 17.96 -63.06 2.51
CA GLN J 185 18.11 -61.87 1.69
C GLN J 185 18.94 -60.85 2.46
N TYR J 186 20.08 -60.47 1.88
CA TYR J 186 21.04 -59.59 2.52
C TYR J 186 20.79 -58.14 2.14
N LEU J 187 21.11 -57.23 3.05
CA LEU J 187 21.14 -55.81 2.75
C LEU J 187 22.57 -55.42 2.40
N VAL J 188 22.78 -54.97 1.17
CA VAL J 188 24.11 -54.81 0.58
C VAL J 188 24.36 -53.32 0.35
N LYS J 189 25.50 -52.84 0.84
CA LYS J 189 26.05 -51.54 0.50
C LYS J 189 27.15 -51.74 -0.54
N TRP J 190 27.27 -50.77 -1.45
CA TRP J 190 28.21 -50.86 -2.55
C TRP J 190 29.44 -50.00 -2.26
N ARG J 191 30.35 -49.95 -3.24
CA ARG J 191 31.68 -49.41 -3.00
C ARG J 191 31.66 -47.89 -2.86
N ARG J 192 31.27 -47.18 -3.92
CA ARG J 192 31.20 -45.73 -3.87
C ARG J 192 29.78 -45.21 -3.69
N LEU J 193 28.79 -46.10 -3.62
CA LEU J 193 27.44 -45.69 -3.32
C LEU J 193 27.26 -45.50 -1.82
N ASN J 194 26.12 -44.94 -1.44
CA ASN J 194 25.81 -44.65 -0.05
C ASN J 194 24.72 -45.58 0.45
N TYR J 195 24.26 -45.35 1.68
CA TYR J 195 23.31 -46.24 2.33
C TYR J 195 21.89 -46.11 1.78
N ASP J 196 21.58 -45.04 1.04
CA ASP J 196 20.29 -44.99 0.37
C ASP J 196 20.25 -45.83 -0.89
N GLU J 197 21.40 -46.29 -1.38
CA GLU J 197 21.46 -47.26 -2.47
C GLU J 197 21.70 -48.67 -1.95
N ALA J 198 21.64 -48.89 -0.65
CA ALA J 198 21.74 -50.23 -0.10
C ALA J 198 20.50 -51.03 -0.46
N THR J 199 20.70 -52.25 -0.97
CA THR J 199 19.63 -52.99 -1.62
C THR J 199 19.50 -54.38 -1.02
N TRP J 200 18.30 -54.93 -1.12
CA TRP J 200 18.02 -56.29 -0.67
C TRP J 200 18.27 -57.25 -1.82
N GLU J 201 19.24 -58.14 -1.65
CA GLU J 201 19.66 -59.05 -2.70
C GLU J 201 19.75 -60.48 -2.16
N ASN J 202 19.80 -61.44 -3.09
CA ASN J 202 19.92 -62.85 -2.72
C ASN J 202 21.27 -63.11 -2.08
N ALA J 203 21.32 -64.07 -1.17
CA ALA J 203 22.56 -64.36 -0.46
C ALA J 203 23.55 -65.13 -1.34
N THR J 204 23.04 -65.90 -2.30
CA THR J 204 23.88 -66.86 -3.02
C THR J 204 24.87 -66.17 -3.95
N ASP J 205 24.42 -65.19 -4.74
CA ASP J 205 25.34 -64.51 -5.65
C ASP J 205 26.26 -63.54 -4.89
N ILE J 206 25.85 -63.09 -3.71
CA ILE J 206 26.74 -62.28 -2.87
C ILE J 206 27.87 -63.14 -2.31
N VAL J 207 27.55 -64.37 -1.88
CA VAL J 207 28.59 -65.31 -1.44
C VAL J 207 29.49 -65.71 -2.61
N LYS J 208 28.90 -65.96 -3.77
CA LYS J 208 29.69 -66.34 -4.94
C LYS J 208 30.47 -65.17 -5.53
N LEU J 209 30.12 -63.93 -5.18
CA LEU J 209 30.80 -62.76 -5.70
C LEU J 209 31.92 -62.29 -4.77
N ALA J 210 31.57 -61.93 -3.54
CA ALA J 210 32.55 -61.46 -2.55
C ALA J 210 32.28 -62.15 -1.22
N PRO J 211 32.84 -63.35 -1.02
CA PRO J 211 32.59 -64.08 0.23
C PRO J 211 33.31 -63.50 1.44
N GLU J 212 34.34 -62.67 1.24
CA GLU J 212 35.06 -62.08 2.36
C GLU J 212 34.19 -61.12 3.15
N GLN J 213 33.35 -60.34 2.46
CA GLN J 213 32.42 -59.47 3.15
C GLN J 213 31.33 -60.26 3.86
N VAL J 214 30.92 -61.40 3.30
CA VAL J 214 29.97 -62.28 3.97
C VAL J 214 30.58 -62.86 5.24
N LYS J 215 31.85 -63.25 5.20
CA LYS J 215 32.51 -63.76 6.39
C LYS J 215 32.72 -62.66 7.43
N HIS J 216 32.98 -61.42 6.99
CA HIS J 216 33.07 -60.30 7.92
C HIS J 216 31.71 -60.01 8.57
N PHE J 217 30.63 -60.15 7.81
CA PHE J 217 29.28 -59.99 8.35
C PHE J 217 28.96 -61.08 9.38
N GLN J 218 29.35 -62.33 9.05
CA GLN J 218 29.15 -63.45 9.96
C GLN J 218 30.00 -63.31 11.22
N ASN J 219 31.17 -62.69 11.11
CA ASN J 219 31.92 -62.30 12.30
C ASN J 219 31.23 -61.17 13.04
N ARG J 220 30.52 -60.30 12.31
CA ARG J 220 29.93 -59.11 12.92
C ARG J 220 28.66 -59.41 13.71
N GLU J 221 27.97 -60.53 13.46
CA GLU J 221 26.91 -60.85 14.43
C GLU J 221 27.46 -61.26 15.79
N ASN J 222 28.17 -62.39 15.84
CA ASN J 222 28.68 -62.89 17.12
C ASN J 222 30.10 -62.40 17.38
N SER J 223 30.27 -61.08 17.32
CA SER J 223 31.57 -60.47 17.56
C SER J 223 31.96 -60.57 19.03
N LYS J 224 33.27 -60.67 19.27
CA LYS J 224 33.78 -60.71 20.64
C LYS J 224 33.64 -59.36 21.35
N ILE J 225 33.73 -58.28 20.60
CA ILE J 225 33.78 -56.93 21.16
C ILE J 225 32.43 -56.25 20.92
N LEU J 226 31.81 -55.78 22.01
CA LEU J 226 30.56 -55.05 21.99
C LEU J 226 30.69 -53.81 22.88
N PRO J 227 29.93 -52.75 22.62
CA PRO J 227 29.87 -51.63 23.56
C PRO J 227 29.31 -52.00 24.92
N GLN J 228 28.37 -52.94 24.98
CA GLN J 228 27.75 -53.34 26.24
C GLN J 228 28.67 -54.22 27.10
N TYR J 229 29.77 -54.72 26.55
CA TYR J 229 30.70 -55.56 27.30
C TYR J 229 31.95 -54.80 27.72
N SER J 230 31.88 -53.47 27.74
CA SER J 230 33.04 -52.65 28.06
C SER J 230 33.31 -52.64 29.55
N SER J 231 34.54 -52.27 29.91
CA SER J 231 34.94 -52.19 31.30
C SER J 231 34.38 -50.93 31.95
N ASN J 232 34.50 -50.86 33.28
CA ASN J 232 33.93 -49.76 34.05
C ASN J 232 35.03 -49.05 34.82
N TYR J 233 36.12 -48.70 34.14
CA TYR J 233 37.24 -47.99 34.77
C TYR J 233 36.80 -46.58 35.16
N THR J 234 36.64 -46.36 36.46
CA THR J 234 36.28 -45.05 37.00
C THR J 234 37.45 -44.59 37.88
N SER J 235 38.41 -43.92 37.23
CA SER J 235 39.66 -43.44 37.83
C SER J 235 40.46 -44.58 38.46
N GLN J 236 40.40 -45.76 37.86
CA GLN J 236 41.12 -46.94 38.34
C GLN J 236 41.73 -47.69 37.16
N ARG J 237 42.23 -46.94 36.19
CA ARG J 237 42.79 -47.56 34.99
C ARG J 237 44.13 -48.21 35.31
N PRO J 238 44.45 -49.35 34.71
CA PRO J 238 45.70 -50.04 35.02
C PRO J 238 46.91 -49.30 34.47
N ARG J 239 48.06 -49.56 35.09
CA ARG J 239 49.32 -48.99 34.64
C ARG J 239 49.74 -49.58 33.31
N PHE J 240 50.32 -48.75 32.46
CA PHE J 240 50.71 -49.14 31.11
C PHE J 240 52.22 -49.40 31.07
N GLU J 241 52.61 -50.61 30.70
CA GLU J 241 54.00 -50.92 30.45
C GLU J 241 54.35 -50.59 29.01
N LYS J 242 55.59 -50.15 28.80
CA LYS J 242 56.02 -49.69 27.48
C LYS J 242 56.12 -50.87 26.51
N LEU J 243 55.54 -50.70 25.32
CA LEU J 243 55.55 -51.74 24.30
C LEU J 243 56.72 -51.48 23.35
N SER J 244 57.68 -52.40 23.33
CA SER J 244 58.81 -52.33 22.41
C SER J 244 58.57 -53.10 21.13
N VAL J 245 57.41 -53.76 20.99
CA VAL J 245 57.10 -54.57 19.83
C VAL J 245 55.68 -54.19 19.40
N GLN J 246 55.38 -54.44 18.13
CA GLN J 246 54.03 -54.20 17.61
C GLN J 246 53.04 -55.16 18.26
N PRO J 247 51.89 -54.68 18.74
CA PRO J 247 50.93 -55.57 19.38
C PRO J 247 50.30 -56.52 18.37
N PRO J 248 49.87 -57.71 18.82
CA PRO J 248 49.38 -58.71 17.86
C PRO J 248 48.00 -58.43 17.30
N PHE J 249 47.15 -57.68 18.02
CA PHE J 249 45.81 -57.42 17.54
C PHE J 249 45.78 -56.40 16.41
N ILE J 250 46.82 -55.57 16.29
CA ILE J 250 46.96 -54.67 15.15
C ILE J 250 47.66 -55.48 14.06
N LYS J 251 46.89 -56.01 13.11
CA LYS J 251 47.48 -56.86 12.07
C LYS J 251 48.18 -56.01 11.02
N GLY J 252 47.39 -55.22 10.27
CA GLY J 252 47.82 -54.22 9.30
C GLY J 252 48.99 -54.55 8.38
N GLY J 253 49.99 -53.69 8.40
CA GLY J 253 51.26 -53.96 7.76
C GLY J 253 52.35 -54.12 8.81
N GLU J 254 53.13 -53.07 9.02
CA GLU J 254 54.13 -53.04 10.08
C GLU J 254 54.17 -51.64 10.68
N LEU J 255 54.34 -51.57 12.00
CA LEU J 255 54.41 -50.30 12.69
C LEU J 255 55.87 -49.87 12.86
N ARG J 256 56.12 -48.59 12.60
CA ARG J 256 57.46 -48.05 12.70
C ARG J 256 57.78 -47.68 14.16
N ASP J 257 59.01 -47.23 14.39
CA ASP J 257 59.46 -46.96 15.75
C ASP J 257 58.83 -45.68 16.31
N PHE J 258 58.75 -44.62 15.50
CA PHE J 258 58.15 -43.38 15.96
C PHE J 258 56.65 -43.52 16.16
N GLN J 259 55.99 -44.33 15.32
CA GLN J 259 54.57 -44.63 15.52
C GLN J 259 54.37 -45.45 16.79
N LEU J 260 55.31 -46.34 17.10
CA LEU J 260 55.22 -47.13 18.33
C LEU J 260 55.41 -46.26 19.56
N THR J 261 56.32 -45.29 19.49
CA THR J 261 56.49 -44.37 20.61
C THR J 261 55.29 -43.44 20.76
N GLY J 262 54.67 -43.06 19.64
CA GLY J 262 53.41 -42.32 19.72
C GLY J 262 52.28 -43.13 20.33
N ILE J 263 52.25 -44.43 20.03
CA ILE J 263 51.28 -45.34 20.64
C ILE J 263 51.50 -45.43 22.15
N ASN J 264 52.77 -45.55 22.56
CA ASN J 264 53.11 -45.59 23.98
C ASN J 264 52.77 -44.29 24.68
N TRP J 265 52.98 -43.15 24.01
CA TRP J 265 52.64 -41.84 24.57
C TRP J 265 51.13 -41.69 24.74
N MET J 266 50.35 -42.12 23.73
CA MET J 266 48.89 -42.05 23.84
C MET J 266 48.37 -42.97 24.93
N ALA J 267 48.94 -44.17 25.05
CA ALA J 267 48.50 -45.11 26.08
C ALA J 267 48.87 -44.62 27.47
N PHE J 268 50.05 -44.00 27.62
CA PHE J 268 50.44 -43.44 28.90
C PHE J 268 49.60 -42.22 29.26
N LEU J 269 49.19 -41.42 28.27
CA LEU J 269 48.33 -40.28 28.53
C LEU J 269 46.92 -40.73 28.91
N TRP J 270 46.42 -41.80 28.28
CA TRP J 270 45.10 -42.31 28.63
C TRP J 270 45.12 -43.03 29.97
N SER J 271 46.26 -43.63 30.34
CA SER J 271 46.36 -44.31 31.62
C SER J 271 46.31 -43.33 32.78
N LYS J 272 46.78 -42.09 32.57
CA LYS J 272 46.68 -41.04 33.56
C LYS J 272 45.36 -40.28 33.46
N GLY J 273 44.49 -40.65 32.52
CA GLY J 273 43.23 -39.94 32.32
C GLY J 273 43.40 -38.54 31.77
N ASP J 274 44.31 -38.35 30.81
CA ASP J 274 44.60 -37.04 30.24
C ASP J 274 44.32 -37.04 28.75
N ASN J 275 43.89 -35.89 28.25
CA ASN J 275 43.65 -35.65 26.84
C ASN J 275 44.88 -35.02 26.20
N GLY J 276 44.98 -35.16 24.88
CA GLY J 276 46.19 -34.76 24.20
C GLY J 276 46.00 -34.32 22.76
N ILE J 277 47.06 -33.71 22.24
CA ILE J 277 47.14 -33.28 20.84
C ILE J 277 48.29 -34.03 20.20
N LEU J 278 47.98 -34.78 19.15
CA LEU J 278 49.01 -35.39 18.30
C LEU J 278 49.41 -34.35 17.26
N ALA J 279 50.51 -33.66 17.49
CA ALA J 279 50.95 -32.54 16.66
C ALA J 279 52.04 -32.95 15.67
N ASP J 280 51.97 -34.18 15.15
CA ASP J 280 52.97 -34.63 14.20
C ASP J 280 52.77 -33.95 12.85
N GLU J 281 53.87 -33.86 12.09
CA GLU J 281 53.83 -33.25 10.77
C GLU J 281 53.10 -34.17 9.80
N MET J 282 52.50 -33.57 8.77
CA MET J 282 51.74 -34.32 7.78
C MET J 282 52.65 -35.21 6.95
N GLY J 283 52.17 -36.42 6.68
CA GLY J 283 52.94 -37.43 5.98
C GLY J 283 53.52 -38.50 6.88
N LEU J 284 53.49 -38.31 8.19
CA LEU J 284 54.04 -39.28 9.14
C LEU J 284 53.09 -40.42 9.45
N GLY J 285 51.87 -40.40 8.92
CA GLY J 285 50.92 -41.45 9.19
C GLY J 285 50.25 -41.31 10.54
N LYS J 286 49.61 -40.16 10.77
CA LYS J 286 48.87 -39.96 12.01
C LYS J 286 47.62 -40.82 12.07
N THR J 287 47.02 -41.10 10.90
CA THR J 287 45.84 -41.95 10.82
C THR J 287 46.14 -43.37 11.28
N VAL J 288 47.31 -43.90 10.89
CA VAL J 288 47.73 -45.22 11.33
C VAL J 288 47.94 -45.25 12.84
N GLN J 289 48.50 -44.16 13.39
CA GLN J 289 48.74 -44.07 14.83
C GLN J 289 47.43 -44.07 15.61
N THR J 290 46.45 -43.27 15.18
CA THR J 290 45.20 -43.25 15.93
C THR J 290 44.34 -44.49 15.69
N VAL J 291 44.47 -45.14 14.53
CA VAL J 291 43.78 -46.41 14.31
C VAL J 291 44.38 -47.50 15.22
N ALA J 292 45.71 -47.53 15.34
CA ALA J 292 46.35 -48.48 16.24
C ALA J 292 46.04 -48.16 17.71
N PHE J 293 45.88 -46.88 18.05
CA PHE J 293 45.51 -46.53 19.42
C PHE J 293 44.07 -46.93 19.72
N ILE J 294 43.17 -46.80 18.74
CA ILE J 294 41.79 -47.26 18.91
C ILE J 294 41.76 -48.78 19.05
N SER J 295 42.60 -49.48 18.29
CA SER J 295 42.70 -50.93 18.41
C SER J 295 43.25 -51.35 19.76
N TRP J 296 44.21 -50.60 20.29
CA TRP J 296 44.74 -50.87 21.63
C TRP J 296 43.69 -50.60 22.71
N LEU J 297 42.90 -49.53 22.53
CA LEU J 297 41.86 -49.21 23.50
C LEU J 297 40.75 -50.24 23.48
N ILE J 298 40.47 -50.82 22.32
CA ILE J 298 39.40 -51.81 22.23
C ILE J 298 39.88 -53.18 22.71
N PHE J 299 41.04 -53.62 22.24
CA PHE J 299 41.46 -55.00 22.48
C PHE J 299 42.15 -55.17 23.83
N ALA J 300 43.10 -54.29 24.15
CA ALA J 300 43.92 -54.50 25.34
C ALA J 300 43.20 -54.06 26.61
N ARG J 301 42.66 -52.85 26.63
CA ARG J 301 42.02 -52.32 27.83
C ARG J 301 40.54 -52.61 27.91
N ARG J 302 39.99 -53.33 26.91
CA ARG J 302 38.58 -53.74 26.83
C ARG J 302 37.63 -52.55 26.84
N GLN J 303 38.07 -51.40 26.33
CA GLN J 303 37.23 -50.23 26.18
C GLN J 303 36.68 -50.17 24.75
N ASN J 304 35.83 -51.15 24.45
CA ASN J 304 35.28 -51.34 23.12
C ASN J 304 33.92 -50.67 22.95
N GLY J 305 33.68 -49.56 23.64
CA GLY J 305 32.43 -48.86 23.55
C GLY J 305 32.34 -47.98 22.33
N PRO J 306 31.34 -47.08 22.31
CA PRO J 306 31.17 -46.21 21.15
C PRO J 306 32.22 -45.10 21.09
N HIS J 307 33.03 -45.11 20.03
CA HIS J 307 34.00 -44.07 19.78
C HIS J 307 33.58 -43.28 18.55
N ILE J 308 33.88 -41.98 18.56
CA ILE J 308 33.53 -41.10 17.45
C ILE J 308 34.80 -40.43 16.95
N ILE J 309 34.99 -40.45 15.62
CA ILE J 309 36.11 -39.79 14.98
C ILE J 309 35.55 -38.82 13.94
N VAL J 310 35.90 -37.54 14.11
CA VAL J 310 35.39 -36.47 13.28
C VAL J 310 36.51 -35.99 12.36
N VAL J 311 36.33 -36.17 11.07
CA VAL J 311 37.37 -35.94 10.07
C VAL J 311 36.83 -35.02 9.00
N PRO J 312 37.71 -34.33 8.26
CA PRO J 312 37.26 -33.66 7.04
C PRO J 312 36.80 -34.68 5.99
N LEU J 313 35.87 -34.23 5.14
CA LEU J 313 35.23 -35.12 4.17
C LEU J 313 36.21 -35.59 3.09
N SER J 314 37.16 -34.74 2.72
CA SER J 314 38.08 -35.08 1.63
C SER J 314 39.05 -36.19 2.02
N THR J 315 39.39 -36.29 3.30
CA THR J 315 40.31 -37.31 3.78
C THR J 315 39.61 -38.56 4.29
N MET J 316 38.28 -38.61 4.23
CA MET J 316 37.53 -39.68 4.86
C MET J 316 37.63 -41.04 4.16
N PRO J 317 37.72 -41.15 2.82
CA PRO J 317 38.16 -42.44 2.25
C PRO J 317 39.55 -42.87 2.69
N ALA J 318 40.47 -41.93 2.92
CA ALA J 318 41.80 -42.27 3.42
C ALA J 318 41.78 -42.72 4.87
N TRP J 319 40.68 -42.49 5.59
CA TRP J 319 40.48 -43.10 6.90
C TRP J 319 39.74 -44.43 6.79
N LEU J 320 38.81 -44.53 5.84
CA LEU J 320 38.02 -45.75 5.66
C LEU J 320 38.89 -46.91 5.22
N ASP J 321 39.81 -46.68 4.27
CA ASP J 321 40.68 -47.79 3.86
C ASP J 321 41.71 -48.13 4.93
N THR J 322 42.09 -47.14 5.75
CA THR J 322 42.99 -47.40 6.88
C THR J 322 42.32 -48.28 7.92
N PHE J 323 41.04 -48.02 8.23
CA PHE J 323 40.30 -48.92 9.10
C PHE J 323 40.05 -50.28 8.47
N GLU J 324 39.87 -50.32 7.14
CA GLU J 324 39.70 -51.61 6.47
C GLU J 324 40.97 -52.44 6.47
N LYS J 325 42.13 -51.79 6.45
CA LYS J 325 43.40 -52.50 6.37
C LYS J 325 43.95 -52.85 7.75
N TRP J 326 44.09 -51.86 8.64
CA TRP J 326 44.82 -52.07 9.89
C TRP J 326 43.97 -52.68 11.00
N ALA J 327 42.67 -52.41 11.04
CA ALA J 327 41.77 -52.97 12.05
C ALA J 327 40.56 -53.58 11.38
N PRO J 328 40.71 -54.75 10.75
CA PRO J 328 39.58 -55.33 10.00
C PRO J 328 38.51 -55.93 10.87
N ASP J 329 38.80 -56.24 12.13
CA ASP J 329 37.84 -56.87 13.03
C ASP J 329 36.94 -55.85 13.73
N LEU J 330 37.16 -54.56 13.51
CA LEU J 330 36.37 -53.52 14.16
C LEU J 330 35.08 -53.26 13.39
N ASN J 331 34.07 -52.79 14.12
CA ASN J 331 32.78 -52.44 13.52
C ASN J 331 32.74 -50.95 13.19
N CYS J 332 33.68 -50.53 12.33
CA CYS J 332 33.74 -49.14 11.91
C CYS J 332 32.64 -48.84 10.91
N ILE J 333 31.91 -47.75 11.14
CA ILE J 333 30.82 -47.35 10.27
C ILE J 333 31.07 -45.93 9.79
N CYS J 334 30.44 -45.61 8.66
CA CYS J 334 30.55 -44.32 8.00
C CYS J 334 29.24 -43.56 8.16
N TYR J 335 29.34 -42.25 8.42
CA TYR J 335 28.16 -41.42 8.64
C TYR J 335 28.24 -40.20 7.74
N MET J 336 27.74 -40.34 6.51
CA MET J 336 27.63 -39.23 5.57
C MET J 336 26.33 -39.39 4.79
N GLY J 337 26.11 -38.46 3.86
CA GLY J 337 25.00 -38.58 2.93
C GLY J 337 23.83 -37.68 3.29
N ASN J 338 22.73 -37.92 2.60
CA ASN J 338 21.50 -37.15 2.79
C ASN J 338 20.74 -37.66 4.00
N GLN J 339 19.47 -37.23 4.13
CA GLN J 339 18.68 -37.56 5.30
C GLN J 339 18.30 -39.04 5.34
N LYS J 340 17.96 -39.62 4.20
CA LYS J 340 17.52 -41.02 4.18
C LYS J 340 18.67 -41.99 4.38
N SER J 341 19.87 -41.66 3.90
CA SER J 341 21.03 -42.54 4.14
C SER J 341 21.43 -42.53 5.61
N ARG J 342 21.43 -41.35 6.24
CA ARG J 342 21.71 -41.26 7.66
C ARG J 342 20.62 -41.93 8.50
N ASP J 343 19.36 -41.85 8.04
CA ASP J 343 18.28 -42.58 8.71
C ASP J 343 18.48 -44.09 8.58
N THR J 344 18.94 -44.55 7.40
CA THR J 344 19.24 -45.97 7.20
C THR J 344 20.34 -46.45 8.14
N ILE J 345 21.40 -45.65 8.30
CA ILE J 345 22.46 -45.97 9.25
C ILE J 345 21.92 -45.96 10.67
N ARG J 346 21.02 -45.02 10.97
CA ARG J 346 20.51 -44.84 12.33
C ARG J 346 19.64 -46.01 12.77
N GLU J 347 18.70 -46.43 11.93
CA GLU J 347 17.77 -47.47 12.36
C GLU J 347 18.09 -48.85 11.79
N TYR J 348 19.19 -49.02 11.06
CA TYR J 348 19.63 -50.35 10.66
C TYR J 348 20.98 -50.77 11.23
N GLU J 349 21.76 -49.84 11.78
CA GLU J 349 23.11 -50.22 12.20
C GLU J 349 23.53 -49.68 13.57
N PHE J 350 22.82 -48.72 14.16
CA PHE J 350 23.24 -48.15 15.42
C PHE J 350 23.03 -49.11 16.59
N TYR J 351 21.86 -49.73 16.65
CA TYR J 351 21.43 -50.48 17.82
C TYR J 351 21.38 -51.98 17.51
N THR J 352 21.74 -52.79 18.50
CA THR J 352 21.53 -54.23 18.40
C THR J 352 20.05 -54.58 18.45
N ASN J 353 19.25 -53.79 19.15
CA ASN J 353 17.81 -54.01 19.31
C ASN J 353 17.06 -52.75 18.90
N PRO J 354 16.89 -52.53 17.59
CA PRO J 354 16.22 -51.30 17.14
C PRO J 354 14.72 -51.33 17.34
N ARG J 355 14.12 -52.49 17.53
CA ARG J 355 12.68 -52.62 17.70
C ARG J 355 12.22 -52.43 19.13
N ALA J 356 13.15 -52.25 20.07
CA ALA J 356 12.79 -52.06 21.47
C ALA J 356 12.36 -50.61 21.71
N LYS J 357 11.94 -50.33 22.95
CA LYS J 357 11.54 -48.98 23.32
C LYS J 357 12.19 -48.48 24.61
N GLY J 358 12.94 -49.32 25.32
CA GLY J 358 13.60 -48.89 26.53
C GLY J 358 14.99 -48.35 26.27
N LYS J 359 16.00 -48.94 26.90
CA LYS J 359 17.39 -48.55 26.70
C LYS J 359 17.96 -49.33 25.52
N LYS J 360 18.47 -48.61 24.53
CA LYS J 360 19.08 -49.21 23.35
C LYS J 360 20.59 -49.10 23.47
N THR J 361 21.27 -50.25 23.48
CA THR J 361 22.72 -50.25 23.47
C THR J 361 23.25 -50.24 22.04
N MET J 362 24.48 -49.77 21.90
CA MET J 362 25.06 -49.57 20.58
C MET J 362 25.55 -50.89 20.00
N LYS J 363 25.67 -50.91 18.66
CA LYS J 363 26.19 -52.06 17.92
C LYS J 363 27.55 -51.79 17.30
N PHE J 364 27.77 -50.60 16.78
CA PHE J 364 29.03 -50.24 16.15
C PHE J 364 30.11 -50.00 17.20
N ASN J 365 31.36 -49.96 16.74
CA ASN J 365 32.51 -49.64 17.58
C ASN J 365 33.05 -48.24 17.32
N VAL J 366 33.33 -47.92 16.05
CA VAL J 366 33.88 -46.64 15.66
C VAL J 366 32.90 -45.99 14.68
N LEU J 367 32.58 -44.72 14.91
CA LEU J 367 31.72 -43.95 14.02
C LEU J 367 32.56 -42.86 13.39
N LEU J 368 32.77 -42.96 12.07
CA LEU J 368 33.45 -41.91 11.32
C LEU J 368 32.42 -40.92 10.82
N THR J 369 32.67 -39.63 11.06
CA THR J 369 31.73 -38.60 10.62
C THR J 369 32.51 -37.33 10.30
N THR J 370 31.80 -36.34 9.78
CA THR J 370 32.39 -35.05 9.42
C THR J 370 31.77 -33.94 10.26
N TYR J 371 32.30 -32.73 10.07
CA TYR J 371 31.84 -31.56 10.81
C TYR J 371 30.41 -31.20 10.48
N GLU J 372 30.04 -31.34 9.19
CA GLU J 372 28.72 -30.93 8.71
C GLU J 372 27.61 -31.75 9.34
N TYR J 373 27.85 -33.04 9.57
CA TYR J 373 26.86 -33.89 10.21
C TYR J 373 26.99 -33.92 11.72
N ILE J 374 28.07 -33.37 12.28
CA ILE J 374 28.08 -33.03 13.70
C ILE J 374 27.14 -31.85 13.95
N LEU J 375 27.23 -30.82 13.11
CA LEU J 375 26.33 -29.69 13.25
C LEU J 375 24.90 -30.03 12.85
N LYS J 376 24.71 -30.87 11.84
CA LYS J 376 23.37 -31.22 11.38
C LYS J 376 22.66 -32.18 12.33
N ASP J 377 23.40 -33.13 12.89
CA ASP J 377 22.79 -34.18 13.70
C ASP J 377 23.36 -34.19 15.13
N ARG J 378 23.46 -33.02 15.75
CA ARG J 378 23.94 -32.97 17.13
C ARG J 378 22.91 -33.51 18.11
N ALA J 379 21.63 -33.48 17.76
CA ALA J 379 20.61 -34.07 18.63
C ALA J 379 20.65 -35.59 18.59
N GLU J 380 20.84 -36.17 17.40
CA GLU J 380 20.85 -37.62 17.24
C GLU J 380 22.18 -38.24 17.62
N LEU J 381 23.23 -37.44 17.81
CA LEU J 381 24.54 -37.95 18.20
C LEU J 381 25.00 -37.47 19.56
N GLY J 382 24.45 -36.36 20.08
CA GLY J 382 24.84 -35.88 21.39
C GLY J 382 24.29 -36.72 22.53
N SER J 383 23.20 -37.45 22.30
CA SER J 383 22.62 -38.32 23.32
C SER J 383 23.18 -39.74 23.19
N ILE J 384 24.49 -39.86 23.11
CA ILE J 384 25.19 -41.13 23.06
C ILE J 384 26.38 -41.04 24.02
N LYS J 385 26.49 -41.99 24.93
CA LYS J 385 27.61 -42.01 25.88
C LYS J 385 28.84 -42.52 25.13
N TRP J 386 29.57 -41.59 24.53
CA TRP J 386 30.79 -41.94 23.82
C TRP J 386 31.92 -42.22 24.82
N GLN J 387 32.82 -43.11 24.43
CA GLN J 387 34.01 -43.40 25.23
C GLN J 387 35.26 -42.67 24.75
N PHE J 388 35.27 -42.21 23.49
CA PHE J 388 36.44 -41.55 22.94
C PHE J 388 36.03 -40.65 21.79
N MET J 389 36.61 -39.46 21.75
CA MET J 389 36.51 -38.57 20.60
C MET J 389 37.89 -38.37 19.99
N ALA J 390 37.95 -38.43 18.66
CA ALA J 390 39.19 -38.13 17.94
C ALA J 390 38.86 -37.15 16.83
N VAL J 391 39.33 -35.91 16.96
CA VAL J 391 39.02 -34.85 16.00
C VAL J 391 40.26 -34.62 15.16
N ASP J 392 40.19 -35.03 13.89
CA ASP J 392 41.27 -34.77 12.95
C ASP J 392 41.16 -33.35 12.40
N GLU J 393 42.32 -32.76 12.10
CA GLU J 393 42.47 -31.37 11.66
C GLU J 393 41.84 -30.40 12.66
N ALA J 394 42.44 -30.36 13.85
CA ALA J 394 41.91 -29.59 14.97
C ALA J 394 42.07 -28.09 14.80
N HIS J 395 42.81 -27.63 13.79
CA HIS J 395 42.89 -26.20 13.52
C HIS J 395 41.56 -25.62 13.08
N ARG J 396 40.70 -26.45 12.47
CA ARG J 396 39.31 -26.08 12.23
C ARG J 396 38.58 -25.79 13.54
N LEU J 397 38.92 -26.52 14.60
CA LEU J 397 38.46 -26.27 15.95
C LEU J 397 39.25 -25.18 16.67
N LYS J 398 39.99 -24.32 15.95
CA LYS J 398 40.83 -23.34 16.62
C LYS J 398 40.04 -22.20 17.25
N ASN J 399 38.80 -21.98 16.83
CA ASN J 399 37.98 -20.89 17.34
C ASN J 399 37.01 -21.44 18.39
N ALA J 400 36.98 -20.80 19.56
CA ALA J 400 36.09 -21.20 20.63
C ALA J 400 34.68 -20.64 20.47
N GLU J 401 34.47 -19.71 19.55
CA GLU J 401 33.17 -19.10 19.34
C GLU J 401 32.34 -19.82 18.30
N SER J 402 32.97 -20.67 17.47
CA SER J 402 32.30 -21.28 16.33
C SER J 402 31.27 -22.31 16.78
N SER J 403 30.38 -22.66 15.83
CA SER J 403 29.30 -23.59 16.13
C SER J 403 29.81 -25.01 16.33
N LEU J 404 30.89 -25.37 15.64
CA LEU J 404 31.49 -26.69 15.83
C LEU J 404 32.08 -26.84 17.22
N TYR J 405 32.63 -25.77 17.78
CA TYR J 405 33.21 -25.80 19.12
C TYR J 405 32.13 -26.06 20.18
N GLU J 406 31.02 -25.34 20.10
CA GLU J 406 29.94 -25.57 21.06
C GLU J 406 29.17 -26.85 20.78
N SER J 407 29.20 -27.34 19.54
CA SER J 407 28.56 -28.62 19.25
C SER J 407 29.36 -29.79 19.82
N LEU J 408 30.68 -29.77 19.63
CA LEU J 408 31.51 -30.86 20.12
C LEU J 408 31.79 -30.74 21.62
N ASN J 409 31.77 -29.52 22.16
CA ASN J 409 32.03 -29.35 23.59
C ASN J 409 30.85 -29.77 24.44
N SER J 410 29.66 -29.86 23.87
CA SER J 410 28.47 -30.31 24.58
C SER J 410 28.32 -31.82 24.58
N PHE J 411 29.22 -32.54 23.92
CA PHE J 411 29.14 -33.99 23.87
C PHE J 411 29.55 -34.60 25.21
N LYS J 412 28.98 -35.77 25.50
CA LYS J 412 29.25 -36.46 26.77
C LYS J 412 30.30 -37.56 26.52
N VAL J 413 31.54 -37.12 26.36
CA VAL J 413 32.67 -37.98 26.04
C VAL J 413 33.68 -37.91 27.17
N ALA J 414 34.15 -39.07 27.63
CA ALA J 414 35.11 -39.11 28.74
C ALA J 414 36.49 -38.65 28.29
N ASN J 415 36.96 -39.13 27.13
CA ASN J 415 38.32 -38.87 26.68
C ASN J 415 38.29 -38.30 25.27
N ARG J 416 39.09 -37.26 25.05
CA ARG J 416 39.16 -36.57 23.76
C ARG J 416 40.60 -36.53 23.28
N MET J 417 40.76 -36.40 21.97
CA MET J 417 42.09 -36.27 21.37
C MET J 417 41.98 -35.40 20.13
N LEU J 418 42.94 -34.48 19.98
CA LEU J 418 42.98 -33.58 18.84
C LEU J 418 44.19 -33.92 17.97
N ILE J 419 43.95 -34.16 16.69
CA ILE J 419 45.01 -34.51 15.74
C ILE J 419 45.13 -33.35 14.75
N THR J 420 46.32 -32.77 14.68
CA THR J 420 46.57 -31.63 13.81
C THR J 420 48.05 -31.57 13.48
N GLY J 421 48.41 -30.68 12.57
CA GLY J 421 49.80 -30.46 12.25
C GLY J 421 50.29 -29.13 12.78
N THR J 422 49.41 -28.13 12.81
CA THR J 422 49.72 -26.80 13.31
C THR J 422 48.83 -26.51 14.52
N PRO J 423 49.34 -26.65 15.74
CA PRO J 423 48.51 -26.35 16.91
C PRO J 423 48.30 -24.86 17.12
N LEU J 424 49.33 -24.06 16.88
CA LEU J 424 49.24 -22.61 17.01
C LEU J 424 49.47 -22.01 15.63
N GLN J 425 48.57 -21.14 15.20
CA GLN J 425 48.64 -20.52 13.89
C GLN J 425 48.80 -19.01 13.95
N ASN J 426 48.00 -18.33 14.77
CA ASN J 426 48.04 -16.87 14.83
C ASN J 426 48.54 -16.35 16.16
N ASN J 427 47.93 -16.75 17.27
CA ASN J 427 48.35 -16.28 18.58
C ASN J 427 48.09 -17.37 19.62
N ILE J 428 48.35 -17.04 20.88
CA ILE J 428 48.20 -18.02 21.95
C ILE J 428 46.74 -18.23 22.35
N LYS J 429 45.83 -17.37 21.89
CA LYS J 429 44.42 -17.55 22.19
C LYS J 429 43.85 -18.78 21.49
N GLU J 430 44.37 -19.10 20.30
CA GLU J 430 43.92 -20.30 19.59
C GLU J 430 44.36 -21.56 20.33
N LEU J 431 45.61 -21.60 20.80
CA LEU J 431 46.08 -22.73 21.60
C LEU J 431 45.36 -22.80 22.94
N ALA J 432 44.96 -21.65 23.48
CA ALA J 432 44.12 -21.63 24.68
C ALA J 432 42.76 -22.27 24.40
N ALA J 433 42.19 -22.01 23.22
CA ALA J 433 40.93 -22.64 22.84
C ALA J 433 41.08 -24.15 22.67
N LEU J 434 42.18 -24.61 22.07
CA LEU J 434 42.42 -26.05 21.96
C LEU J 434 42.59 -26.72 23.32
N VAL J 435 43.38 -26.10 24.22
CA VAL J 435 43.57 -26.73 25.53
C VAL J 435 42.34 -26.58 26.43
N ASN J 436 41.46 -25.63 26.16
CA ASN J 436 40.18 -25.59 26.85
C ASN J 436 39.22 -26.64 26.31
N PHE J 437 39.30 -26.94 25.01
CA PHE J 437 38.49 -28.02 24.46
C PHE J 437 38.98 -29.37 24.93
N LEU J 438 40.29 -29.51 25.16
CA LEU J 438 40.84 -30.76 25.66
C LEU J 438 40.39 -31.04 27.09
N MET J 439 40.71 -30.14 28.00
CA MET J 439 40.35 -30.32 29.41
C MET J 439 40.06 -28.95 30.04
N PRO J 440 38.80 -28.71 30.43
CA PRO J 440 38.34 -27.34 30.69
C PRO J 440 38.59 -26.79 32.09
N GLY J 441 39.75 -26.17 32.31
CA GLY J 441 39.84 -25.30 33.47
C GLY J 441 41.13 -25.20 34.26
N ARG J 442 41.97 -26.24 34.25
CA ARG J 442 43.22 -26.11 34.99
C ARG J 442 44.29 -25.37 34.21
N PHE J 443 44.07 -25.12 32.93
CA PHE J 443 44.99 -24.34 32.10
C PHE J 443 44.29 -23.05 31.70
N THR J 444 44.92 -21.91 32.03
CA THR J 444 44.37 -20.61 31.68
C THR J 444 45.44 -19.76 31.02
N ILE J 445 45.02 -18.99 30.00
CA ILE J 445 45.86 -18.02 29.33
C ILE J 445 45.07 -16.72 29.25
N ASP J 446 45.59 -15.67 29.90
CA ASP J 446 44.91 -14.40 29.94
C ASP J 446 45.79 -13.22 29.55
N GLN J 447 47.10 -13.40 29.45
CA GLN J 447 48.03 -12.33 29.10
C GLN J 447 48.59 -12.59 27.72
N GLU J 448 48.43 -11.62 26.82
CA GLU J 448 48.99 -11.74 25.48
C GLU J 448 50.48 -11.42 25.50
N ILE J 449 51.15 -11.75 24.41
CA ILE J 449 52.59 -11.55 24.28
C ILE J 449 52.83 -10.23 23.55
N ASP J 450 53.89 -9.54 23.94
CA ASP J 450 54.29 -8.29 23.30
C ASP J 450 55.79 -8.33 23.05
N PHE J 451 56.18 -8.19 21.77
CA PHE J 451 57.60 -8.19 21.44
C PHE J 451 58.30 -6.90 21.84
N GLU J 452 57.54 -5.81 22.00
CA GLU J 452 58.14 -4.53 22.38
C GLU J 452 58.56 -4.49 23.85
N ASN J 453 58.02 -5.38 24.69
CA ASN J 453 58.40 -5.40 26.10
C ASN J 453 59.75 -6.07 26.30
N GLN J 454 59.82 -7.37 25.94
CA GLN J 454 61.05 -8.18 25.99
C GLN J 454 61.67 -8.23 27.39
N ASP J 455 60.82 -8.33 28.40
CA ASP J 455 61.27 -8.42 29.78
C ASP J 455 61.44 -9.88 30.20
N GLU J 456 62.03 -10.07 31.38
CA GLU J 456 62.23 -11.41 31.91
C GLU J 456 60.94 -12.06 32.39
N GLU J 457 59.93 -11.25 32.74
CA GLU J 457 58.65 -11.81 33.15
C GLU J 457 57.93 -12.49 31.98
N GLN J 458 58.07 -11.93 30.78
CA GLN J 458 57.50 -12.57 29.60
C GLN J 458 58.21 -13.88 29.27
N GLU J 459 59.53 -13.91 29.48
CA GLU J 459 60.29 -15.16 29.29
C GLU J 459 59.91 -16.20 30.33
N GLU J 460 59.63 -15.77 31.56
CA GLU J 460 59.15 -16.67 32.60
C GLU J 460 57.76 -17.21 32.26
N TYR J 461 56.90 -16.37 31.70
CA TYR J 461 55.58 -16.81 31.25
C TYR J 461 55.68 -17.80 30.10
N ILE J 462 56.61 -17.56 29.18
CA ILE J 462 56.82 -18.47 28.04
C ILE J 462 57.37 -19.81 28.53
N HIS J 463 58.30 -19.80 29.48
CA HIS J 463 58.81 -21.05 30.03
C HIS J 463 57.77 -21.79 30.86
N ASP J 464 56.88 -21.05 31.55
CA ASP J 464 55.77 -21.68 32.25
C ASP J 464 54.80 -22.35 31.28
N LEU J 465 54.51 -21.70 30.16
CA LEU J 465 53.69 -22.31 29.12
C LEU J 465 54.40 -23.48 28.46
N HIS J 466 55.73 -23.45 28.40
CA HIS J 466 56.50 -24.58 27.90
C HIS J 466 56.36 -25.79 28.81
N ARG J 467 56.56 -25.58 30.11
CA ARG J 467 56.52 -26.68 31.06
C ARG J 467 55.10 -27.09 31.44
N ARG J 468 54.08 -26.33 31.03
CA ARG J 468 52.71 -26.68 31.38
C ARG J 468 52.06 -27.61 30.35
N ILE J 469 52.36 -27.44 29.06
CA ILE J 469 51.75 -28.23 28.01
C ILE J 469 52.74 -29.24 27.41
N GLN J 470 53.88 -29.44 28.07
CA GLN J 470 54.89 -30.36 27.56
C GLN J 470 54.45 -31.83 27.45
N PRO J 471 53.85 -32.48 28.46
CA PRO J 471 53.45 -33.87 28.24
C PRO J 471 52.15 -34.04 27.47
N PHE J 472 51.41 -32.97 27.22
CA PHE J 472 50.12 -33.06 26.55
C PHE J 472 50.21 -32.87 25.04
N ILE J 473 51.37 -32.51 24.51
CA ILE J 473 51.56 -32.30 23.08
C ILE J 473 52.73 -33.15 22.62
N LEU J 474 52.49 -34.04 21.66
CA LEU J 474 53.53 -34.84 21.04
C LEU J 474 53.72 -34.39 19.61
N ARG J 475 54.90 -33.89 19.29
CA ARG J 475 55.19 -33.37 17.96
C ARG J 475 56.46 -34.00 17.42
N ARG J 476 56.39 -34.57 16.23
CA ARG J 476 57.54 -35.12 15.53
C ARG J 476 57.66 -34.44 14.18
N LEU J 477 58.86 -33.97 13.86
CA LEU J 477 59.08 -33.28 12.60
C LEU J 477 59.55 -34.25 11.52
N LYS J 478 59.46 -33.79 10.27
CA LYS J 478 59.96 -34.57 9.15
C LYS J 478 61.47 -34.54 9.03
N LYS J 479 62.14 -33.64 9.74
CA LYS J 479 63.59 -33.59 9.78
C LYS J 479 64.18 -34.42 10.92
N ASP J 480 63.34 -35.09 11.70
CA ASP J 480 63.80 -35.95 12.79
C ASP J 480 63.70 -37.44 12.45
N VAL J 481 62.82 -37.81 11.54
CA VAL J 481 62.63 -39.19 11.13
C VAL J 481 62.67 -39.20 9.61
N GLU J 482 62.87 -40.40 9.04
CA GLU J 482 62.97 -40.64 7.59
C GLU J 482 64.13 -39.84 6.99
N LYS J 483 65.34 -40.27 7.35
CA LYS J 483 66.56 -39.55 7.00
C LYS J 483 66.94 -39.69 5.52
N SER J 484 66.06 -39.27 4.63
CA SER J 484 66.36 -39.16 3.21
C SER J 484 65.73 -37.95 2.57
N LEU J 485 65.05 -37.10 3.34
CA LEU J 485 64.32 -35.97 2.78
C LEU J 485 65.29 -34.85 2.40
N PRO J 486 65.24 -34.37 1.17
CA PRO J 486 66.07 -33.21 0.80
C PRO J 486 65.59 -31.94 1.49
N SER J 487 66.53 -31.02 1.70
CA SER J 487 66.23 -29.79 2.41
C SER J 487 65.40 -28.85 1.52
N LYS J 488 64.64 -27.99 2.17
CA LYS J 488 63.85 -26.97 1.50
C LYS J 488 64.35 -25.60 1.95
N THR J 489 64.76 -24.77 0.99
CA THR J 489 65.25 -23.43 1.26
C THR J 489 64.39 -22.44 0.50
N GLU J 490 63.78 -21.51 1.22
CA GLU J 490 62.92 -20.50 0.63
C GLU J 490 63.65 -19.16 0.58
N ARG J 491 63.48 -18.45 -0.54
CA ARG J 491 64.17 -17.19 -0.79
C ARG J 491 63.14 -16.09 -0.96
N ILE J 492 63.34 -14.99 -0.23
CA ILE J 492 62.45 -13.84 -0.30
C ILE J 492 63.03 -12.86 -1.32
N LEU J 493 62.24 -12.55 -2.36
CA LEU J 493 62.67 -11.65 -3.42
C LEU J 493 61.80 -10.40 -3.41
N ARG J 494 62.43 -9.23 -3.38
CA ARG J 494 61.74 -7.96 -3.37
C ARG J 494 61.99 -7.25 -4.70
N VAL J 495 60.91 -6.77 -5.32
CA VAL J 495 60.98 -6.16 -6.64
C VAL J 495 60.40 -4.76 -6.60
N GLU J 496 60.81 -3.94 -7.56
CA GLU J 496 60.33 -2.57 -7.67
C GLU J 496 59.05 -2.52 -8.48
N LEU J 497 58.11 -1.68 -8.05
CA LEU J 497 56.83 -1.53 -8.71
C LEU J 497 57.00 -0.80 -10.05
N SER J 498 56.02 -0.99 -10.92
CA SER J 498 55.97 -0.27 -12.19
C SER J 498 55.39 1.12 -11.98
N ASP J 499 55.31 1.89 -13.06
CA ASP J 499 54.74 3.23 -12.98
C ASP J 499 53.23 3.18 -12.77
N VAL J 500 52.56 2.22 -13.40
CA VAL J 500 51.12 2.06 -13.24
C VAL J 500 50.79 1.61 -11.82
N GLN J 501 51.58 0.70 -11.27
CA GLN J 501 51.41 0.26 -9.89
C GLN J 501 51.65 1.41 -8.91
N THR J 502 52.66 2.24 -9.20
CA THR J 502 52.97 3.36 -8.32
C THR J 502 51.86 4.42 -8.34
N GLU J 503 51.33 4.73 -9.53
CA GLU J 503 50.27 5.72 -9.59
C GLU J 503 48.96 5.18 -9.04
N TYR J 504 48.71 3.87 -9.16
CA TYR J 504 47.53 3.29 -8.53
C TYR J 504 47.65 3.28 -7.01
N TYR J 505 48.85 3.00 -6.50
CA TYR J 505 49.09 3.06 -5.05
C TYR J 505 48.93 4.47 -4.52
N LYS J 506 49.42 5.46 -5.28
CA LYS J 506 49.25 6.85 -4.89
C LYS J 506 47.80 7.30 -4.96
N ASN J 507 47.04 6.79 -5.94
CA ASN J 507 45.63 7.15 -6.05
C ASN J 507 44.79 6.51 -4.97
N ILE J 508 45.14 5.30 -4.53
CA ILE J 508 44.36 4.62 -3.50
C ILE J 508 44.72 5.16 -2.12
N LEU J 509 46.01 5.31 -1.82
CA LEU J 509 46.46 5.69 -0.49
C LEU J 509 46.14 7.15 -0.15
N THR J 510 45.91 7.99 -1.16
CA THR J 510 45.66 9.42 -0.96
C THR J 510 44.35 9.79 -1.63
N LYS J 511 43.27 9.05 -1.29
CA LYS J 511 42.13 8.68 -2.13
C LYS J 511 41.68 9.70 -3.17
N ASN J 512 41.61 9.25 -4.42
CA ASN J 512 41.50 10.09 -5.61
C ASN J 512 40.42 9.55 -6.54
N TYR J 513 39.21 9.36 -6.00
CA TYR J 513 38.02 8.85 -6.69
C TYR J 513 37.80 9.44 -8.08
N SER J 514 37.99 10.76 -8.22
CA SER J 514 37.90 11.39 -9.53
C SER J 514 39.03 10.94 -10.43
N ALA J 515 40.25 10.87 -9.91
CA ALA J 515 41.38 10.37 -10.70
C ALA J 515 41.33 8.87 -10.88
N LEU J 516 40.76 8.14 -9.92
CA LEU J 516 40.60 6.69 -10.07
C LEU J 516 39.54 6.35 -11.11
N THR J 517 38.54 7.22 -11.28
CA THR J 517 37.55 7.03 -12.32
C THR J 517 38.16 7.27 -13.70
N ALA J 518 38.65 8.51 -13.93
CA ALA J 518 39.33 8.96 -15.14
C ALA J 518 38.54 8.68 -16.42
N GLY J 519 39.01 7.75 -17.23
CA GLY J 519 38.41 7.41 -18.50
C GLY J 519 37.39 6.29 -18.45
N ALA J 520 37.01 5.81 -17.28
CA ALA J 520 36.02 4.75 -17.17
C ALA J 520 34.63 5.30 -17.47
N LYS J 521 33.89 4.60 -18.33
CA LYS J 521 32.54 5.04 -18.67
C LYS J 521 31.58 4.83 -17.50
N GLY J 522 31.67 3.70 -16.83
CA GLY J 522 30.87 3.46 -15.65
C GLY J 522 31.41 4.21 -14.45
N GLY J 523 32.71 4.08 -14.19
CA GLY J 523 33.35 4.74 -13.07
C GLY J 523 32.91 4.25 -11.72
N HIS J 524 32.68 2.94 -11.58
CA HIS J 524 32.17 2.37 -10.34
C HIS J 524 33.33 1.75 -9.57
N PHE J 525 34.06 2.60 -8.85
CA PHE J 525 35.21 2.17 -8.06
C PHE J 525 34.85 2.17 -6.59
N SER J 526 35.12 1.06 -5.92
CA SER J 526 34.86 0.90 -4.49
C SER J 526 36.18 0.95 -3.73
N LEU J 527 36.31 1.91 -2.82
CA LEU J 527 37.50 2.04 -2.00
C LEU J 527 37.27 1.58 -0.56
N LEU J 528 36.21 0.83 -0.31
CA LEU J 528 36.12 0.08 0.94
C LEU J 528 37.15 -1.04 0.91
N ASN J 529 37.64 -1.40 2.11
CA ASN J 529 38.75 -2.33 2.30
C ASN J 529 40.00 -1.83 1.56
N ILE J 530 40.53 -0.72 2.10
CA ILE J 530 41.68 -0.01 1.52
C ILE J 530 42.89 -0.94 1.37
N MET J 531 43.14 -1.77 2.38
CA MET J 531 44.27 -2.69 2.34
C MET J 531 44.11 -3.75 1.25
N ASN J 532 42.87 -4.17 0.98
CA ASN J 532 42.62 -5.11 -0.11
C ASN J 532 42.93 -4.48 -1.48
N GLU J 533 42.55 -3.21 -1.66
CA GLU J 533 42.88 -2.52 -2.90
C GLU J 533 44.37 -2.26 -3.02
N LEU J 534 45.05 -2.00 -1.90
CA LEU J 534 46.50 -1.84 -1.92
C LEU J 534 47.21 -3.14 -2.27
N LYS J 535 46.70 -4.26 -1.76
CA LYS J 535 47.26 -5.56 -2.13
C LYS J 535 46.99 -5.89 -3.60
N LYS J 536 45.82 -5.50 -4.11
CA LYS J 536 45.52 -5.69 -5.53
C LYS J 536 46.43 -4.83 -6.41
N ALA J 537 46.71 -3.59 -5.99
CA ALA J 537 47.63 -2.74 -6.72
C ALA J 537 49.07 -3.26 -6.64
N SER J 538 49.43 -3.87 -5.51
CA SER J 538 50.76 -4.48 -5.40
C SER J 538 50.87 -5.74 -6.25
N ASN J 539 49.75 -6.42 -6.50
CA ASN J 539 49.80 -7.62 -7.33
C ASN J 539 49.83 -7.28 -8.81
N HIS J 540 48.76 -6.65 -9.31
CA HIS J 540 48.63 -6.31 -10.72
C HIS J 540 47.60 -5.21 -10.92
N PRO J 541 47.90 -4.19 -11.75
CA PRO J 541 46.90 -3.17 -12.04
C PRO J 541 45.70 -3.67 -12.83
N TYR J 542 45.82 -4.82 -13.51
CA TYR J 542 44.73 -5.32 -14.33
C TYR J 542 43.60 -5.93 -13.50
N LEU J 543 43.80 -6.10 -12.19
CA LEU J 543 42.72 -6.52 -11.31
C LEU J 543 41.64 -5.45 -11.21
N PHE J 544 42.01 -4.18 -11.31
CA PHE J 544 41.03 -3.11 -11.29
C PHE J 544 40.28 -3.03 -12.61
N ASP J 545 39.05 -2.54 -12.56
CA ASP J 545 38.22 -2.43 -13.75
C ASP J 545 38.69 -1.28 -14.63
N ASN J 546 38.60 -1.50 -15.95
CA ASN J 546 38.93 -0.52 -16.99
C ASN J 546 40.37 -0.02 -16.88
N ALA J 547 41.29 -0.93 -16.55
CA ALA J 547 42.69 -0.57 -16.40
C ALA J 547 43.59 -1.09 -17.50
N GLU J 548 43.19 -2.16 -18.20
CA GLU J 548 44.01 -2.66 -19.30
C GLU J 548 43.94 -1.74 -20.51
N GLU J 549 42.81 -1.03 -20.67
CA GLU J 549 42.63 -0.15 -21.82
C GLU J 549 43.57 1.04 -21.76
N ARG J 550 43.80 1.60 -20.57
CA ARG J 550 44.69 2.75 -20.43
C ARG J 550 46.14 2.38 -20.70
N VAL J 551 46.55 1.17 -20.28
CA VAL J 551 47.90 0.71 -20.59
C VAL J 551 48.04 0.40 -22.08
N LEU J 552 46.99 -0.17 -22.69
CA LEU J 552 47.08 -0.55 -24.09
C LEU J 552 47.04 0.65 -25.03
N GLN J 553 46.28 1.70 -24.70
CA GLN J 553 46.21 2.85 -25.59
C GLN J 553 47.45 3.73 -25.49
N LYS J 554 48.15 3.71 -24.36
CA LYS J 554 49.30 4.58 -24.15
C LYS J 554 50.63 3.92 -24.50
N PHE J 555 50.66 2.59 -24.65
CA PHE J 555 51.89 1.89 -24.98
C PHE J 555 51.79 1.08 -26.26
N GLY J 556 50.67 0.39 -26.47
CA GLY J 556 50.47 -0.42 -27.66
C GLY J 556 49.90 0.32 -28.85
N ASP J 557 49.75 1.65 -28.73
CA ASP J 557 49.28 2.56 -29.79
C ASP J 557 47.87 2.24 -30.27
N GLY J 558 47.07 1.56 -29.45
CA GLY J 558 45.67 1.33 -29.76
C GLY J 558 45.37 0.21 -30.72
N LYS J 559 46.39 -0.48 -31.26
CA LYS J 559 46.11 -1.55 -32.21
C LYS J 559 45.65 -2.83 -31.53
N MET J 560 46.13 -3.10 -30.31
CA MET J 560 45.74 -4.26 -29.49
C MET J 560 45.94 -5.60 -30.22
N THR J 561 47.03 -5.71 -30.97
CA THR J 561 47.28 -6.89 -31.80
C THR J 561 48.23 -7.83 -31.06
N ARG J 562 47.69 -8.51 -30.05
CA ARG J 562 48.30 -9.66 -29.36
C ARG J 562 49.60 -9.31 -28.65
N GLU J 563 50.65 -9.05 -29.44
CA GLU J 563 52.02 -8.98 -28.91
C GLU J 563 52.22 -7.79 -27.98
N ASN J 564 51.48 -6.71 -28.18
CA ASN J 564 51.53 -5.61 -27.22
C ASN J 564 50.81 -5.93 -25.93
N VAL J 565 49.73 -6.72 -26.01
CA VAL J 565 48.89 -7.03 -24.85
C VAL J 565 49.68 -7.84 -23.82
N LEU J 566 50.37 -8.89 -24.27
CA LEU J 566 51.30 -9.61 -23.41
C LEU J 566 52.46 -8.72 -23.00
N ARG J 567 52.84 -7.75 -23.84
CA ARG J 567 53.83 -6.77 -23.45
C ARG J 567 53.31 -5.89 -22.31
N GLY J 568 52.00 -5.69 -22.24
CA GLY J 568 51.42 -5.11 -21.03
C GLY J 568 51.57 -6.05 -19.84
N LEU J 569 51.30 -7.34 -20.06
CA LEU J 569 51.16 -8.31 -18.98
C LEU J 569 52.45 -8.54 -18.21
N ILE J 570 53.59 -8.22 -18.81
CA ILE J 570 54.85 -8.33 -18.10
C ILE J 570 55.24 -7.00 -17.45
N MET J 571 54.89 -5.87 -18.05
CA MET J 571 55.34 -4.57 -17.55
C MET J 571 54.26 -3.76 -16.86
N SER J 572 53.05 -4.31 -16.68
CA SER J 572 52.08 -3.62 -15.86
C SER J 572 52.42 -3.77 -14.39
N SER J 573 52.95 -4.93 -14.00
CA SER J 573 53.29 -5.22 -12.62
C SER J 573 54.79 -5.45 -12.49
N GLY J 574 55.33 -5.06 -11.34
CA GLY J 574 56.75 -5.26 -11.07
C GLY J 574 57.14 -6.67 -10.70
N LYS J 575 56.17 -7.52 -10.38
CA LYS J 575 56.44 -8.92 -10.10
C LYS J 575 56.46 -9.77 -11.36
N MET J 576 55.80 -9.31 -12.43
CA MET J 576 55.67 -10.13 -13.63
C MET J 576 56.97 -10.25 -14.41
N VAL J 577 57.86 -9.24 -14.31
CA VAL J 577 59.17 -9.36 -14.95
C VAL J 577 60.01 -10.44 -14.28
N LEU J 578 59.97 -10.51 -12.94
CA LEU J 578 60.69 -11.54 -12.22
C LEU J 578 60.06 -12.91 -12.45
N LEU J 579 58.73 -12.96 -12.55
CA LEU J 579 58.06 -14.22 -12.84
C LEU J 579 58.37 -14.72 -14.24
N ASP J 580 58.44 -13.82 -15.23
CA ASP J 580 58.79 -14.22 -16.59
C ASP J 580 60.23 -14.68 -16.68
N GLN J 581 61.15 -14.00 -15.99
CA GLN J 581 62.55 -14.43 -15.96
C GLN J 581 62.69 -15.79 -15.27
N LEU J 582 61.94 -16.00 -14.19
CA LEU J 582 61.97 -17.29 -13.49
C LEU J 582 61.40 -18.41 -14.36
N LEU J 583 60.33 -18.12 -15.11
CA LEU J 583 59.75 -19.14 -15.99
C LEU J 583 60.69 -19.48 -17.14
N THR J 584 61.38 -18.48 -17.71
CA THR J 584 62.35 -18.77 -18.76
C THR J 584 63.54 -19.56 -18.23
N ARG J 585 64.01 -19.22 -17.02
CA ARG J 585 65.14 -19.93 -16.42
C ARG J 585 64.77 -21.37 -16.06
N LEU J 586 63.56 -21.58 -15.55
CA LEU J 586 63.11 -22.93 -15.22
C LEU J 586 62.71 -23.73 -16.46
N LYS J 587 62.35 -23.06 -17.55
CA LYS J 587 62.13 -23.76 -18.82
C LYS J 587 63.44 -24.16 -19.45
N LYS J 588 64.51 -23.38 -19.22
CA LYS J 588 65.84 -23.77 -19.68
C LYS J 588 66.31 -25.05 -19.00
N ASP J 589 66.06 -25.18 -17.70
CA ASP J 589 66.40 -26.39 -16.97
C ASP J 589 65.24 -27.39 -17.02
N GLY J 590 65.45 -28.55 -16.43
CA GLY J 590 64.42 -29.58 -16.35
C GLY J 590 63.62 -29.55 -15.06
N HIS J 591 62.86 -28.48 -14.82
CA HIS J 591 62.14 -28.32 -13.56
C HIS J 591 60.70 -27.93 -13.82
N ARG J 592 59.83 -28.24 -12.85
CA ARG J 592 58.42 -27.91 -12.90
C ARG J 592 58.09 -26.99 -11.73
N VAL J 593 57.11 -26.10 -11.94
CA VAL J 593 56.86 -25.01 -11.01
C VAL J 593 55.37 -24.97 -10.62
N LEU J 594 55.12 -24.80 -9.33
CA LEU J 594 53.81 -24.45 -8.81
C LEU J 594 53.78 -22.96 -8.49
N ILE J 595 52.65 -22.33 -8.77
CA ILE J 595 52.45 -20.91 -8.45
C ILE J 595 51.25 -20.81 -7.53
N PHE J 596 51.48 -20.30 -6.32
CA PHE J 596 50.42 -20.17 -5.33
C PHE J 596 49.98 -18.72 -5.23
N SER J 597 48.66 -18.48 -5.24
CA SER J 597 48.14 -17.14 -5.13
C SER J 597 46.96 -17.11 -4.16
N GLN J 598 46.73 -15.95 -3.56
CA GLN J 598 45.61 -15.76 -2.66
C GLN J 598 44.33 -15.38 -3.40
N MET J 599 44.44 -14.78 -4.58
CA MET J 599 43.28 -14.35 -5.36
C MET J 599 43.19 -15.16 -6.64
N VAL J 600 41.98 -15.61 -6.96
CA VAL J 600 41.78 -16.39 -8.18
C VAL J 600 41.72 -15.50 -9.42
N ARG J 601 41.53 -14.19 -9.25
CA ARG J 601 41.61 -13.29 -10.39
C ARG J 601 43.05 -13.10 -10.85
N MET J 602 44.00 -13.12 -9.91
CA MET J 602 45.41 -13.17 -10.28
C MET J 602 45.75 -14.49 -10.96
N LEU J 603 45.09 -15.58 -10.54
CA LEU J 603 45.24 -16.86 -11.23
C LEU J 603 44.70 -16.78 -12.66
N ASP J 604 43.60 -16.04 -12.87
CA ASP J 604 43.11 -15.81 -14.22
C ASP J 604 44.08 -14.98 -15.05
N ILE J 605 44.72 -14.00 -14.41
CA ILE J 605 45.72 -13.17 -15.11
C ILE J 605 46.91 -14.01 -15.55
N LEU J 606 47.44 -14.85 -14.65
CA LEU J 606 48.53 -15.75 -15.04
C LEU J 606 48.10 -16.82 -16.02
N GLY J 607 46.85 -17.28 -15.95
CA GLY J 607 46.35 -18.24 -16.92
C GLY J 607 46.28 -17.67 -18.32
N ASP J 608 45.80 -16.43 -18.45
CA ASP J 608 45.82 -15.77 -19.75
C ASP J 608 47.24 -15.43 -20.20
N TYR J 609 48.13 -15.10 -19.25
CA TYR J 609 49.52 -14.82 -19.59
C TYR J 609 50.21 -16.06 -20.16
N LEU J 610 49.98 -17.22 -19.56
CA LEU J 610 50.52 -18.47 -20.11
C LEU J 610 49.74 -18.96 -21.31
N SER J 611 48.51 -18.50 -21.52
CA SER J 611 47.73 -18.90 -22.69
C SER J 611 48.23 -18.19 -23.95
N ILE J 612 48.31 -16.86 -23.92
CA ILE J 612 48.90 -16.13 -25.05
C ILE J 612 50.41 -16.39 -25.12
N LYS J 613 51.07 -16.62 -23.98
CA LYS J 613 52.47 -17.05 -24.00
C LYS J 613 52.64 -18.41 -24.65
N GLY J 614 51.73 -19.34 -24.36
CA GLY J 614 51.78 -20.64 -24.99
C GLY J 614 52.54 -21.69 -24.19
N ILE J 615 52.21 -21.80 -22.91
CA ILE J 615 52.83 -22.75 -22.00
C ILE J 615 51.75 -23.65 -21.45
N ASN J 616 51.98 -24.98 -21.50
CA ASN J 616 51.02 -25.95 -20.98
C ASN J 616 50.88 -25.80 -19.48
N PHE J 617 49.75 -25.26 -19.05
CA PHE J 617 49.50 -24.95 -17.65
C PHE J 617 48.27 -25.70 -17.17
N GLN J 618 48.25 -26.01 -15.87
CA GLN J 618 47.05 -26.55 -15.24
C GLN J 618 46.73 -25.72 -14.00
N ARG J 619 45.47 -25.77 -13.56
CA ARG J 619 44.97 -24.82 -12.58
C ARG J 619 44.10 -25.53 -11.56
N LEU J 620 44.10 -24.99 -10.32
CA LEU J 620 43.23 -25.50 -9.27
C LEU J 620 42.84 -24.33 -8.36
N ASP J 621 41.53 -24.11 -8.22
CA ASP J 621 40.99 -23.11 -7.33
C ASP J 621 39.67 -23.63 -6.77
N GLY J 622 38.91 -22.74 -6.12
CA GLY J 622 37.65 -23.15 -5.52
C GLY J 622 36.51 -23.39 -6.49
N THR J 623 36.58 -22.78 -7.68
CA THR J 623 35.53 -22.98 -8.68
C THR J 623 35.62 -24.33 -9.37
N VAL J 624 36.79 -24.97 -9.34
CA VAL J 624 36.97 -26.25 -10.01
C VAL J 624 36.36 -27.35 -9.16
N PRO J 625 35.48 -28.19 -9.72
CA PRO J 625 34.95 -29.33 -8.96
C PRO J 625 36.02 -30.38 -8.72
N SER J 626 35.71 -31.29 -7.78
CA SER J 626 36.70 -32.25 -7.29
C SER J 626 37.09 -33.28 -8.35
N ALA J 627 36.19 -33.58 -9.28
CA ALA J 627 36.52 -34.52 -10.35
C ALA J 627 37.58 -33.95 -11.29
N GLN J 628 37.40 -32.69 -11.71
CA GLN J 628 38.41 -32.04 -12.53
C GLN J 628 39.69 -31.75 -11.75
N ARG J 629 39.56 -31.56 -10.43
CA ARG J 629 40.73 -31.42 -9.57
C ARG J 629 41.56 -32.71 -9.56
N ARG J 630 40.89 -33.84 -9.43
CA ARG J 630 41.57 -35.14 -9.46
C ARG J 630 42.16 -35.42 -10.84
N ILE J 631 41.45 -35.01 -11.89
CA ILE J 631 41.95 -35.15 -13.26
C ILE J 631 43.21 -34.33 -13.46
N SER J 632 43.23 -33.08 -12.98
CA SER J 632 44.40 -32.23 -13.13
C SER J 632 45.57 -32.70 -12.30
N ILE J 633 45.29 -33.23 -11.09
CA ILE J 633 46.36 -33.75 -10.23
C ILE J 633 46.99 -35.01 -10.85
N ASP J 634 46.15 -35.91 -11.38
CA ASP J 634 46.68 -37.11 -12.03
C ASP J 634 47.38 -36.78 -13.35
N HIS J 635 46.94 -35.74 -14.04
CA HIS J 635 47.58 -35.34 -15.28
C HIS J 635 48.93 -34.69 -15.03
N PHE J 636 49.04 -33.91 -13.95
CA PHE J 636 50.31 -33.27 -13.63
C PHE J 636 51.32 -34.26 -13.08
N ASN J 637 50.86 -35.31 -12.40
CA ASN J 637 51.74 -36.29 -11.77
C ASN J 637 52.08 -37.47 -12.68
N SER J 638 51.56 -37.49 -13.91
CA SER J 638 51.88 -38.56 -14.83
C SER J 638 53.32 -38.44 -15.30
N PRO J 639 54.00 -39.57 -15.56
CA PRO J 639 55.39 -39.51 -16.04
C PRO J 639 55.54 -38.95 -17.45
N ASP J 640 54.48 -38.99 -18.26
CA ASP J 640 54.51 -38.46 -19.62
C ASP J 640 53.77 -37.12 -19.71
N SER J 641 53.87 -36.30 -18.67
CA SER J 641 53.15 -35.04 -18.60
C SER J 641 53.93 -33.94 -19.33
N ASN J 642 53.25 -33.23 -20.22
CA ASN J 642 53.80 -32.06 -20.87
C ASN J 642 53.51 -30.77 -20.12
N ASP J 643 52.82 -30.87 -18.98
CA ASP J 643 52.53 -29.68 -18.18
C ASP J 643 53.79 -29.18 -17.48
N PHE J 644 53.98 -27.86 -17.51
CA PHE J 644 55.16 -27.23 -16.92
C PHE J 644 54.83 -26.44 -15.67
N VAL J 645 53.68 -25.77 -15.62
CA VAL J 645 53.34 -24.89 -14.51
C VAL J 645 51.93 -25.21 -14.01
N PHE J 646 51.80 -25.28 -12.68
CA PHE J 646 50.56 -25.67 -12.03
C PHE J 646 50.18 -24.58 -11.03
N LEU J 647 49.01 -23.99 -11.21
CA LEU J 647 48.55 -22.85 -10.43
C LEU J 647 47.61 -23.32 -9.33
N LEU J 648 47.76 -22.72 -8.15
CA LEU J 648 46.94 -23.05 -7.00
C LEU J 648 46.41 -21.78 -6.37
N SER J 649 45.15 -21.82 -5.97
CA SER J 649 44.71 -20.94 -4.90
C SER J 649 45.16 -21.56 -3.58
N THR J 650 45.65 -20.72 -2.67
CA THR J 650 46.47 -21.20 -1.56
C THR J 650 45.64 -21.97 -0.53
N ARG J 651 44.42 -21.54 -0.27
CA ARG J 651 43.60 -22.12 0.80
C ARG J 651 42.66 -23.21 0.32
N ALA J 652 42.98 -23.88 -0.78
CA ALA J 652 42.09 -24.88 -1.35
C ALA J 652 42.76 -26.24 -1.45
N GLY J 653 41.93 -27.28 -1.51
CA GLY J 653 42.38 -28.63 -1.74
C GLY J 653 42.64 -29.45 -0.50
N GLY J 654 42.69 -28.82 0.67
CA GLY J 654 42.97 -29.57 1.88
C GLY J 654 44.43 -30.00 1.96
N LEU J 655 44.67 -30.99 2.81
CA LEU J 655 46.00 -31.51 3.05
C LEU J 655 46.32 -32.74 2.21
N GLY J 656 45.42 -33.15 1.31
CA GLY J 656 45.58 -34.36 0.53
C GLY J 656 46.09 -34.18 -0.88
N ILE J 657 46.56 -33.00 -1.26
CA ILE J 657 47.06 -32.77 -2.61
C ILE J 657 48.47 -33.36 -2.73
N ASN J 658 48.66 -34.24 -3.70
CA ASN J 658 49.96 -34.87 -3.96
C ASN J 658 50.58 -34.22 -5.18
N LEU J 659 51.74 -33.61 -5.00
CA LEU J 659 52.43 -32.86 -6.04
C LEU J 659 53.92 -33.22 -6.06
N MET J 660 54.18 -34.53 -6.13
CA MET J 660 55.55 -35.06 -6.01
C MET J 660 56.44 -34.63 -7.17
N THR J 661 55.87 -34.55 -8.37
CA THR J 661 56.69 -34.31 -9.57
C THR J 661 57.21 -32.88 -9.67
N ALA J 662 56.62 -31.94 -8.95
CA ALA J 662 57.07 -30.56 -9.02
C ALA J 662 58.34 -30.37 -8.20
N ASP J 663 59.06 -29.29 -8.52
CA ASP J 663 60.32 -28.99 -7.87
C ASP J 663 60.37 -27.62 -7.22
N THR J 664 59.85 -26.59 -7.86
CA THR J 664 59.93 -25.22 -7.36
C THR J 664 58.54 -24.69 -7.05
N VAL J 665 58.44 -23.94 -5.96
CA VAL J 665 57.17 -23.36 -5.51
C VAL J 665 57.36 -21.85 -5.43
N VAL J 666 56.47 -21.10 -6.07
CA VAL J 666 56.54 -19.65 -6.07
C VAL J 666 55.29 -19.10 -5.38
N ILE J 667 55.49 -18.40 -4.28
CA ILE J 667 54.41 -17.78 -3.52
C ILE J 667 54.26 -16.35 -4.04
N PHE J 668 53.24 -16.13 -4.87
CA PHE J 668 53.02 -14.80 -5.42
C PHE J 668 52.46 -13.85 -4.36
N ASP J 669 51.48 -14.31 -3.58
CA ASP J 669 50.83 -13.52 -2.56
C ASP J 669 51.09 -14.14 -1.20
N SER J 670 51.66 -13.37 -0.29
CA SER J 670 51.94 -13.86 1.05
C SER J 670 50.68 -13.84 1.91
N ASP J 671 50.40 -14.97 2.55
CA ASP J 671 49.25 -15.09 3.42
C ASP J 671 49.52 -14.42 4.76
N TRP J 672 48.44 -13.98 5.41
CA TRP J 672 48.55 -13.52 6.79
C TRP J 672 48.93 -14.67 7.72
N ASN J 673 48.31 -15.83 7.53
CA ASN J 673 48.64 -17.00 8.31
C ASN J 673 49.82 -17.72 7.67
N PRO J 674 50.96 -17.84 8.35
CA PRO J 674 52.12 -18.52 7.74
C PRO J 674 51.95 -20.01 7.63
N GLN J 675 51.04 -20.62 8.41
CA GLN J 675 50.82 -22.06 8.33
C GLN J 675 50.18 -22.44 7.00
N ALA J 676 49.40 -21.53 6.40
CA ALA J 676 48.90 -21.74 5.05
C ALA J 676 50.05 -21.79 4.05
N ASP J 677 51.05 -20.92 4.22
CA ASP J 677 52.20 -20.94 3.33
C ASP J 677 53.06 -22.18 3.56
N LEU J 678 53.16 -22.64 4.80
CA LEU J 678 53.86 -23.89 5.08
C LEU J 678 53.16 -25.09 4.47
N GLN J 679 51.83 -25.11 4.51
CA GLN J 679 51.08 -26.17 3.82
C GLN J 679 51.24 -26.07 2.31
N ALA J 680 51.29 -24.83 1.79
CA ALA J 680 51.48 -24.60 0.36
C ALA J 680 52.84 -25.11 -0.11
N MET J 681 53.91 -24.85 0.65
CA MET J 681 55.21 -25.36 0.27
C MET J 681 55.39 -26.84 0.62
N ALA J 682 54.56 -27.38 1.52
CA ALA J 682 54.57 -28.81 1.81
C ALA J 682 53.68 -29.60 0.87
N ARG J 683 52.95 -28.93 -0.02
CA ARG J 683 52.31 -29.62 -1.14
C ARG J 683 53.35 -30.31 -2.02
N ALA J 684 54.48 -29.66 -2.25
CA ALA J 684 55.57 -30.26 -3.02
C ALA J 684 56.66 -30.86 -2.14
N HIS J 685 56.77 -30.44 -0.89
CA HIS J 685 57.78 -30.99 0.02
C HIS J 685 57.17 -32.10 0.88
N ARG J 686 56.75 -33.15 0.22
CA ARG J 686 56.19 -34.32 0.88
C ARG J 686 57.29 -35.35 1.13
N ILE J 687 56.92 -36.45 1.77
CA ILE J 687 57.87 -37.51 2.07
C ILE J 687 58.13 -38.32 0.80
N GLY J 688 59.41 -38.43 0.43
CA GLY J 688 59.79 -39.15 -0.77
C GLY J 688 60.12 -38.27 -1.96
N GLN J 689 60.25 -36.96 -1.77
CA GLN J 689 60.60 -36.07 -2.88
C GLN J 689 62.03 -36.30 -3.30
N LYS J 690 62.26 -36.41 -4.62
CA LYS J 690 63.56 -36.77 -5.17
C LYS J 690 64.37 -35.55 -5.61
N ASN J 691 63.88 -34.34 -5.37
CA ASN J 691 64.57 -33.14 -5.82
C ASN J 691 64.60 -32.11 -4.70
N HIS J 692 65.53 -31.18 -4.81
CA HIS J 692 65.74 -30.15 -3.79
C HIS J 692 64.76 -29.02 -4.06
N VAL J 693 63.83 -28.81 -3.13
CA VAL J 693 62.71 -27.90 -3.35
C VAL J 693 63.10 -26.49 -2.90
N MET J 694 62.90 -25.52 -3.79
CA MET J 694 63.08 -24.11 -3.45
C MET J 694 61.78 -23.35 -3.64
N VAL J 695 61.59 -22.35 -2.78
CA VAL J 695 60.40 -21.51 -2.78
C VAL J 695 60.83 -20.06 -3.00
N TYR J 696 60.27 -19.44 -4.02
CA TYR J 696 60.51 -18.03 -4.30
C TYR J 696 59.28 -17.23 -3.89
N ARG J 697 59.45 -16.35 -2.91
CA ARG J 697 58.37 -15.53 -2.39
C ARG J 697 58.46 -14.15 -3.04
N LEU J 698 57.45 -13.80 -3.83
CA LEU J 698 57.46 -12.55 -4.59
C LEU J 698 56.88 -11.44 -3.73
N VAL J 699 57.71 -10.44 -3.42
CA VAL J 699 57.36 -9.35 -2.52
C VAL J 699 57.50 -8.04 -3.27
N SER J 700 56.53 -7.14 -3.08
CA SER J 700 56.61 -5.80 -3.64
C SER J 700 57.27 -4.86 -2.65
N LYS J 701 58.20 -4.05 -3.16
CA LYS J 701 58.92 -3.09 -2.33
C LYS J 701 58.00 -1.95 -1.91
N ASP J 702 58.27 -1.43 -0.69
CA ASP J 702 57.61 -0.31 0.03
C ASP J 702 56.09 -0.23 -0.18
N THR J 703 55.44 -1.39 -0.04
CA THR J 703 53.98 -1.48 -0.11
C THR J 703 53.41 -2.14 1.13
N VAL J 704 52.13 -2.50 1.05
CA VAL J 704 51.40 -3.04 2.20
C VAL J 704 51.76 -4.49 2.48
N GLU J 705 52.46 -5.17 1.56
CA GLU J 705 52.85 -6.56 1.80
C GLU J 705 53.99 -6.67 2.81
N GLU J 706 54.68 -5.56 3.11
CA GLU J 706 55.77 -5.59 4.07
C GLU J 706 55.26 -5.86 5.49
N GLU J 707 54.16 -5.22 5.89
CA GLU J 707 53.59 -5.53 7.20
C GLU J 707 52.89 -6.88 7.21
N VAL J 708 52.45 -7.37 6.05
CA VAL J 708 51.96 -8.74 5.94
C VAL J 708 53.07 -9.73 6.29
N LEU J 709 54.26 -9.52 5.72
CA LEU J 709 55.38 -10.37 6.04
C LEU J 709 55.89 -10.14 7.46
N GLU J 710 55.72 -8.93 8.00
CA GLU J 710 56.09 -8.69 9.40
C GLU J 710 55.19 -9.45 10.34
N ARG J 711 53.88 -9.47 10.08
CA ARG J 711 52.97 -10.29 10.87
C ARG J 711 53.25 -11.78 10.68
N ALA J 712 53.62 -12.18 9.46
CA ALA J 712 53.97 -13.57 9.18
C ALA J 712 55.21 -14.01 9.95
N ARG J 713 56.25 -13.18 9.97
CA ARG J 713 57.45 -13.55 10.71
C ARG J 713 57.24 -13.46 12.22
N LYS J 714 56.33 -12.59 12.68
CA LYS J 714 55.98 -12.57 14.09
C LYS J 714 55.27 -13.86 14.50
N LYS J 715 54.35 -14.35 13.66
CA LYS J 715 53.67 -15.60 13.95
C LYS J 715 54.62 -16.80 13.84
N MET J 716 55.57 -16.75 12.90
CA MET J 716 56.58 -17.80 12.82
C MET J 716 57.51 -17.81 14.04
N ILE J 717 57.86 -16.62 14.54
CA ILE J 717 58.67 -16.52 15.75
C ILE J 717 57.89 -17.06 16.95
N LEU J 718 56.59 -16.76 17.02
CA LEU J 718 55.76 -17.28 18.10
C LEU J 718 55.63 -18.80 18.05
N GLU J 719 55.46 -19.35 16.85
CA GLU J 719 55.38 -20.81 16.70
C GLU J 719 56.71 -21.49 16.99
N TYR J 720 57.82 -20.85 16.64
CA TYR J 720 59.12 -21.41 16.98
C TYR J 720 59.40 -21.28 18.48
N ALA J 721 58.78 -20.31 19.13
CA ALA J 721 58.94 -20.15 20.57
C ALA J 721 58.18 -21.22 21.34
N ILE J 722 56.85 -21.25 21.19
CA ILE J 722 56.04 -22.13 22.02
C ILE J 722 56.04 -23.56 21.49
N ILE J 723 55.69 -23.73 20.22
CA ILE J 723 55.42 -25.08 19.70
C ILE J 723 56.73 -25.83 19.46
N SER J 724 57.72 -25.18 18.85
CA SER J 724 58.93 -25.89 18.45
C SER J 724 59.84 -26.23 19.63
N LEU J 725 59.79 -25.44 20.69
CA LEU J 725 60.64 -25.68 21.85
C LEU J 725 59.98 -26.55 22.91
N GLY J 726 58.76 -27.03 22.66
CA GLY J 726 58.04 -27.91 23.58
C GLY J 726 57.56 -29.15 22.84
N VAL J 727 58.41 -29.72 21.99
CA VAL J 727 58.04 -30.91 21.23
C VAL J 727 58.13 -32.14 22.13
N THR J 728 57.37 -33.17 21.75
CA THR J 728 57.23 -34.45 22.47
C THR J 728 56.87 -34.30 23.94
N LYS J 735 71.74 -29.12 30.88
CA LYS J 735 72.55 -27.92 30.99
C LYS J 735 72.10 -26.86 29.99
N LYS J 736 71.18 -27.25 29.10
CA LYS J 736 70.66 -26.33 28.09
C LYS J 736 69.60 -25.38 28.64
N ASN J 737 69.06 -25.66 29.83
CA ASN J 737 68.06 -24.76 30.42
C ASN J 737 68.68 -23.43 30.83
N GLU J 738 69.96 -23.43 31.21
CA GLU J 738 70.68 -22.18 31.42
C GLU J 738 70.80 -21.37 30.14
N PRO J 739 71.16 -21.95 28.99
CA PRO J 739 71.18 -21.18 27.73
C PRO J 739 69.80 -20.91 27.15
N ASN J 740 68.76 -21.56 27.68
CA ASN J 740 67.39 -21.28 27.23
C ASN J 740 66.97 -19.85 27.57
N ALA J 741 67.37 -19.36 28.75
CA ALA J 741 67.05 -17.99 29.14
C ALA J 741 67.79 -16.96 28.30
N GLY J 742 68.88 -17.35 27.64
CA GLY J 742 69.54 -16.47 26.70
C GLY J 742 68.97 -16.55 25.30
N GLU J 743 68.63 -17.76 24.84
CA GLU J 743 68.17 -17.89 23.47
C GLU J 743 66.71 -17.51 23.30
N LEU J 744 65.88 -17.61 24.35
CA LEU J 744 64.55 -17.00 24.30
C LEU J 744 64.64 -15.47 24.21
N SER J 745 65.58 -14.87 24.95
CA SER J 745 65.79 -13.42 24.85
C SER J 745 66.32 -13.04 23.47
N ALA J 746 67.17 -13.89 22.89
CA ALA J 746 67.66 -13.65 21.54
C ALA J 746 66.55 -13.74 20.50
N ILE J 747 65.65 -14.72 20.64
CA ILE J 747 64.58 -14.86 19.66
C ILE J 747 63.51 -13.78 19.86
N LEU J 748 63.36 -13.25 21.08
CA LEU J 748 62.47 -12.12 21.29
C LEU J 748 63.07 -10.82 20.79
N LYS J 749 64.40 -10.68 20.85
CA LYS J 749 65.05 -9.53 20.23
C LYS J 749 64.96 -9.62 18.71
N PHE J 750 65.03 -10.83 18.17
CA PHE J 750 64.82 -11.03 16.74
C PHE J 750 63.38 -10.71 16.34
N GLY J 751 62.41 -11.07 17.18
CA GLY J 751 61.03 -10.80 16.88
C GLY J 751 60.60 -9.35 17.06
N ALA J 752 61.43 -8.53 17.70
CA ALA J 752 61.11 -7.13 17.95
C ALA J 752 61.71 -6.19 16.93
N GLY J 753 62.40 -6.70 15.92
CA GLY J 753 63.07 -5.86 14.93
C GLY J 753 62.58 -6.16 13.52
N ASN J 754 62.47 -5.12 12.71
CA ASN J 754 62.10 -5.29 11.31
C ASN J 754 63.26 -5.83 10.50
N MET J 755 62.94 -6.36 9.32
CA MET J 755 63.95 -6.94 8.45
C MET J 755 64.35 -6.05 7.29
N PHE J 756 63.56 -5.02 6.97
CA PHE J 756 63.86 -4.11 5.87
C PHE J 756 64.75 -2.97 6.36
N THR J 757 66.01 -3.33 6.62
CA THR J 757 67.08 -2.44 7.10
C THR J 757 66.71 -1.66 8.36
N ASP J 772 73.33 -14.87 -10.01
CA ASP J 772 73.20 -15.83 -8.93
C ASP J 772 72.07 -15.45 -7.98
N VAL J 773 71.07 -14.73 -8.50
CA VAL J 773 69.94 -14.32 -7.69
C VAL J 773 68.80 -15.33 -7.77
N LEU J 774 68.70 -16.08 -8.87
CA LEU J 774 67.69 -17.11 -9.05
C LEU J 774 68.33 -18.47 -9.23
N ASN J 775 69.39 -18.74 -8.46
CA ASN J 775 70.16 -19.96 -8.64
C ASN J 775 69.39 -21.18 -8.11
N HIS J 776 69.45 -22.26 -8.88
CA HIS J 776 68.82 -23.53 -8.51
C HIS J 776 69.84 -24.45 -7.84
N ALA J 777 70.45 -23.94 -6.77
CA ALA J 777 71.46 -24.69 -6.03
C ALA J 777 71.54 -24.15 -4.61
N GLU J 778 71.96 -25.02 -3.69
CA GLU J 778 72.14 -24.64 -2.30
C GLU J 778 73.14 -25.60 -1.66
N ASP J 779 74.13 -25.07 -0.96
CA ASP J 779 75.13 -25.90 -0.30
C ASP J 779 74.61 -26.43 1.03
N LEU J 791 72.82 -26.15 16.86
CA LEU J 791 72.99 -25.92 15.43
C LEU J 791 71.70 -25.45 14.80
N GLY J 792 70.57 -25.85 15.36
CA GLY J 792 69.27 -25.44 14.85
C GLY J 792 68.84 -24.04 15.20
N GLY J 793 69.55 -23.39 16.14
CA GLY J 793 69.20 -22.03 16.50
C GLY J 793 69.52 -21.03 15.40
N GLU J 794 70.70 -21.14 14.79
CA GLU J 794 71.09 -20.26 13.71
C GLU J 794 70.52 -20.70 12.36
N GLU J 795 69.99 -21.92 12.26
CA GLU J 795 69.30 -22.32 11.05
C GLU J 795 67.94 -21.64 10.92
N PHE J 796 67.31 -21.27 12.03
CA PHE J 796 66.10 -20.47 11.98
C PHE J 796 66.40 -19.00 11.69
N LEU J 797 67.65 -18.57 11.86
CA LEU J 797 68.04 -17.24 11.42
C LEU J 797 68.13 -17.13 9.91
N LYS J 798 68.16 -18.26 9.20
CA LYS J 798 68.00 -18.28 7.76
C LYS J 798 66.52 -18.15 7.40
N GLN J 799 66.23 -18.31 6.10
CA GLN J 799 64.90 -18.18 5.45
C GLN J 799 64.13 -16.93 5.88
N PHE J 800 64.86 -15.85 6.19
CA PHE J 800 64.26 -14.59 6.58
C PHE J 800 64.93 -13.38 5.92
N GLU J 801 66.05 -13.58 5.22
CA GLU J 801 66.74 -12.48 4.57
C GLU J 801 65.98 -12.04 3.32
N VAL J 802 66.16 -10.78 2.95
CA VAL J 802 65.49 -10.19 1.80
C VAL J 802 66.54 -9.89 0.73
N THR J 803 66.32 -10.40 -0.47
CA THR J 803 67.20 -10.14 -1.61
C THR J 803 66.46 -9.26 -2.61
N ASP J 804 66.99 -8.07 -2.84
CA ASP J 804 66.35 -7.13 -3.76
C ASP J 804 66.62 -7.52 -5.21
N TYR J 805 65.83 -6.95 -6.11
CA TYR J 805 65.89 -7.29 -7.53
C TYR J 805 65.60 -6.04 -8.33
N LYS J 806 66.59 -5.58 -9.11
CA LYS J 806 66.54 -4.29 -9.80
C LYS J 806 66.91 -4.46 -11.27
N ALA J 807 66.33 -5.46 -11.94
CA ALA J 807 66.57 -5.65 -13.36
C ALA J 807 65.59 -4.77 -14.14
N ASP J 808 65.97 -3.51 -14.30
CA ASP J 808 65.15 -2.53 -15.00
C ASP J 808 65.29 -2.74 -16.51
N ILE J 809 64.27 -3.30 -17.12
CA ILE J 809 64.27 -3.62 -18.55
C ILE J 809 63.19 -2.78 -19.22
N ASP J 810 63.51 -2.23 -20.39
CA ASP J 810 62.62 -1.32 -21.10
C ASP J 810 61.44 -2.07 -21.74
N TRP J 811 60.66 -1.33 -22.53
CA TRP J 811 59.40 -1.85 -23.04
C TRP J 811 59.62 -2.89 -24.14
N ASP J 812 60.56 -2.64 -25.05
CA ASP J 812 60.70 -3.42 -26.27
C ASP J 812 61.65 -4.61 -26.13
N ASP J 813 62.40 -4.70 -25.02
CA ASP J 813 63.48 -5.68 -24.88
C ASP J 813 62.99 -7.04 -24.39
N ILE J 814 61.70 -7.33 -24.53
CA ILE J 814 61.10 -8.62 -24.19
C ILE J 814 60.37 -9.07 -25.45
N ILE J 815 60.12 -10.37 -25.55
CA ILE J 815 59.75 -11.12 -26.77
C ILE J 815 60.83 -10.87 -27.83
N PRO J 816 62.00 -11.51 -27.71
CA PRO J 816 63.09 -11.28 -28.66
C PRO J 816 62.84 -11.91 -30.02
N GLU J 817 63.86 -11.87 -30.89
CA GLU J 817 63.72 -12.29 -32.28
C GLU J 817 63.42 -13.78 -32.42
N GLU J 818 63.82 -14.59 -31.43
CA GLU J 818 63.42 -16.00 -31.44
C GLU J 818 61.94 -16.15 -31.12
N GLU J 819 61.45 -15.40 -30.13
CA GLU J 819 60.04 -15.48 -29.75
C GLU J 819 59.13 -14.72 -30.70
N LEU J 820 59.61 -13.60 -31.28
CA LEU J 820 58.76 -12.78 -32.13
C LEU J 820 58.56 -13.41 -33.50
N LYS J 821 59.53 -14.20 -33.98
CA LYS J 821 59.39 -14.83 -35.29
C LYS J 821 58.36 -15.94 -35.28
N LYS J 822 58.30 -16.71 -34.20
CA LYS J 822 57.31 -17.78 -34.10
C LYS J 822 55.93 -17.22 -33.78
N LEU J 823 55.86 -16.12 -33.03
CA LEU J 823 54.57 -15.55 -32.65
C LEU J 823 53.90 -14.83 -33.81
N GLN J 824 54.68 -14.08 -34.60
CA GLN J 824 54.13 -13.39 -35.76
C GLN J 824 53.76 -14.35 -36.87
N ASP J 825 54.45 -15.48 -36.96
CA ASP J 825 54.07 -16.50 -37.95
C ASP J 825 52.77 -17.18 -37.57
N GLU J 826 52.52 -17.35 -36.26
CA GLU J 826 51.27 -17.94 -35.81
C GLU J 826 50.10 -16.99 -36.01
N GLU J 827 50.32 -15.68 -35.85
CA GLU J 827 49.28 -14.71 -36.12
C GLU J 827 49.00 -14.58 -37.62
N GLN J 828 50.04 -14.71 -38.45
CA GLN J 828 49.86 -14.65 -39.89
C GLN J 828 49.18 -15.90 -40.42
N LYS J 829 49.49 -17.06 -39.84
CA LYS J 829 48.85 -18.30 -40.25
C LYS J 829 47.41 -18.40 -39.77
N ARG J 830 47.06 -17.67 -38.71
CA ARG J 830 45.67 -17.67 -38.24
C ARG J 830 44.74 -16.95 -39.21
N LYS J 831 45.24 -15.93 -39.90
CA LYS J 831 44.42 -15.23 -40.89
C LYS J 831 44.21 -16.06 -42.15
N ASP J 832 45.16 -16.96 -42.46
CA ASP J 832 45.01 -17.80 -43.65
C ASP J 832 43.99 -18.90 -43.43
N GLU J 833 43.95 -19.47 -42.22
CA GLU J 833 43.01 -20.53 -41.89
C GLU J 833 41.71 -20.01 -41.28
N GLU J 834 41.57 -18.69 -41.14
CA GLU J 834 40.42 -18.00 -40.56
C GLU J 834 40.12 -18.48 -39.15
N TYR J 835 39.03 -19.24 -39.00
CA TYR J 835 38.56 -19.85 -37.74
C TYR J 835 38.36 -18.82 -36.62
N ILE J 889 28.92 -69.31 41.82
CA ILE J 889 28.14 -70.06 40.85
C ILE J 889 26.77 -70.38 41.42
N GLY J 890 25.79 -69.55 41.08
CA GLY J 890 24.43 -69.74 41.55
C GLY J 890 23.60 -70.58 40.61
N GLU J 891 22.28 -70.48 40.78
CA GLU J 891 21.36 -71.24 39.92
C GLU J 891 21.28 -70.64 38.52
N SER J 892 21.53 -69.34 38.39
CA SER J 892 21.51 -68.71 37.07
C SER J 892 22.70 -69.14 36.22
N GLU J 893 23.87 -69.29 36.86
CA GLU J 893 25.05 -69.72 36.12
C GLU J 893 25.00 -71.21 35.80
N VAL J 894 24.27 -71.99 36.59
CA VAL J 894 24.13 -73.42 36.33
C VAL J 894 23.27 -73.66 35.09
N ARG J 895 22.16 -72.92 34.97
CA ARG J 895 21.30 -73.07 33.81
CA ARG J 895 21.30 -73.07 33.81
C ARG J 895 21.93 -72.48 32.56
N ALA J 896 22.74 -71.43 32.71
CA ALA J 896 23.43 -70.85 31.55
C ALA J 896 24.52 -71.77 31.04
N LEU J 897 25.22 -72.48 31.94
CA LEU J 897 26.23 -73.44 31.53
C LEU J 897 25.60 -74.69 30.96
N TYR J 898 24.37 -75.02 31.38
CA TYR J 898 23.68 -76.18 30.83
C TYR J 898 23.26 -75.94 29.38
N LYS J 899 22.90 -74.70 29.04
CA LYS J 899 22.58 -74.39 27.65
C LYS J 899 23.83 -74.39 26.78
N ALA J 900 24.98 -74.03 27.34
CA ALA J 900 26.23 -74.08 26.58
C ALA J 900 26.71 -75.51 26.35
N ILE J 901 26.30 -76.44 27.20
CA ILE J 901 26.66 -77.85 26.99
C ILE J 901 25.93 -78.42 25.79
N LEU J 902 24.66 -78.05 25.61
CA LEU J 902 23.89 -78.53 24.47
C LEU J 902 24.27 -77.82 23.18
N LYS J 903 24.95 -76.68 23.25
CA LYS J 903 25.34 -75.93 22.06
C LYS J 903 26.75 -76.30 21.62
N PHE J 904 27.74 -76.10 22.49
CA PHE J 904 29.13 -76.35 22.16
C PHE J 904 29.65 -77.67 22.73
N GLY J 905 29.32 -77.98 23.98
CA GLY J 905 29.81 -79.20 24.61
C GLY J 905 30.56 -78.93 25.90
N ASN J 906 31.85 -79.26 25.91
CA ASN J 906 32.67 -79.02 27.10
C ASN J 906 32.95 -77.53 27.25
N LEU J 907 32.77 -77.03 28.46
CA LEU J 907 32.98 -75.61 28.76
C LEU J 907 34.37 -75.31 29.27
N LYS J 908 35.24 -76.32 29.38
CA LYS J 908 36.59 -76.08 29.85
C LYS J 908 37.43 -75.36 28.80
N GLU J 909 37.35 -75.80 27.55
CA GLU J 909 38.10 -75.18 26.46
C GLU J 909 37.35 -74.04 25.79
N ILE J 910 36.09 -73.80 26.18
CA ILE J 910 35.29 -72.73 25.59
C ILE J 910 34.79 -71.82 26.70
N LEU J 911 35.55 -71.72 27.78
CA LEU J 911 35.17 -70.86 28.90
C LEU J 911 35.25 -69.39 28.52
N ASP J 912 36.29 -69.00 27.77
CA ASP J 912 36.41 -67.61 27.34
C ASP J 912 35.44 -67.25 26.23
N GLU J 913 34.96 -68.24 25.47
CA GLU J 913 34.02 -67.94 24.40
C GLU J 913 32.63 -67.61 24.94
N LEU J 914 32.16 -68.38 25.93
CA LEU J 914 30.81 -68.19 26.45
C LEU J 914 30.73 -67.00 27.40
N ILE J 915 31.82 -66.69 28.12
CA ILE J 915 31.77 -65.64 29.13
C ILE J 915 31.69 -64.27 28.48
N ALA J 916 32.47 -64.04 27.44
CA ALA J 916 32.53 -62.72 26.82
C ALA J 916 31.46 -62.50 25.75
N ASP J 917 30.70 -63.54 25.39
CA ASP J 917 29.62 -63.41 24.42
C ASP J 917 28.26 -63.19 25.07
N GLY J 918 28.21 -63.06 26.39
CA GLY J 918 26.96 -62.87 27.10
C GLY J 918 26.26 -64.14 27.53
N THR J 919 26.79 -65.31 27.20
CA THR J 919 26.18 -66.56 27.62
C THR J 919 26.44 -66.90 29.08
N LEU J 920 27.36 -66.20 29.73
CA LEU J 920 27.68 -66.39 31.14
C LEU J 920 27.66 -65.05 31.84
N PRO J 921 27.44 -65.04 33.15
CA PRO J 921 27.36 -63.79 33.90
C PRO J 921 28.78 -63.25 34.20
N VAL J 922 28.81 -62.15 34.93
CA VAL J 922 30.06 -61.50 35.29
C VAL J 922 30.68 -62.24 36.47
N LYS J 923 31.54 -63.21 36.18
CA LYS J 923 32.21 -63.99 37.21
C LYS J 923 33.61 -64.34 36.73
N SER J 924 34.38 -64.95 37.63
CA SER J 924 35.73 -65.36 37.30
C SER J 924 35.72 -66.55 36.34
N PHE J 925 36.77 -66.64 35.52
CA PHE J 925 36.89 -67.76 34.59
C PHE J 925 37.23 -69.05 35.32
N GLU J 926 37.97 -68.97 36.43
CA GLU J 926 38.29 -70.16 37.20
C GLU J 926 37.07 -70.68 37.98
N LYS J 927 36.19 -69.78 38.42
CA LYS J 927 34.99 -70.19 39.12
C LYS J 927 34.00 -70.86 38.18
N TYR J 928 33.90 -70.35 36.94
CA TYR J 928 33.02 -70.98 35.95
C TYR J 928 33.59 -72.30 35.45
N GLY J 929 34.93 -72.39 35.34
CA GLY J 929 35.53 -73.65 34.94
C GLY J 929 35.41 -74.73 35.99
N GLU J 930 35.50 -74.35 37.27
CA GLU J 930 35.37 -75.33 38.35
C GLU J 930 33.93 -75.83 38.49
N THR J 931 32.95 -74.97 38.22
CA THR J 931 31.55 -75.39 38.28
C THR J 931 31.19 -76.31 37.12
N TYR J 932 31.82 -76.13 35.96
CA TYR J 932 31.55 -76.99 34.82
C TYR J 932 32.15 -78.37 35.03
N ASP J 933 33.31 -78.45 35.67
CA ASP J 933 33.94 -79.75 35.92
C ASP J 933 33.21 -80.53 37.00
N GLU J 934 32.65 -79.83 37.99
CA GLU J 934 31.92 -80.51 39.06
C GLU J 934 30.59 -81.06 38.57
N MET J 935 29.92 -80.34 37.67
CA MET J 935 28.65 -80.80 37.13
C MET J 935 28.84 -81.97 36.17
N MET J 936 29.95 -82.00 35.43
CA MET J 936 30.21 -83.11 34.52
C MET J 936 30.58 -84.38 35.29
N GLU J 937 31.26 -84.24 36.42
CA GLU J 937 31.64 -85.42 37.19
C GLU J 937 30.44 -86.01 37.94
N ALA J 938 29.54 -85.15 38.40
CA ALA J 938 28.36 -85.60 39.12
C ALA J 938 27.29 -86.18 38.21
N ALA J 939 27.36 -85.91 36.90
CA ALA J 939 26.36 -86.44 35.98
C ALA J 939 26.57 -87.92 35.72
N LYS J 940 27.82 -88.39 35.76
CA LYS J 940 28.10 -89.80 35.49
C LYS J 940 27.66 -90.69 36.64
N ASP J 941 27.83 -90.21 37.88
CA ASP J 941 27.44 -91.01 39.05
C ASP J 941 25.92 -91.08 39.19
N CYS J 942 25.22 -90.00 38.84
CA CYS J 942 23.77 -90.00 38.94
C CYS J 942 23.13 -90.82 37.82
N VAL J 943 23.78 -90.89 36.65
CA VAL J 943 23.27 -91.70 35.56
C VAL J 943 23.42 -93.19 35.88
N HIS J 944 24.54 -93.56 36.50
CA HIS J 944 24.77 -94.96 36.84
C HIS J 944 23.92 -95.42 38.02
N GLU J 945 23.43 -94.50 38.84
CA GLU J 945 22.59 -94.88 39.96
C GLU J 945 21.20 -95.31 39.49
N GLU J 946 20.64 -94.61 38.51
CA GLU J 946 19.32 -94.96 37.99
C GLU J 946 19.38 -96.18 37.08
N GLU J 947 20.49 -96.37 36.36
CA GLU J 947 20.61 -97.51 35.46
C GLU J 947 20.82 -98.82 36.21
N LYS J 948 21.37 -98.75 37.42
CA LYS J 948 21.59 -99.97 38.20
C LYS J 948 20.28 -100.53 38.74
N ASN J 949 19.36 -99.65 39.17
CA ASN J 949 18.07 -100.11 39.68
C ASN J 949 17.14 -100.56 38.56
N ARG J 950 17.31 -100.03 37.35
CA ARG J 950 16.45 -100.41 36.24
C ARG J 950 16.79 -101.79 35.71
N LYS J 951 18.04 -102.23 35.87
CA LYS J 951 18.44 -103.55 35.38
C LYS J 951 17.87 -104.66 36.26
N GLU J 952 17.85 -104.45 37.57
CA GLU J 952 17.32 -105.46 38.48
C GLU J 952 15.80 -105.49 38.51
N ILE J 953 15.14 -104.43 38.03
CA ILE J 953 13.69 -104.40 37.99
C ILE J 953 13.15 -105.36 36.93
N LEU J 954 13.83 -105.43 35.78
CA LEU J 954 13.39 -106.31 34.70
C LEU J 954 13.66 -107.78 35.00
N GLU J 955 14.62 -108.08 35.88
CA GLU J 955 14.88 -109.46 36.25
C GLU J 955 13.76 -110.03 37.14
N LYS J 956 13.23 -109.21 38.04
CA LYS J 956 12.13 -109.65 38.88
C LYS J 956 10.82 -109.74 38.11
N LEU J 957 10.63 -108.88 37.10
CA LEU J 957 9.40 -108.92 36.31
C LEU J 957 9.39 -110.11 35.37
N GLU J 958 10.57 -110.56 34.90
CA GLU J 958 10.63 -111.72 34.03
C GLU J 958 10.40 -113.01 34.79
N LYS J 959 10.74 -113.04 36.09
CA LYS J 959 10.49 -114.22 36.90
C LYS J 959 9.01 -114.42 37.19
N HIS J 960 8.26 -113.32 37.34
CA HIS J 960 6.83 -113.43 37.60
C HIS J 960 6.06 -113.82 36.34
N ALA J 961 6.59 -113.49 35.16
CA ALA J 961 5.92 -113.85 33.92
C ALA J 961 6.02 -115.34 33.62
N THR J 962 7.06 -116.00 34.12
CA THR J 962 7.19 -117.45 33.91
C THR J 962 6.20 -118.23 34.78
N ALA J 963 5.88 -117.70 35.98
CA ALA J 963 4.91 -118.37 36.84
C ALA J 963 3.50 -118.21 36.31
N TYR J 964 3.18 -117.04 35.75
CA TYR J 964 1.85 -116.79 35.20
C TYR J 964 1.66 -117.44 33.83
N ARG J 965 2.75 -117.84 33.16
CA ARG J 965 2.62 -118.49 31.87
C ARG J 965 2.08 -119.91 32.01
N ALA J 966 2.41 -120.59 33.10
CA ALA J 966 1.90 -121.94 33.33
C ALA J 966 0.44 -121.96 33.75
N LYS J 967 -0.07 -120.86 34.30
CA LYS J 967 -1.47 -120.79 34.70
C LYS J 967 -2.39 -120.71 33.48
N LEU J 968 -1.96 -119.98 32.44
CA LEU J 968 -2.78 -119.88 31.23
C LEU J 968 -2.74 -121.18 30.42
N LYS J 969 -1.61 -121.90 30.46
CA LYS J 969 -1.49 -123.15 29.73
C LYS J 969 -2.23 -124.27 30.44
N ASN J 982 -2.00 -109.02 33.95
CA ASN J 982 -1.21 -110.20 34.29
C ASN J 982 0.27 -109.87 34.37
N PRO J 983 1.10 -110.87 34.71
CA PRO J 983 2.55 -110.63 34.78
C PRO J 983 3.21 -110.48 33.43
N LEU J 984 2.59 -110.97 32.36
CA LEU J 984 3.16 -110.80 31.02
C LEU J 984 3.08 -109.36 30.55
N THR J 985 2.03 -108.63 30.95
CA THR J 985 1.93 -107.22 30.60
C THR J 985 2.88 -106.36 31.42
N ARG J 986 3.25 -106.82 32.62
CA ARG J 986 4.20 -106.08 33.45
C ARG J 986 5.61 -106.15 32.86
N LEU J 987 5.97 -107.30 32.29
CA LEU J 987 7.28 -107.43 31.66
C LEU J 987 7.36 -106.66 30.34
N SER J 988 6.24 -106.56 29.63
CA SER J 988 6.23 -105.82 28.37
C SER J 988 6.29 -104.30 28.60
N LEU J 989 5.72 -103.82 29.71
CA LEU J 989 5.74 -102.39 29.99
C LEU J 989 7.13 -101.94 30.43
N LYS J 990 7.83 -102.77 31.21
CA LYS J 990 9.16 -102.42 31.67
C LYS J 990 10.19 -102.51 30.54
N LYS J 991 10.00 -103.46 29.62
CA LYS J 991 10.92 -103.60 28.50
C LYS J 991 10.77 -102.45 27.51
N ARG J 992 9.54 -102.02 27.26
CA ARG J 992 9.27 -100.92 26.32
C ARG J 992 9.59 -99.58 26.96
N VAL J 997 16.64 -90.44 32.58
CA VAL J 997 17.85 -90.07 33.30
C VAL J 997 17.84 -88.58 33.61
N LEU J 998 17.43 -88.24 34.84
CA LEU J 998 17.37 -86.86 35.29
C LEU J 998 18.05 -86.74 36.65
N PHE J 999 18.65 -85.57 36.89
CA PHE J 999 19.38 -85.32 38.12
C PHE J 999 19.41 -83.83 38.39
N ASN J 1000 19.76 -83.49 39.63
CA ASN J 1000 19.92 -82.10 40.06
C ASN J 1000 21.37 -81.88 40.45
N PHE J 1001 21.99 -80.84 39.87
CA PHE J 1001 23.40 -80.54 40.10
C PHE J 1001 23.58 -79.41 41.10
N LYS J 1002 23.04 -78.24 40.80
CA LYS J 1002 23.18 -77.07 41.66
C LYS J 1002 21.85 -76.35 41.79
N GLY J 1003 20.79 -77.12 42.00
CA GLY J 1003 19.44 -76.59 42.13
C GLY J 1003 18.60 -76.67 40.87
N VAL J 1004 19.21 -76.95 39.73
CA VAL J 1004 18.49 -77.08 38.47
C VAL J 1004 18.05 -78.52 38.33
N LYS J 1005 16.73 -78.75 38.32
CA LYS J 1005 16.18 -80.09 38.26
C LYS J 1005 15.97 -80.53 36.81
N SER J 1006 15.76 -81.84 36.65
CA SER J 1006 15.49 -82.51 35.37
C SER J 1006 16.60 -82.26 34.35
N LEU J 1007 17.85 -82.25 34.82
CA LEU J 1007 18.99 -82.08 33.93
C LEU J 1007 19.33 -83.41 33.26
N ASN J 1008 19.61 -83.35 31.96
CA ASN J 1008 19.91 -84.54 31.18
C ASN J 1008 21.34 -84.97 31.47
N ALA J 1009 21.48 -85.93 32.40
CA ALA J 1009 22.81 -86.43 32.73
C ALA J 1009 23.37 -87.34 31.64
N GLU J 1010 22.50 -88.10 30.97
CA GLU J 1010 22.96 -88.99 29.90
C GLU J 1010 23.32 -88.21 28.64
N SER J 1011 22.53 -87.19 28.31
CA SER J 1011 22.80 -86.39 27.12
C SER J 1011 23.96 -85.44 27.28
N LEU J 1012 24.34 -85.10 28.53
CA LEU J 1012 25.47 -84.21 28.75
C LEU J 1012 26.79 -84.90 28.43
N LEU J 1013 26.94 -86.16 28.86
CA LEU J 1013 28.16 -86.89 28.56
C LEU J 1013 28.22 -87.35 27.11
N SER J 1014 27.06 -87.61 26.50
CA SER J 1014 27.03 -88.04 25.11
C SER J 1014 27.37 -86.89 24.17
N ARG J 1015 26.89 -85.68 24.48
CA ARG J 1015 27.21 -84.53 23.64
C ARG J 1015 28.64 -84.06 23.84
N VAL J 1016 29.23 -84.32 25.02
CA VAL J 1016 30.61 -83.94 25.27
C VAL J 1016 31.57 -84.81 24.46
N GLU J 1017 31.28 -86.10 24.38
CA GLU J 1017 32.14 -87.00 23.61
C GLU J 1017 31.93 -86.84 22.10
N ASP J 1018 30.70 -86.52 21.68
CA ASP J 1018 30.44 -86.36 20.25
C ASP J 1018 31.04 -85.08 19.71
N LEU J 1019 31.04 -84.01 20.51
CA LEU J 1019 31.64 -82.76 20.07
C LEU J 1019 33.16 -82.84 20.04
N LYS J 1020 33.76 -83.58 20.98
CA LYS J 1020 35.21 -83.75 20.98
C LYS J 1020 35.66 -84.63 19.83
N TYR J 1021 34.87 -85.63 19.46
CA TYR J 1021 35.22 -86.47 18.32
C TYR J 1021 35.02 -85.74 17.00
N LEU J 1022 34.02 -84.85 16.92
CA LEU J 1022 33.81 -84.10 15.70
C LEU J 1022 34.86 -83.01 15.51
N LYS J 1023 35.31 -82.39 16.61
CA LYS J 1023 36.31 -81.35 16.51
C LYS J 1023 37.69 -81.92 16.21
N ASN J 1024 38.00 -83.12 16.73
CA ASN J 1024 39.28 -83.73 16.46
C ASN J 1024 39.37 -84.28 15.04
N LEU J 1025 38.25 -84.79 14.50
CA LEU J 1025 38.27 -85.34 13.16
C LEU J 1025 38.36 -84.24 12.10
N ILE J 1026 37.71 -83.10 12.35
CA ILE J 1026 37.74 -82.00 11.38
C ILE J 1026 39.12 -81.35 11.34
N ASN J 1027 39.75 -81.17 12.50
CA ASN J 1027 41.04 -80.51 12.56
C ASN J 1027 42.19 -81.41 12.09
N SER J 1028 41.99 -82.73 12.08
CA SER J 1028 43.06 -83.64 11.69
C SER J 1028 43.29 -83.64 10.18
N ASN J 1029 42.21 -83.65 9.39
CA ASN J 1029 42.32 -83.79 7.94
C ASN J 1029 41.84 -82.58 7.16
N TYR J 1030 41.07 -81.69 7.77
CA TYR J 1030 40.52 -80.52 7.10
C TYR J 1030 40.83 -79.25 7.89
N LYS J 1031 42.08 -79.14 8.33
CA LYS J 1031 42.48 -77.95 9.08
C LYS J 1031 42.61 -76.73 8.18
N ASP J 1032 43.04 -76.91 6.93
CA ASP J 1032 43.17 -75.79 6.01
C ASP J 1032 41.81 -75.28 5.55
N ASP J 1033 40.87 -76.18 5.30
CA ASP J 1033 39.55 -75.80 4.85
C ASP J 1033 38.50 -76.74 5.41
N PRO J 1034 37.64 -76.27 6.32
CA PRO J 1034 36.61 -77.15 6.90
C PRO J 1034 35.44 -77.43 5.96
N LEU J 1035 35.31 -76.70 4.85
CA LEU J 1035 34.23 -76.91 3.91
C LEU J 1035 34.46 -78.10 2.99
N LYS J 1036 35.66 -78.67 2.98
CA LYS J 1036 36.00 -79.80 2.12
C LYS J 1036 35.84 -81.14 2.85
N PHE J 1037 35.08 -81.16 3.94
CA PHE J 1037 34.86 -82.40 4.68
C PHE J 1037 33.88 -83.29 3.91
N SER J 1038 34.22 -84.58 3.81
CA SER J 1038 33.40 -85.54 3.10
C SER J 1038 33.17 -86.77 3.98
N LEU J 1039 32.01 -87.39 3.82
CA LEU J 1039 31.67 -88.57 4.61
C LEU J 1039 32.41 -89.82 4.14
N GLY J 1040 32.92 -89.82 2.91
CA GLY J 1040 33.65 -90.97 2.40
C GLY J 1040 32.74 -92.10 1.98
N ASN J 1041 33.11 -93.33 2.37
CA ASN J 1041 32.35 -94.52 2.02
C ASN J 1041 31.22 -94.83 2.99
N ASN J 1042 31.05 -94.01 4.03
CA ASN J 1042 29.99 -94.23 5.00
C ASN J 1042 28.65 -93.79 4.41
N THR J 1043 27.70 -94.72 4.36
CA THR J 1043 26.37 -94.44 3.82
C THR J 1043 25.36 -94.41 4.94
N PRO J 1044 24.78 -93.26 5.27
CA PRO J 1044 23.78 -93.19 6.34
C PRO J 1044 22.40 -93.62 5.83
N LYS J 1045 21.41 -93.50 6.70
CA LYS J 1045 20.05 -93.86 6.35
C LYS J 1045 19.46 -92.84 5.38
N PRO J 1046 18.55 -93.26 4.51
CA PRO J 1046 17.96 -92.32 3.55
C PRO J 1046 16.98 -91.37 4.22
N VAL J 1047 16.93 -90.15 3.68
CA VAL J 1047 16.06 -89.11 4.20
C VAL J 1047 15.12 -88.65 3.08
N GLN J 1048 14.76 -89.56 2.18
CA GLN J 1048 13.94 -89.24 1.02
C GLN J 1048 12.49 -88.94 1.36
N ASN J 1049 12.04 -89.22 2.60
CA ASN J 1049 10.68 -88.93 2.99
C ASN J 1049 10.46 -87.47 3.39
N TRP J 1050 11.53 -86.69 3.49
CA TRP J 1050 11.41 -85.28 3.84
C TRP J 1050 10.90 -84.46 2.66
N SER J 1051 10.44 -83.25 2.96
CA SER J 1051 9.93 -82.37 1.92
C SER J 1051 11.05 -81.78 1.07
N SER J 1052 12.26 -81.70 1.61
CA SER J 1052 13.40 -81.17 0.89
C SER J 1052 14.30 -82.30 0.41
N ASN J 1053 15.03 -82.05 -0.67
CA ASN J 1053 15.94 -83.03 -1.25
C ASN J 1053 17.18 -83.11 -0.37
N TRP J 1054 17.26 -84.14 0.46
CA TRP J 1054 18.37 -84.34 1.37
C TRP J 1054 19.26 -85.45 0.83
N THR J 1055 20.56 -85.16 0.69
CA THR J 1055 21.51 -86.14 0.18
C THR J 1055 22.73 -86.25 1.09
N LYS J 1056 23.76 -86.95 0.63
CA LYS J 1056 24.97 -87.08 1.42
C LYS J 1056 25.76 -85.77 1.45
N GLU J 1057 25.59 -84.93 0.43
CA GLU J 1057 26.23 -83.62 0.44
C GLU J 1057 25.61 -82.70 1.48
N GLU J 1058 24.29 -82.80 1.67
CA GLU J 1058 23.61 -82.01 2.69
C GLU J 1058 23.92 -82.49 4.10
N ASP J 1059 24.29 -83.76 4.26
CA ASP J 1059 24.66 -84.27 5.58
C ASP J 1059 26.00 -83.73 6.03
N GLU J 1060 26.93 -83.54 5.10
CA GLU J 1060 28.24 -82.98 5.45
C GLU J 1060 28.14 -81.49 5.75
N LYS J 1061 27.21 -80.79 5.11
CA LYS J 1061 27.03 -79.36 5.37
C LYS J 1061 26.42 -79.12 6.76
N LEU J 1062 25.54 -80.02 7.22
CA LEU J 1062 24.97 -79.87 8.55
C LEU J 1062 26.00 -80.20 9.63
N LEU J 1063 26.89 -81.17 9.37
CA LEU J 1063 27.92 -81.51 10.34
C LEU J 1063 29.02 -80.45 10.39
N ILE J 1064 29.26 -79.76 9.28
CA ILE J 1064 30.25 -78.68 9.28
C ILE J 1064 29.75 -77.50 10.10
N GLY J 1065 28.46 -77.19 10.02
CA GLY J 1065 27.89 -76.10 10.80
C GLY J 1065 27.76 -76.40 12.28
N VAL J 1066 27.75 -77.69 12.65
CA VAL J 1066 27.69 -78.05 14.06
C VAL J 1066 29.00 -77.69 14.76
N PHE J 1067 30.13 -77.87 14.07
CA PHE J 1067 31.43 -77.53 14.64
C PHE J 1067 31.73 -76.04 14.55
N LYS J 1068 30.94 -75.27 13.81
CA LYS J 1068 31.17 -73.84 13.64
C LYS J 1068 30.15 -72.99 14.40
N TYR J 1069 28.86 -73.31 14.28
CA TYR J 1069 27.82 -72.54 14.93
C TYR J 1069 27.31 -73.18 16.22
N GLY J 1070 27.45 -74.49 16.38
CA GLY J 1070 27.00 -75.16 17.57
C GLY J 1070 25.75 -75.99 17.31
N TYR J 1071 25.57 -77.01 18.14
CA TYR J 1071 24.42 -77.90 18.01
C TYR J 1071 23.16 -77.21 18.53
N GLY J 1072 22.06 -77.37 17.78
CA GLY J 1072 20.80 -76.77 18.13
C GLY J 1072 20.60 -75.36 17.61
N SER J 1073 21.63 -74.75 17.01
CA SER J 1073 21.51 -73.40 16.45
C SER J 1073 20.99 -73.50 15.01
N TRP J 1074 19.68 -73.72 14.92
CA TRP J 1074 19.04 -73.87 13.62
C TRP J 1074 18.94 -72.55 12.87
N THR J 1075 18.82 -71.44 13.61
CA THR J 1075 18.78 -70.14 12.96
C THR J 1075 20.14 -69.75 12.39
N GLN J 1076 21.22 -70.05 13.12
CA GLN J 1076 22.56 -69.72 12.64
C GLN J 1076 22.99 -70.65 11.52
N ILE J 1077 22.55 -71.91 11.53
CA ILE J 1077 22.89 -72.84 10.47
C ILE J 1077 22.17 -72.48 9.18
N ARG J 1078 20.91 -72.07 9.27
CA ARG J 1078 20.14 -71.71 8.09
C ARG J 1078 20.60 -70.38 7.51
N ASP J 1079 21.05 -69.46 8.36
CA ASP J 1079 21.55 -68.16 7.88
C ASP J 1079 22.98 -68.24 7.37
N ASP J 1080 23.71 -69.30 7.66
CA ASP J 1080 25.06 -69.45 7.14
C ASP J 1080 25.00 -69.89 5.68
N PRO J 1081 25.26 -69.00 4.74
CA PRO J 1081 25.18 -69.36 3.32
C PRO J 1081 26.44 -69.97 2.73
N PHE J 1082 27.48 -70.20 3.55
CA PHE J 1082 28.66 -70.89 3.06
C PHE J 1082 28.36 -72.37 2.79
N LEU J 1083 27.55 -73.00 3.65
CA LEU J 1083 27.16 -74.38 3.42
C LEU J 1083 26.12 -74.52 2.33
N GLY J 1084 25.37 -73.46 2.03
CA GLY J 1084 24.35 -73.50 1.00
C GLY J 1084 23.16 -74.39 1.32
N ILE J 1085 22.70 -74.37 2.58
CA ILE J 1085 21.57 -75.18 2.99
C ILE J 1085 20.48 -74.27 3.54
N THR J 1086 20.40 -73.04 3.01
CA THR J 1086 19.40 -72.09 3.48
C THR J 1086 18.00 -72.49 3.04
N ASP J 1087 17.86 -73.06 1.84
CA ASP J 1087 16.57 -73.47 1.31
C ASP J 1087 16.24 -74.93 1.63
N LYS J 1088 17.13 -75.66 2.29
CA LYS J 1088 16.91 -77.06 2.63
C LYS J 1088 16.40 -77.26 4.04
N ILE J 1089 16.19 -76.19 4.80
CA ILE J 1089 15.73 -76.28 6.18
C ILE J 1089 14.57 -75.31 6.38
N PHE J 1090 13.51 -75.79 7.03
CA PHE J 1090 12.34 -74.99 7.32
C PHE J 1090 12.18 -74.87 8.83
N LEU J 1091 11.98 -73.66 9.32
CA LEU J 1091 11.80 -73.41 10.74
C LEU J 1091 10.76 -72.33 11.00
N LYS J 1124 4.25 -77.83 8.24
CA LYS J 1124 3.95 -79.00 7.42
C LYS J 1124 5.14 -79.39 6.56
N LYS J 1125 6.23 -78.64 6.70
CA LYS J 1125 7.44 -78.88 5.93
C LYS J 1125 8.44 -79.70 6.73
N VAL J 1126 9.20 -80.53 6.03
CA VAL J 1126 10.19 -81.40 6.65
C VAL J 1126 11.54 -81.18 5.97
N PRO J 1127 12.66 -81.26 6.70
CA PRO J 1127 12.83 -81.49 8.14
C PRO J 1127 12.64 -80.22 8.96
N GLY J 1128 12.26 -80.36 10.23
CA GLY J 1128 12.09 -79.24 11.13
C GLY J 1128 13.23 -79.12 12.13
N ALA J 1129 12.93 -78.46 13.25
CA ALA J 1129 13.93 -78.31 14.30
C ALA J 1129 14.14 -79.61 15.06
N ILE J 1130 13.06 -80.36 15.32
CA ILE J 1130 13.17 -81.64 16.00
C ILE J 1130 13.83 -82.68 15.12
N HIS J 1131 13.53 -82.65 13.81
CA HIS J 1131 14.13 -83.60 12.88
C HIS J 1131 15.61 -83.31 12.66
N LEU J 1132 16.03 -82.05 12.77
CA LEU J 1132 17.44 -81.71 12.63
C LEU J 1132 18.24 -82.18 13.85
N GLY J 1133 17.65 -82.12 15.04
CA GLY J 1133 18.33 -82.58 16.23
C GLY J 1133 18.54 -84.09 16.25
N ARG J 1134 17.56 -84.84 15.76
CA ARG J 1134 17.68 -86.30 15.73
CA ARG J 1134 17.68 -86.30 15.73
C ARG J 1134 18.70 -86.76 14.70
N ARG J 1135 18.82 -86.06 13.58
CA ARG J 1135 19.78 -86.45 12.55
C ARG J 1135 21.21 -86.12 12.97
N VAL J 1136 21.39 -85.12 13.84
CA VAL J 1136 22.73 -84.78 14.31
C VAL J 1136 23.27 -85.85 15.24
N ASP J 1137 22.43 -86.38 16.13
CA ASP J 1137 22.86 -87.41 17.06
C ASP J 1137 23.06 -88.75 16.36
N TYR J 1138 22.24 -89.06 15.36
CA TYR J 1138 22.36 -90.32 14.65
C TYR J 1138 23.59 -90.34 13.74
N LEU J 1139 24.01 -89.19 13.23
CA LEU J 1139 25.19 -89.14 12.39
C LEU J 1139 26.47 -89.30 13.20
N LEU J 1140 26.51 -88.70 14.40
CA LEU J 1140 27.70 -88.83 15.24
C LEU J 1140 27.82 -90.21 15.85
N SER J 1141 26.70 -90.85 16.18
CA SER J 1141 26.74 -92.20 16.74
C SER J 1141 27.11 -93.23 15.70
N PHE J 1142 26.72 -93.01 14.44
CA PHE J 1142 27.08 -93.95 13.38
C PHE J 1142 28.55 -93.86 13.03
N LEU J 1143 29.12 -92.65 13.05
CA LEU J 1143 30.54 -92.49 12.76
C LEU J 1143 31.41 -92.99 13.90
N ARG J 1144 30.95 -92.83 15.14
CA ARG J 1144 31.71 -93.28 16.30
C ARG J 1144 31.40 -94.73 16.63
#